data_4PCJ
# 
_entry.id   4PCJ 
# 
_audit_conform.dict_name       mmcif_pdbx.dic 
_audit_conform.dict_version    5.379 
_audit_conform.dict_location   http://mmcif.pdb.org/dictionaries/ascii/mmcif_pdbx.dic 
# 
loop_
_database_2.database_id 
_database_2.database_code 
_database_2.pdbx_database_accession 
_database_2.pdbx_DOI 
PDB   4PCJ         pdb_00004pcj 10.2210/pdb4pcj/pdb 
WWPDB D_1000201143 ?            ?                   
# 
_pdbx_database_related.db_name        PDB 
_pdbx_database_related.details        '4FNJ is the native structure with no pseudouridine substitutions.' 
_pdbx_database_related.db_id          4FNJ 
_pdbx_database_related.content_type   unspecified 
# 
_pdbx_database_status.status_code                     REL 
_pdbx_database_status.status_code_sf                  REL 
_pdbx_database_status.status_code_mr                  . 
_pdbx_database_status.entry_id                        4PCJ 
_pdbx_database_status.recvd_initial_deposition_date   2014-04-15 
_pdbx_database_status.SG_entry                        N 
_pdbx_database_status.deposit_site                    RCSB 
_pdbx_database_status.process_site                    RCSB 
_pdbx_database_status.status_code_cs                  . 
_pdbx_database_status.methods_development_category    . 
_pdbx_database_status.pdb_format_compatible           Y 
_pdbx_database_status.status_code_nmr_data            ? 
# 
loop_
_audit_author.name 
_audit_author.pdbx_ordinal 
'Coonrod, L.A.'  1 
'Reister, E.E.'  2 
'Berglund, J.A.' 3 
# 
_citation.abstract                  . 
_citation.abstract_id_CAS           . 
_citation.book_id_ISBN              . 
_citation.book_publisher            ? 
_citation.book_publisher_city       . 
_citation.book_title                . 
_citation.coordinate_linkage        . 
_citation.country                   UK 
_citation.database_id_Medline       . 
_citation.details                   . 
_citation.id                        primary 
_citation.journal_abbrev            'Nucleic Acids Res.' 
_citation.journal_id_ASTM           NARHAD 
_citation.journal_id_CSD            0389 
_citation.journal_id_ISSN           1362-4962 
_citation.journal_full              . 
_citation.journal_issue             . 
_citation.journal_volume            42 
_citation.language                  . 
_citation.page_first                12768 
_citation.page_last                 12778 
_citation.title                     
;Modifications to toxic CUG RNAs induce structural stability, rescue mis-splicing in a myotonic dystrophy cell model and reduce toxicity in a myotonic dystrophy zebrafish model.
;
_citation.year                      2014 
_citation.database_id_CSD           . 
_citation.pdbx_database_id_DOI      10.1093/nar/gku941 
_citation.pdbx_database_id_PubMed   25303993 
_citation.unpublished_flag          . 
# 
loop_
_citation_author.citation_id 
_citation_author.name 
_citation_author.ordinal 
_citation_author.identifier_ORCID 
primary 'deLorimier, E.' 1 ? 
primary 'Coonrod, L.A.'  2 ? 
primary 'Copperman, J.'  3 ? 
primary 'Taber, A.'      4 ? 
primary 'Reister, E.E.'  5 ? 
primary 'Sharma, K.'     6 ? 
primary 'Todd, P.K.'     7 ? 
primary 'Guenza, M.G.'   8 ? 
primary 'Berglund, J.A.' 9 ? 
# 
_cell.entry_id           4PCJ 
_cell.length_a           69.705 
_cell.length_b           69.705 
_cell.length_c           67.797 
_cell.angle_alpha        90.00 
_cell.angle_beta         90.00 
_cell.angle_gamma        120.00 
_cell.Z_PDB              9 
_cell.pdbx_unique_axis   ? 
# 
_symmetry.entry_id                         4PCJ 
_symmetry.cell_setting                     . 
_symmetry.Int_Tables_number                146 
_symmetry.space_group_name_Hall            . 
_symmetry.space_group_name_H-M             'H 3' 
_symmetry.pdbx_full_space_group_name_H-M   . 
# 
loop_
_entity.id 
_entity.type 
_entity.src_method 
_entity.pdbx_description 
_entity.formula_weight 
_entity.pdbx_number_of_molecules 
_entity.pdbx_ec 
_entity.pdbx_mutation 
_entity.pdbx_fragment 
_entity.details 
1 polymer     syn "trCUG-3('5)"   11253.693 1  ? ? ? ? 
2 non-polymer syn 'MAGNESIUM ION' 24.305    5  ? ? ? ? 
3 water       nat water           18.015    65 ? ? ? ? 
# 
_entity_poly.entity_id                      1 
_entity_poly.type                           polyribonucleotide 
_entity_poly.nstd_linkage                   no 
_entity_poly.nstd_monomer                   yes 
_entity_poly.pdbx_seq_one_letter_code       'CUGC(PSU)GGCUAAGGCAUGAAAGUGCUAUGCCUGCUG' 
_entity_poly.pdbx_seq_one_letter_code_can   CUGCUGGCUAAGGCAUGAAAGUGCUAUGCCUGCUG 
_entity_poly.pdbx_strand_id                 A 
_entity_poly.pdbx_target_identifier         ? 
# 
loop_
_entity_poly_seq.entity_id 
_entity_poly_seq.num 
_entity_poly_seq.mon_id 
_entity_poly_seq.hetero 
1 1  C   n 
1 2  U   n 
1 3  G   n 
1 4  C   n 
1 5  PSU n 
1 6  G   n 
1 7  G   n 
1 8  C   n 
1 9  U   n 
1 10 A   n 
1 11 A   n 
1 12 G   n 
1 13 G   n 
1 14 C   n 
1 15 A   n 
1 16 U   n 
1 17 G   n 
1 18 A   n 
1 19 A   n 
1 20 A   n 
1 21 G   n 
1 22 U   n 
1 23 G   n 
1 24 C   n 
1 25 U   n 
1 26 A   n 
1 27 U   n 
1 28 G   n 
1 29 C   n 
1 30 C   n 
1 31 U   n 
1 32 G   n 
1 33 C   n 
1 34 U   n 
1 35 G   n 
# 
_pdbx_entity_src_syn.entity_id              1 
_pdbx_entity_src_syn.pdbx_src_id            1 
_pdbx_entity_src_syn.pdbx_alt_source_flag   sample 
_pdbx_entity_src_syn.pdbx_beg_seq_num       1 
_pdbx_entity_src_syn.pdbx_end_seq_num       35 
_pdbx_entity_src_syn.organism_scientific    'synthetic construct' 
_pdbx_entity_src_syn.organism_common_name   ? 
_pdbx_entity_src_syn.ncbi_taxonomy_id       32630 
_pdbx_entity_src_syn.details                ? 
# 
_struct_ref.id                         1 
_struct_ref.db_name                    PDB 
_struct_ref.db_code                    4PCJ 
_struct_ref.pdbx_db_accession          4PCJ 
_struct_ref.entity_id                  1 
_struct_ref.pdbx_seq_one_letter_code   ? 
_struct_ref.pdbx_align_begin           ? 
_struct_ref.pdbx_db_isoform            ? 
# 
_struct_ref_seq.align_id                      1 
_struct_ref_seq.ref_id                        1 
_struct_ref_seq.pdbx_PDB_id_code              4PCJ 
_struct_ref_seq.pdbx_strand_id                A 
_struct_ref_seq.seq_align_beg                 1 
_struct_ref_seq.pdbx_seq_align_beg_ins_code   ? 
_struct_ref_seq.seq_align_end                 35 
_struct_ref_seq.pdbx_seq_align_end_ins_code   ? 
_struct_ref_seq.pdbx_db_accession             4PCJ 
_struct_ref_seq.db_align_beg                  1 
_struct_ref_seq.pdbx_db_align_beg_ins_code    ? 
_struct_ref_seq.db_align_end                  35 
_struct_ref_seq.pdbx_db_align_end_ins_code    ? 
_struct_ref_seq.pdbx_auth_seq_align_beg       1 
_struct_ref_seq.pdbx_auth_seq_align_end       35 
# 
loop_
_chem_comp.id 
_chem_comp.type 
_chem_comp.mon_nstd_flag 
_chem_comp.name 
_chem_comp.pdbx_synonyms 
_chem_comp.formula 
_chem_comp.formula_weight 
A   'RNA linking' y "ADENOSINE-5'-MONOPHOSPHATE"     ? 'C10 H14 N5 O7 P' 347.221 
C   'RNA linking' y "CYTIDINE-5'-MONOPHOSPHATE"      ? 'C9 H14 N3 O8 P'  323.197 
G   'RNA linking' y "GUANOSINE-5'-MONOPHOSPHATE"     ? 'C10 H14 N5 O8 P' 363.221 
HOH non-polymer   . WATER                            ? 'H2 O'            18.015  
MG  non-polymer   . 'MAGNESIUM ION'                  ? 'Mg 2'            24.305  
PSU 'RNA linking' n "PSEUDOURIDINE-5'-MONOPHOSPHATE" ? 'C9 H13 N2 O9 P'  324.181 
U   'RNA linking' y "URIDINE-5'-MONOPHOSPHATE"       ? 'C9 H13 N2 O9 P'  324.181 
# 
_exptl.absorpt_coefficient_mu     . 
_exptl.absorpt_correction_T_max   . 
_exptl.absorpt_correction_T_min   . 
_exptl.absorpt_correction_type    . 
_exptl.absorpt_process_details    . 
_exptl.entry_id                   4PCJ 
_exptl.crystals_number            1 
_exptl.details                    . 
_exptl.method                     'X-RAY DIFFRACTION' 
_exptl.method_details             . 
# 
_exptl_crystal.colour                      . 
_exptl_crystal.density_diffrn              . 
_exptl_crystal.density_Matthews            2.82 
_exptl_crystal.density_method              . 
_exptl_crystal.density_percent_sol         56.33 
_exptl_crystal.description                 . 
_exptl_crystal.F_000                       . 
_exptl_crystal.id                          1 
_exptl_crystal.preparation                 . 
_exptl_crystal.size_max                    . 
_exptl_crystal.size_mid                    . 
_exptl_crystal.size_min                    . 
_exptl_crystal.size_rad                    . 
_exptl_crystal.colour_lustre               . 
_exptl_crystal.colour_modifier             . 
_exptl_crystal.colour_primary              . 
_exptl_crystal.density_meas                . 
_exptl_crystal.density_meas_esd            . 
_exptl_crystal.density_meas_gt             . 
_exptl_crystal.density_meas_lt             . 
_exptl_crystal.density_meas_temp           . 
_exptl_crystal.density_meas_temp_esd       . 
_exptl_crystal.density_meas_temp_gt        . 
_exptl_crystal.density_meas_temp_lt        . 
_exptl_crystal.pdbx_crystal_image_url      . 
_exptl_crystal.pdbx_crystal_image_format   . 
_exptl_crystal.pdbx_mosaicity              . 
_exptl_crystal.pdbx_mosaicity_esd          . 
# 
_exptl_crystal_grow.apparatus       . 
_exptl_crystal_grow.atmosphere      . 
_exptl_crystal_grow.crystal_id      1 
_exptl_crystal_grow.details         . 
_exptl_crystal_grow.method          'VAPOR DIFFUSION, HANGING DROP' 
_exptl_crystal_grow.method_ref      . 
_exptl_crystal_grow.pH              8.5 
_exptl_crystal_grow.pressure        . 
_exptl_crystal_grow.pressure_esd    . 
_exptl_crystal_grow.seeding         . 
_exptl_crystal_grow.seeding_ref     . 
_exptl_crystal_grow.temp            295 
_exptl_crystal_grow.temp_details    . 
_exptl_crystal_grow.temp_esd        . 
_exptl_crystal_grow.time            . 
_exptl_crystal_grow.pdbx_details    'MgSO4, Tris (pH 8.5), 1,6-hexanediol' 
_exptl_crystal_grow.pdbx_pH_range   . 
# 
_diffrn.ambient_environment    . 
_diffrn.ambient_temp           85 
_diffrn.ambient_temp_details   . 
_diffrn.ambient_temp_esd       . 
_diffrn.crystal_id             1 
_diffrn.crystal_support        . 
_diffrn.crystal_treatment      . 
_diffrn.details                . 
_diffrn.id                     1 
_diffrn.ambient_pressure       . 
_diffrn.ambient_pressure_esd   . 
_diffrn.ambient_pressure_gt    . 
_diffrn.ambient_pressure_lt    . 
_diffrn.ambient_temp_gt        . 
_diffrn.ambient_temp_lt        . 
# 
_diffrn_detector.details                      . 
_diffrn_detector.detector                     CCD 
_diffrn_detector.diffrn_id                    1 
_diffrn_detector.type                         'ADSC QUANTUM 315' 
_diffrn_detector.area_resol_mean              . 
_diffrn_detector.dtime                        . 
_diffrn_detector.pdbx_frames_total            . 
_diffrn_detector.pdbx_collection_time_total   . 
_diffrn_detector.pdbx_collection_date         2012-11-24 
# 
_diffrn_radiation.collimation                      . 
_diffrn_radiation.diffrn_id                        1 
_diffrn_radiation.filter_edge                      . 
_diffrn_radiation.inhomogeneity                    . 
_diffrn_radiation.monochromator                    . 
_diffrn_radiation.polarisn_norm                    . 
_diffrn_radiation.polarisn_ratio                   . 
_diffrn_radiation.probe                            . 
_diffrn_radiation.type                             . 
_diffrn_radiation.xray_symbol                      . 
_diffrn_radiation.wavelength_id                    1 
_diffrn_radiation.pdbx_monochromatic_or_laue_m_l   M 
_diffrn_radiation.pdbx_wavelength_list             . 
_diffrn_radiation.pdbx_wavelength                  . 
_diffrn_radiation.pdbx_diffrn_protocol             'SINGLE WAVELENGTH' 
_diffrn_radiation.pdbx_analyzer                    . 
_diffrn_radiation.pdbx_scattering_type             x-ray 
# 
_diffrn_radiation_wavelength.id           1 
_diffrn_radiation_wavelength.wavelength   0.97915 
_diffrn_radiation_wavelength.wt           1.0 
# 
_diffrn_source.current                     . 
_diffrn_source.details                     . 
_diffrn_source.diffrn_id                   1 
_diffrn_source.power                       . 
_diffrn_source.size                        . 
_diffrn_source.source                      SYNCHROTRON 
_diffrn_source.target                      . 
_diffrn_source.type                        'APS BEAMLINE 19-ID' 
_diffrn_source.voltage                     . 
_diffrn_source.take-off_angle              . 
_diffrn_source.pdbx_wavelength_list        0.97915 
_diffrn_source.pdbx_wavelength             . 
_diffrn_source.pdbx_synchrotron_beamline   19-ID 
_diffrn_source.pdbx_synchrotron_site       APS 
# 
_reflns.B_iso_Wilson_estimate            . 
_reflns.entry_id                         4PCJ 
_reflns.data_reduction_details           . 
_reflns.data_reduction_method            . 
_reflns.d_resolution_high                1.90 
_reflns.d_resolution_low                 22.60 
_reflns.details                          . 
_reflns.limit_h_max                      . 
_reflns.limit_h_min                      . 
_reflns.limit_k_max                      . 
_reflns.limit_k_min                      . 
_reflns.limit_l_max                      . 
_reflns.limit_l_min                      . 
_reflns.number_all                       . 
_reflns.number_obs                       9697 
_reflns.observed_criterion               . 
_reflns.observed_criterion_F_max         . 
_reflns.observed_criterion_F_min         . 
_reflns.observed_criterion_I_max         . 
_reflns.observed_criterion_I_min         . 
_reflns.observed_criterion_sigma_F       . 
_reflns.observed_criterion_sigma_I       . 
_reflns.percent_possible_obs             96.9 
_reflns.R_free_details                   . 
_reflns.Rmerge_F_all                     . 
_reflns.Rmerge_F_obs                     . 
_reflns.Friedel_coverage                 . 
_reflns.number_gt                        . 
_reflns.threshold_expression             . 
_reflns.pdbx_redundancy                  5.0 
_reflns.pdbx_Rmerge_I_obs                0.051 
_reflns.pdbx_Rmerge_I_all                . 
_reflns.pdbx_Rsym_value                  . 
_reflns.pdbx_netI_over_av_sigmaI         . 
_reflns.pdbx_netI_over_sigmaI            22.7 
_reflns.pdbx_res_netI_over_av_sigmaI_2   . 
_reflns.pdbx_res_netI_over_sigmaI_2      . 
_reflns.pdbx_chi_squared                 . 
_reflns.pdbx_scaling_rejects             . 
_reflns.pdbx_d_res_high_opt              . 
_reflns.pdbx_d_res_low_opt               . 
_reflns.pdbx_d_res_opt_method            . 
_reflns.phase_calculation_details        . 
_reflns.pdbx_Rrim_I_all                  . 
_reflns.pdbx_Rpim_I_all                  . 
_reflns.pdbx_d_opt                       . 
_reflns.pdbx_number_measured_all         . 
_reflns.pdbx_diffrn_id                   1 
_reflns.pdbx_ordinal                     1 
# 
_reflns_shell.d_res_high                  1.90 
_reflns_shell.d_res_low                   1.93 
_reflns_shell.meanI_over_sigI_all         . 
_reflns_shell.meanI_over_sigI_obs         2.4 
_reflns_shell.number_measured_all         . 
_reflns_shell.number_measured_obs         . 
_reflns_shell.number_possible             . 
_reflns_shell.number_unique_all           . 
_reflns_shell.number_unique_obs           . 
_reflns_shell.percent_possible_all        89.6 
_reflns_shell.percent_possible_obs        . 
_reflns_shell.Rmerge_F_all                . 
_reflns_shell.Rmerge_F_obs                . 
_reflns_shell.Rmerge_I_all                . 
_reflns_shell.Rmerge_I_obs                0.44 
_reflns_shell.meanI_over_sigI_gt          . 
_reflns_shell.meanI_over_uI_all           . 
_reflns_shell.meanI_over_uI_gt            . 
_reflns_shell.number_measured_gt          . 
_reflns_shell.number_unique_gt            . 
_reflns_shell.percent_possible_gt         . 
_reflns_shell.Rmerge_F_gt                 . 
_reflns_shell.Rmerge_I_gt                 . 
_reflns_shell.pdbx_redundancy             . 
_reflns_shell.pdbx_Rsym_value             . 
_reflns_shell.pdbx_chi_squared            . 
_reflns_shell.pdbx_netI_over_sigmaI_all   . 
_reflns_shell.pdbx_netI_over_sigmaI_obs   . 
_reflns_shell.pdbx_Rrim_I_all             . 
_reflns_shell.pdbx_Rpim_I_all             . 
_reflns_shell.pdbx_rejects                . 
_reflns_shell.pdbx_ordinal                1 
_reflns_shell.pdbx_diffrn_id              1 
# 
_refine.aniso_B[1][1]                            0.00 
_refine.aniso_B[1][2]                            0.00 
_refine.aniso_B[1][3]                            -0.00 
_refine.aniso_B[2][2]                            0.00 
_refine.aniso_B[2][3]                            0.00 
_refine.aniso_B[3][3]                            -0.00 
_refine.B_iso_max                                . 
_refine.B_iso_mean                               49.318 
_refine.B_iso_min                                . 
_refine.correlation_coeff_Fo_to_Fc               0.973 
_refine.correlation_coeff_Fo_to_Fc_free          0.950 
_refine.details                                  'HYDROGENS HAVE BEEN ADDED IN THE RIDING POSITIONS' 
_refine.diff_density_max                         . 
_refine.diff_density_max_esd                     . 
_refine.diff_density_min                         . 
_refine.diff_density_min_esd                     . 
_refine.diff_density_rms                         . 
_refine.diff_density_rms_esd                     . 
_refine.entry_id                                 4PCJ 
_refine.pdbx_refine_id                           'X-RAY DIFFRACTION' 
_refine.ls_abs_structure_details                 . 
_refine.ls_abs_structure_Flack                   . 
_refine.ls_abs_structure_Flack_esd               . 
_refine.ls_abs_structure_Rogers                  . 
_refine.ls_abs_structure_Rogers_esd              . 
_refine.ls_d_res_high                            1.90 
_refine.ls_d_res_low                             22.60 
_refine.ls_extinction_coef                       . 
_refine.ls_extinction_coef_esd                   . 
_refine.ls_extinction_expression                 . 
_refine.ls_extinction_method                     . 
_refine.ls_goodness_of_fit_all                   . 
_refine.ls_goodness_of_fit_all_esd               . 
_refine.ls_goodness_of_fit_obs                   . 
_refine.ls_goodness_of_fit_obs_esd               . 
_refine.ls_hydrogen_treatment                    . 
_refine.ls_matrix_type                           . 
_refine.ls_number_constraints                    . 
_refine.ls_number_parameters                     . 
_refine.ls_number_reflns_all                     . 
_refine.ls_number_reflns_obs                     8941 
_refine.ls_number_reflns_R_free                  452 
_refine.ls_number_reflns_R_work                  . 
_refine.ls_number_restraints                     . 
_refine.ls_percent_reflns_obs                    96.89 
_refine.ls_percent_reflns_R_free                 4.8 
_refine.ls_R_factor_all                          . 
_refine.ls_R_factor_obs                          0.19963 
_refine.ls_R_factor_R_free                       0.26770 
_refine.ls_R_factor_R_free_error                 . 
_refine.ls_R_factor_R_free_error_details         . 
_refine.ls_R_factor_R_work                       0.19647 
_refine.ls_R_Fsqd_factor_obs                     . 
_refine.ls_R_I_factor_obs                        . 
_refine.ls_redundancy_reflns_all                 . 
_refine.ls_redundancy_reflns_obs                 . 
_refine.ls_restrained_S_all                      . 
_refine.ls_restrained_S_obs                      . 
_refine.ls_shift_over_esd_max                    . 
_refine.ls_shift_over_esd_mean                   . 
_refine.ls_structure_factor_coef                 . 
_refine.ls_weighting_details                     . 
_refine.ls_weighting_scheme                      . 
_refine.ls_wR_factor_all                         . 
_refine.ls_wR_factor_obs                         . 
_refine.ls_wR_factor_R_free                      . 
_refine.ls_wR_factor_R_work                      . 
_refine.occupancy_max                            . 
_refine.occupancy_min                            . 
_refine.overall_SU_B                             4.417 
_refine.overall_SU_ML                            0.121 
_refine.overall_SU_R_Cruickshank_DPI             . 
_refine.overall_SU_R_free                        . 
_refine.overall_FOM_free_R_set                   . 
_refine.overall_FOM_work_R_set                   . 
_refine.solvent_model_details                    MASK 
_refine.solvent_model_param_bsol                 . 
_refine.solvent_model_param_ksol                 . 
_refine.ls_R_factor_gt                           . 
_refine.ls_goodness_of_fit_gt                    . 
_refine.ls_goodness_of_fit_ref                   . 
_refine.ls_shift_over_su_max                     . 
_refine.ls_shift_over_su_max_lt                  . 
_refine.ls_shift_over_su_mean                    . 
_refine.ls_shift_over_su_mean_lt                 . 
_refine.pdbx_ls_sigma_I                          . 
_refine.pdbx_ls_sigma_F                          . 
_refine.pdbx_ls_sigma_Fsqd                       . 
_refine.pdbx_data_cutoff_high_absF               . 
_refine.pdbx_data_cutoff_high_rms_absF           . 
_refine.pdbx_data_cutoff_low_absF                . 
_refine.pdbx_isotropic_thermal_model             . 
_refine.pdbx_ls_cross_valid_method               THROUGHOUT 
_refine.pdbx_method_to_determine_struct          'MOLECULAR REPLACEMENT' 
_refine.pdbx_starting_model                      4FNJ 
_refine.pdbx_stereochemistry_target_values       'MAXIMUM LIKELIHOOD' 
_refine.pdbx_R_Free_selection_details            RANDOM 
_refine.pdbx_stereochem_target_val_spec_case     . 
_refine.pdbx_overall_ESU_R                       0.145 
_refine.pdbx_overall_ESU_R_Free                  0.158 
_refine.pdbx_solvent_vdw_probe_radii             1.20 
_refine.pdbx_solvent_ion_probe_radii             0.80 
_refine.pdbx_solvent_shrinkage_radii             0.80 
_refine.pdbx_real_space_R                        . 
_refine.pdbx_density_correlation                 . 
_refine.pdbx_pd_number_of_powder_patterns        . 
_refine.pdbx_pd_number_of_points                 . 
_refine.pdbx_pd_meas_number_of_points            . 
_refine.pdbx_pd_proc_ls_prof_R_factor            . 
_refine.pdbx_pd_proc_ls_prof_wR_factor           . 
_refine.pdbx_pd_Marquardt_correlation_coeff      . 
_refine.pdbx_pd_Fsqrd_R_factor                   . 
_refine.pdbx_pd_ls_matrix_band_width             . 
_refine.pdbx_overall_phase_error                 . 
_refine.pdbx_overall_SU_R_free_Cruickshank_DPI   . 
_refine.pdbx_overall_SU_R_free_Blow_DPI          . 
_refine.pdbx_overall_SU_R_Blow_DPI               . 
_refine.pdbx_TLS_residual_ADP_flag               . 
_refine.pdbx_diffrn_id                           1 
# 
_refine_hist.pdbx_refine_id                   'X-RAY DIFFRACTION' 
_refine_hist.cycle_id                         1 
_refine_hist.pdbx_number_atoms_protein        0 
_refine_hist.pdbx_number_atoms_nucleic_acid   744 
_refine_hist.pdbx_number_atoms_ligand         5 
_refine_hist.number_atoms_solvent             65 
_refine_hist.number_atoms_total               814 
_refine_hist.d_res_high                       1.90 
_refine_hist.d_res_low                        22.60 
# 
loop_
_refine_ls_restr.pdbx_refine_id 
_refine_ls_restr.criterion 
_refine_ls_restr.dev_ideal 
_refine_ls_restr.dev_ideal_target 
_refine_ls_restr.number 
_refine_ls_restr.rejects 
_refine_ls_restr.type 
_refine_ls_restr.weight 
_refine_ls_restr.pdbx_restraint_function 
'X-RAY DIFFRACTION' . 0.010 0.011 831  . r_bond_refined_d             . . 
'X-RAY DIFFRACTION' . 0.002 0.020 342  . r_bond_other_d               . . 
'X-RAY DIFFRACTION' . 1.926 1.315 1294 . r_angle_refined_deg          . . 
'X-RAY DIFFRACTION' . 1.697 3.000 832  . r_angle_other_deg            . . 
'X-RAY DIFFRACTION' . .     .     .    . r_dihedral_angle_1_deg       . . 
'X-RAY DIFFRACTION' . .     .     .    . r_dihedral_angle_2_deg       . . 
'X-RAY DIFFRACTION' . .     .     .    . r_dihedral_angle_3_deg       . . 
'X-RAY DIFFRACTION' . .     .     .    . r_dihedral_angle_4_deg       . . 
'X-RAY DIFFRACTION' . 0.101 0.200 140  . r_chiral_restr               . . 
'X-RAY DIFFRACTION' . 0.022 0.020 412  . r_gen_planes_refined         . . 
'X-RAY DIFFRACTION' . 0.003 0.020 181  . r_gen_planes_other           . . 
'X-RAY DIFFRACTION' . .     .     .    . r_nbd_refined                . . 
'X-RAY DIFFRACTION' . .     .     .    . r_nbd_other                  . . 
'X-RAY DIFFRACTION' . .     .     .    . r_nbtor_refined              . . 
'X-RAY DIFFRACTION' . .     .     .    . r_nbtor_other                . . 
'X-RAY DIFFRACTION' . .     .     .    . r_xyhbond_nbd_refined        . . 
'X-RAY DIFFRACTION' . .     .     .    . r_xyhbond_nbd_other          . . 
'X-RAY DIFFRACTION' . .     .     .    . r_metal_ion_refined          . . 
'X-RAY DIFFRACTION' . .     .     .    . r_metal_ion_other            . . 
'X-RAY DIFFRACTION' . .     .     .    . r_symmetry_vdw_refined       . . 
'X-RAY DIFFRACTION' . .     .     .    . r_symmetry_vdw_other         . . 
'X-RAY DIFFRACTION' . .     .     .    . r_symmetry_hbond_refined     . . 
'X-RAY DIFFRACTION' . .     .     .    . r_symmetry_hbond_other       . . 
'X-RAY DIFFRACTION' . .     .     .    . r_symmetry_metal_ion_refined . . 
'X-RAY DIFFRACTION' . .     .     .    . r_symmetry_metal_ion_other   . . 
'X-RAY DIFFRACTION' . .     .     .    . r_mcbond_it                  . . 
'X-RAY DIFFRACTION' . .     .     .    . r_mcbond_other               . . 
'X-RAY DIFFRACTION' . .     .     .    . r_mcangle_it                 . . 
'X-RAY DIFFRACTION' . .     .     .    . r_mcangle_other              . . 
'X-RAY DIFFRACTION' . .     .     .    . r_scbond_it                  . . 
'X-RAY DIFFRACTION' . .     .     .    . r_scbond_other               . . 
'X-RAY DIFFRACTION' . .     .     .    . r_scangle_it                 . . 
'X-RAY DIFFRACTION' . .     .     .    . r_scangle_other              . . 
'X-RAY DIFFRACTION' . .     .     .    . r_long_range_B_refined       . . 
'X-RAY DIFFRACTION' . .     .     .    . r_long_range_B_other         . . 
'X-RAY DIFFRACTION' . .     .     .    . r_rigid_bond_restr           . . 
'X-RAY DIFFRACTION' . .     .     .    . r_sphericity_free            . . 
'X-RAY DIFFRACTION' . .     .     .    . r_sphericity_bonded          . . 
# 
_refine_ls_shell.pdbx_refine_id                   'X-RAY DIFFRACTION' 
_refine_ls_shell.d_res_high                       1.900 
_refine_ls_shell.d_res_low                        1.949 
_refine_ls_shell.number_reflns_all                . 
_refine_ls_shell.number_reflns_obs                . 
_refine_ls_shell.number_reflns_R_free             41 
_refine_ls_shell.number_reflns_R_work             606 
_refine_ls_shell.percent_reflns_obs               89.61 
_refine_ls_shell.percent_reflns_R_free            . 
_refine_ls_shell.R_factor_all                     . 
_refine_ls_shell.R_factor_obs                     . 
_refine_ls_shell.R_factor_R_free                  0.448 
_refine_ls_shell.R_factor_R_free_error            . 
_refine_ls_shell.R_factor_R_work                  0.325 
_refine_ls_shell.redundancy_reflns_all            . 
_refine_ls_shell.redundancy_reflns_obs            . 
_refine_ls_shell.wR_factor_all                    . 
_refine_ls_shell.wR_factor_obs                    . 
_refine_ls_shell.wR_factor_R_free                 . 
_refine_ls_shell.wR_factor_R_work                 . 
_refine_ls_shell.pdbx_total_number_of_bins_used   20 
_refine_ls_shell.pdbx_phase_error                 . 
# 
_struct.entry_id                     4PCJ 
_struct.title                        
'Modifications to toxic CUG RNAs induce structural stability and rescue mis-splicing in Myotonic Dystrophy' 
_struct.pdbx_model_details           . 
_struct.pdbx_formula_weight          . 
_struct.pdbx_formula_weight_method   . 
_struct.pdbx_model_type_details      . 
_struct.pdbx_CASP_flag               . 
# 
_struct_keywords.entry_id        4PCJ 
_struct_keywords.text            'pseudoU, CUG repeats, tetraloop receptor, RNA' 
_struct_keywords.pdbx_keywords   RNA 
# 
loop_
_struct_asym.id 
_struct_asym.pdbx_blank_PDB_chainid_flag 
_struct_asym.pdbx_modified 
_struct_asym.entity_id 
_struct_asym.details 
A N N 1 ? 
B N N 2 ? 
C N N 2 ? 
D N N 2 ? 
E N N 2 ? 
F N N 2 ? 
G N N 3 ? 
# 
loop_
_struct_conn.id 
_struct_conn.conn_type_id 
_struct_conn.pdbx_leaving_atom_flag 
_struct_conn.pdbx_PDB_id 
_struct_conn.ptnr1_label_asym_id 
_struct_conn.ptnr1_label_comp_id 
_struct_conn.ptnr1_label_seq_id 
_struct_conn.ptnr1_label_atom_id 
_struct_conn.pdbx_ptnr1_label_alt_id 
_struct_conn.pdbx_ptnr1_PDB_ins_code 
_struct_conn.pdbx_ptnr1_standard_comp_id 
_struct_conn.ptnr1_symmetry 
_struct_conn.ptnr2_label_asym_id 
_struct_conn.ptnr2_label_comp_id 
_struct_conn.ptnr2_label_seq_id 
_struct_conn.ptnr2_label_atom_id 
_struct_conn.pdbx_ptnr2_label_alt_id 
_struct_conn.pdbx_ptnr2_PDB_ins_code 
_struct_conn.ptnr1_auth_asym_id 
_struct_conn.ptnr1_auth_comp_id 
_struct_conn.ptnr1_auth_seq_id 
_struct_conn.ptnr2_auth_asym_id 
_struct_conn.ptnr2_auth_comp_id 
_struct_conn.ptnr2_auth_seq_id 
_struct_conn.ptnr2_symmetry 
_struct_conn.pdbx_ptnr3_label_atom_id 
_struct_conn.pdbx_ptnr3_label_seq_id 
_struct_conn.pdbx_ptnr3_label_comp_id 
_struct_conn.pdbx_ptnr3_label_asym_id 
_struct_conn.pdbx_ptnr3_label_alt_id 
_struct_conn.pdbx_ptnr3_PDB_ins_code 
_struct_conn.details 
_struct_conn.pdbx_dist_value 
_struct_conn.pdbx_value_order 
_struct_conn.pdbx_role 
covale1  covale both ? A C   4  "O3'" ? ? ? 1_555 A PSU 5  P  ? ? A C   4   A PSU 5   1_555 ? ? ? ? ? ? ?                    1.602 
? ? 
covale2  covale both ? A PSU 5  "O3'" ? ? ? 1_555 A G   6  P  ? ? A PSU 5   A G   6   1_555 ? ? ? ? ? ? ?                    1.591 
? ? 
metalc1  metalc ?    ? A C   8  O2    ? ? ? 1_555 E MG  .  MG ? ? A C   8   A MG  104 1_555 ? ? ? ? ? ? ?                    2.997 
? ? 
metalc2  metalc ?    ? A A   10 "O2'" ? ? ? 1_555 B MG  .  MG ? ? A A   10  A MG  101 1_555 ? ? ? ? ? ? ?                    2.415 
? ? 
metalc3  metalc ?    ? A G   12 O6    ? ? ? 1_555 B MG  .  MG ? ? A G   12  A MG  101 1_555 ? ? ? ? ? ? ?                    2.688 
? ? 
metalc4  metalc ?    ? A A   20 "O2'" ? ? ? 1_555 E MG  .  MG ? ? A A   20  A MG  104 9_554 ? ? ? ? ? ? ?                    2.852 
? ? 
metalc5  metalc ?    ? A C   29 "O2'" ? ? ? 1_555 E MG  .  MG ? ? A C   29  A MG  104 1_555 ? ? ? ? ? ? ?                    2.929 
? ? 
metalc6  metalc ?    ? A C   29 O2    ? ? ? 1_555 E MG  .  MG ? ? A C   29  A MG  104 1_555 ? ? ? ? ? ? ?                    2.715 
? ? 
metalc7  metalc ?    ? C MG  .  MG    ? ? ? 1_555 G HOH .  O  ? ? A MG  102 A HOH 223 6_554 ? ? ? ? ? ? ?                    1.968 
? ? 
metalc8  metalc ?    ? C MG  .  MG    ? ? ? 1_555 G HOH .  O  ? ? A MG  102 A HOH 237 1_555 ? ? ? ? ? ? ?                    2.073 
? ? 
metalc9  metalc ?    ? C MG  .  MG    ? ? ? 1_555 G HOH .  O  ? ? A MG  102 A HOH 238 1_555 ? ? ? ? ? ? ?                    2.463 
? ? 
metalc10 metalc ?    ? C MG  .  MG    ? ? ? 1_555 G HOH .  O  ? ? A MG  102 A HOH 257 1_555 ? ? ? ? ? ? ?                    2.788 
? ? 
metalc11 metalc ?    ? D MG  .  MG    ? ? ? 1_555 G HOH .  O  ? ? A MG  103 A HOH 245 1_555 ? ? ? ? ? ? ?                    2.408 
? ? 
metalc12 metalc ?    ? D MG  .  MG    ? ? ? 1_555 G HOH .  O  ? ? A MG  103 A HOH 248 1_555 ? ? ? ? ? ? ?                    2.252 
? ? 
metalc13 metalc ?    ? D MG  .  MG    ? ? ? 1_555 G HOH .  O  ? ? A MG  103 A HOH 249 1_555 ? ? ? ? ? ? ?                    2.298 
? ? 
metalc14 metalc ?    ? D MG  .  MG    ? ? ? 1_555 G HOH .  O  ? ? A MG  103 A HOH 254 1_555 ? ? ? ? ? ? ?                    1.964 
? ? 
metalc15 metalc ?    ? E MG  .  MG    ? ? ? 1_555 G HOH .  O  ? ? A MG  104 A HOH 221 1_555 ? ? ? ? ? ? ?                    2.770 
? ? 
metalc16 metalc ?    ? F MG  .  MG    ? ? ? 1_555 G HOH .  O  ? ? A MG  105 A HOH 246 1_555 ? ? ? ? ? ? ?                    1.974 
? ? 
metalc17 metalc ?    ? F MG  .  MG    ? ? ? 1_555 G HOH .  O  ? ? A MG  105 A HOH 251 1_555 ? ? ? ? ? ? ?                    2.197 
? ? 
metalc18 metalc ?    ? F MG  .  MG    ? ? ? 1_555 G HOH .  O  ? ? A MG  105 A HOH 261 1_555 ? ? ? ? ? ? ?                    2.164 
? ? 
metalc19 metalc ?    ? F MG  .  MG    ? ? ? 1_555 G HOH .  O  ? ? A MG  105 A HOH 265 1_555 ? ? ? ? ? ? ?                    2.210 
? ? 
hydrog1  hydrog ?    ? A C   1  N3    ? ? ? 1_555 A G   35 N1 ? ? A C   1   A G   35  1_555 ? ? ? ? ? ? WATSON-CRICK         ?     
? ? 
hydrog2  hydrog ?    ? A C   1  N4    ? ? ? 1_555 A G   35 O6 ? ? A C   1   A G   35  1_555 ? ? ? ? ? ? WATSON-CRICK         ?     
? ? 
hydrog3  hydrog ?    ? A C   1  O2    ? ? ? 1_555 A G   35 N2 ? ? A C   1   A G   35  1_555 ? ? ? ? ? ? WATSON-CRICK         ?     
? ? 
hydrog4  hydrog ?    ? A U   2  N3    ? ? ? 1_555 A U   34 O2 ? ? A U   2   A U   34  1_555 ? ? ? ? ? ? TYPE_16_PAIR         ?     
? ? 
hydrog5  hydrog ?    ? A U   2  O4    ? ? ? 1_555 A U   34 N3 ? ? A U   2   A U   34  1_555 ? ? ? ? ? ? TYPE_16_PAIR         ?     
? ? 
hydrog6  hydrog ?    ? A G   3  N1    ? ? ? 1_555 A C   33 N3 ? ? A G   3   A C   33  1_555 ? ? ? ? ? ? WATSON-CRICK         ?     
? ? 
hydrog7  hydrog ?    ? A G   3  N2    ? ? ? 1_555 A C   33 O2 ? ? A G   3   A C   33  1_555 ? ? ? ? ? ? WATSON-CRICK         ?     
? ? 
hydrog8  hydrog ?    ? A G   3  O6    ? ? ? 1_555 A C   33 N4 ? ? A G   3   A C   33  1_555 ? ? ? ? ? ? WATSON-CRICK         ?     
? ? 
hydrog9  hydrog ?    ? A C   4  N3    ? ? ? 1_555 A G   32 N1 ? ? A C   4   A G   32  1_555 ? ? ? ? ? ? WATSON-CRICK         ?     
? ? 
hydrog10 hydrog ?    ? A C   4  N4    ? ? ? 1_555 A G   32 O6 ? ? A C   4   A G   32  1_555 ? ? ? ? ? ? WATSON-CRICK         ?     
? ? 
hydrog11 hydrog ?    ? A C   4  O2    ? ? ? 1_555 A G   32 N2 ? ? A C   4   A G   32  1_555 ? ? ? ? ? ? WATSON-CRICK         ?     
? ? 
hydrog12 hydrog ?    ? A PSU 5  O2    ? ? ? 1_555 A U   31 N3 ? ? A PSU 5   A U   31  1_555 ? ? ? ? ? ? 'PSU-U MISPAIR'      ?     
? ? 
hydrog13 hydrog ?    ? A G   6  N1    ? ? ? 1_555 A C   30 N3 ? ? A G   6   A C   30  1_555 ? ? ? ? ? ? WATSON-CRICK         ?     
? ? 
hydrog14 hydrog ?    ? A G   6  N2    ? ? ? 1_555 A C   30 O2 ? ? A G   6   A C   30  1_555 ? ? ? ? ? ? WATSON-CRICK         ?     
? ? 
hydrog15 hydrog ?    ? A G   6  O6    ? ? ? 1_555 A C   30 N4 ? ? A G   6   A C   30  1_555 ? ? ? ? ? ? WATSON-CRICK         ?     
? ? 
hydrog16 hydrog ?    ? A G   7  N1    ? ? ? 1_555 A C   29 N3 ? ? A G   7   A C   29  1_555 ? ? ? ? ? ? WATSON-CRICK         ?     
? ? 
hydrog17 hydrog ?    ? A G   7  N2    ? ? ? 1_555 A C   29 O2 ? ? A G   7   A C   29  1_555 ? ? ? ? ? ? WATSON-CRICK         ?     
? ? 
hydrog18 hydrog ?    ? A G   7  O6    ? ? ? 1_555 A C   29 N4 ? ? A G   7   A C   29  1_555 ? ? ? ? ? ? WATSON-CRICK         ?     
? ? 
hydrog19 hydrog ?    ? A C   8  N3    ? ? ? 1_555 A G   28 N1 ? ? A C   8   A G   28  1_555 ? ? ? ? ? ? WATSON-CRICK         ?     
? ? 
hydrog20 hydrog ?    ? A C   8  N4    ? ? ? 1_555 A G   28 O6 ? ? A C   8   A G   28  1_555 ? ? ? ? ? ? WATSON-CRICK         ?     
? ? 
hydrog21 hydrog ?    ? A C   8  O2    ? ? ? 1_555 A G   28 N2 ? ? A C   8   A G   28  1_555 ? ? ? ? ? ? WATSON-CRICK         ?     
? ? 
hydrog22 hydrog ?    ? A U   9  N3    ? ? ? 1_555 A A   26 N7 ? ? A U   9   A A   26  1_555 ? ? ? ? ? ? 'REVERSED HOOGSTEEN' ?     
? ? 
hydrog23 hydrog ?    ? A U   9  O2    ? ? ? 1_555 A A   26 N6 ? ? A U   9   A A   26  1_555 ? ? ? ? ? ? 'REVERSED HOOGSTEEN' ?     
? ? 
hydrog24 hydrog ?    ? A A   11 N1    ? ? ? 1_555 A U   27 N3 ? ? A A   11  A U   27  1_555 ? ? ? ? ? ? WATSON-CRICK         ?     
? ? 
hydrog25 hydrog ?    ? A A   11 N6    ? ? ? 1_555 A U   27 O4 ? ? A A   11  A U   27  1_555 ? ? ? ? ? ? WATSON-CRICK         ?     
? ? 
hydrog26 hydrog ?    ? A G   12 N1    ? ? ? 1_555 A U   25 O2 ? ? A G   12  A U   25  1_555 ? ? ? ? ? ? TYPE_28_PAIR         ?     
? ? 
hydrog27 hydrog ?    ? A G   12 O6    ? ? ? 1_555 A U   25 N3 ? ? A G   12  A U   25  1_555 ? ? ? ? ? ? TYPE_28_PAIR         ?     
? ? 
hydrog28 hydrog ?    ? A G   12 N2    ? ? ? 1_555 A U   27 O4 ? ? A G   12  A U   27  1_555 ? ? ? ? ? ? 'G-U MISPAIR'        ?     
? ? 
hydrog29 hydrog ?    ? A G   13 N1    ? ? ? 1_555 A C   24 N3 ? ? A G   13  A C   24  1_555 ? ? ? ? ? ? WATSON-CRICK         ?     
? ? 
hydrog30 hydrog ?    ? A G   13 N2    ? ? ? 1_555 A C   24 O2 ? ? A G   13  A C   24  1_555 ? ? ? ? ? ? WATSON-CRICK         ?     
? ? 
hydrog31 hydrog ?    ? A G   13 O6    ? ? ? 1_555 A C   24 N4 ? ? A G   13  A C   24  1_555 ? ? ? ? ? ? WATSON-CRICK         ?     
? ? 
hydrog32 hydrog ?    ? A C   14 N3    ? ? ? 1_555 A G   23 N1 ? ? A C   14  A G   23  1_555 ? ? ? ? ? ? WATSON-CRICK         ?     
? ? 
hydrog33 hydrog ?    ? A C   14 N4    ? ? ? 1_555 A G   23 O6 ? ? A C   14  A G   23  1_555 ? ? ? ? ? ? WATSON-CRICK         ?     
? ? 
hydrog34 hydrog ?    ? A C   14 O2    ? ? ? 1_555 A G   23 N2 ? ? A C   14  A G   23  1_555 ? ? ? ? ? ? WATSON-CRICK         ?     
? ? 
hydrog35 hydrog ?    ? A A   15 N1    ? ? ? 1_555 A U   22 N3 ? ? A A   15  A U   22  1_555 ? ? ? ? ? ? WATSON-CRICK         ?     
? ? 
hydrog36 hydrog ?    ? A A   15 N6    ? ? ? 1_555 A U   22 O4 ? ? A A   15  A U   22  1_555 ? ? ? ? ? ? WATSON-CRICK         ?     
? ? 
hydrog37 hydrog ?    ? A U   16 N3    ? ? ? 1_555 A G   21 O6 ? ? A U   16  A G   21  1_555 ? ? ? ? ? ? TYPE_28_PAIR         ?     
? ? 
hydrog38 hydrog ?    ? A U   16 O2    ? ? ? 1_555 A G   21 N1 ? ? A U   16  A G   21  1_555 ? ? ? ? ? ? TYPE_28_PAIR         ?     
? ? 
hydrog39 hydrog ?    ? A G   17 N2    ? ? ? 1_555 A A   20 N7 ? ? A G   17  A A   20  1_555 ? ? ? ? ? ? 'G-A MISPAIR'        ?     
? ? 
# 
loop_
_struct_conn_type.id 
_struct_conn_type.criteria 
_struct_conn_type.reference 
covale ? ? 
metalc ? ? 
hydrog ? ? 
# 
loop_
_struct_site.id 
_struct_site.pdbx_evidence_code 
_struct_site.pdbx_auth_asym_id 
_struct_site.pdbx_auth_comp_id 
_struct_site.pdbx_auth_seq_id 
_struct_site.pdbx_auth_ins_code 
_struct_site.pdbx_num_residues 
_struct_site.details 
AC1 Software A MG 101 ? 4 'binding site for residue MG A 101' 
AC2 Software A MG 102 ? 4 'binding site for residue MG A 102' 
AC3 Software A MG 103 ? 4 'binding site for residue MG A 103' 
AC4 Software A MG 104 ? 5 'binding site for residue MG A 104' 
AC5 Software A MG 105 ? 4 'binding site for residue MG A 105' 
# 
loop_
_struct_site_gen.id 
_struct_site_gen.site_id 
_struct_site_gen.pdbx_num_res 
_struct_site_gen.label_comp_id 
_struct_site_gen.label_asym_id 
_struct_site_gen.label_seq_id 
_struct_site_gen.pdbx_auth_ins_code 
_struct_site_gen.auth_comp_id 
_struct_site_gen.auth_asym_id 
_struct_site_gen.auth_seq_id 
_struct_site_gen.label_atom_id 
_struct_site_gen.label_alt_id 
_struct_site_gen.symmetry 
_struct_site_gen.details 
1  AC1 4 A   A 10 ? A   A 10  . ? 1_555 ? 
2  AC1 4 A   A 11 ? A   A 11  . ? 1_555 ? 
3  AC1 4 G   A 12 ? G   A 12  . ? 1_555 ? 
4  AC1 4 G   A 13 ? G   A 13  . ? 1_555 ? 
5  AC2 4 HOH G .  ? HOH A 223 . ? 6_554 ? 
6  AC2 4 HOH G .  ? HOH A 237 . ? 1_555 ? 
7  AC2 4 HOH G .  ? HOH A 238 . ? 1_555 ? 
8  AC2 4 HOH G .  ? HOH A 257 . ? 1_555 ? 
9  AC3 4 HOH G .  ? HOH A 245 . ? 1_555 ? 
10 AC3 4 HOH G .  ? HOH A 248 . ? 1_555 ? 
11 AC3 4 HOH G .  ? HOH A 249 . ? 1_555 ? 
12 AC3 4 HOH G .  ? HOH A 254 . ? 1_555 ? 
13 AC4 5 C   A 8  ? C   A 8   . ? 1_555 ? 
14 AC4 5 A   A 20 ? A   A 20  . ? 5_555 ? 
15 AC4 5 G   A 28 ? G   A 28  . ? 1_555 ? 
16 AC4 5 C   A 29 ? C   A 29  . ? 1_555 ? 
17 AC4 5 HOH G .  ? HOH A 221 . ? 1_555 ? 
18 AC5 4 HOH G .  ? HOH A 246 . ? 1_555 ? 
19 AC5 4 HOH G .  ? HOH A 251 . ? 1_555 ? 
20 AC5 4 HOH G .  ? HOH A 261 . ? 1_555 ? 
21 AC5 4 HOH G .  ? HOH A 265 . ? 1_555 ? 
# 
_atom_sites.entry_id                    4PCJ 
_atom_sites.fract_transf_matrix[1][1]   0.00827408 
_atom_sites.fract_transf_matrix[1][2]   -0.01429283 
_atom_sites.fract_transf_matrix[1][3]   0.00129251 
_atom_sites.fract_transf_matrix[2][1]   0.00401815 
_atom_sites.fract_transf_matrix[2][2]   -0.00850727 
_atom_sites.fract_transf_matrix[2][3]   -0.01363499 
_atom_sites.fract_transf_matrix[3][1]   0.01277774 
_atom_sites.fract_transf_matrix[3][2]   0.00732427 
_atom_sites.fract_transf_matrix[3][3]   -0.00080430 
_atom_sites.fract_transf_vector[1]      0.236551 
_atom_sites.fract_transf_vector[2]      0.098713 
_atom_sites.fract_transf_vector[3]      0.039968 
# 
loop_
_atom_type.symbol 
C  
MG 
N  
O  
P  
# 
loop_
_atom_site.group_PDB 
_atom_site.id 
_atom_site.type_symbol 
_atom_site.label_atom_id 
_atom_site.label_alt_id 
_atom_site.label_comp_id 
_atom_site.label_asym_id 
_atom_site.label_entity_id 
_atom_site.label_seq_id 
_atom_site.pdbx_PDB_ins_code 
_atom_site.Cartn_x 
_atom_site.Cartn_y 
_atom_site.Cartn_z 
_atom_site.occupancy 
_atom_site.B_iso_or_equiv 
_atom_site.pdbx_formal_charge 
_atom_site.auth_seq_id 
_atom_site.auth_comp_id 
_atom_site.auth_asym_id 
_atom_site.auth_atom_id 
_atom_site.pdbx_PDB_model_num 
ATOM   1   O  "O5'" . C   A 1 1  ? 16.929  -0.477  8.772   1.00 47.89 ? 1   C   A "O5'" 1 
ATOM   2   C  "C5'" . C   A 1 1  ? 17.125  -1.496  9.780   1.00 48.76 ? 1   C   A "C5'" 1 
ATOM   3   C  "C4'" . C   A 1 1  ? 17.516  -0.883  11.102  1.00 44.53 ? 1   C   A "C4'" 1 
ATOM   4   O  "O4'" . C   A 1 1  ? 18.811  -0.235  11.021  1.00 45.86 ? 1   C   A "O4'" 1 
ATOM   5   C  "C3'" . C   A 1 1  ? 16.607  0.200   11.631  1.00 49.53 ? 1   C   A "C3'" 1 
ATOM   6   O  "O3'" . C   A 1 1  ? 15.532  -0.465  12.253  1.00 50.30 ? 1   C   A "O3'" 1 
ATOM   7   C  "C2'" . C   A 1 1  ? 17.524  0.905   12.629  1.00 42.58 ? 1   C   A "C2'" 1 
ATOM   8   O  "O2'" . C   A 1 1  ? 17.675  0.185   13.803  1.00 46.57 ? 1   C   A "O2'" 1 
ATOM   9   C  "C1'" . C   A 1 1  ? 18.839  0.912   11.877  1.00 42.22 ? 1   C   A "C1'" 1 
ATOM   10  N  N1    . C   A 1 1  ? 19.074  2.135   11.064  1.00 45.15 ? 1   C   A N1    1 
ATOM   11  C  C2    . C   A 1 1  ? 19.205  3.348   11.740  1.00 40.92 ? 1   C   A C2    1 
ATOM   12  O  O2    . C   A 1 1  ? 19.107  3.351   12.984  1.00 45.26 ? 1   C   A O2    1 
ATOM   13  N  N3    . C   A 1 1  ? 19.402  4.489   11.027  1.00 47.60 ? 1   C   A N3    1 
ATOM   14  C  C4    . C   A 1 1  ? 19.530  4.430   9.698   1.00 47.38 ? 1   C   A C4    1 
ATOM   15  N  N4    . C   A 1 1  ? 19.818  5.558   9.043   1.00 43.32 ? 1   C   A N4    1 
ATOM   16  C  C5    . C   A 1 1  ? 19.393  3.205   8.984   1.00 49.01 ? 1   C   A C5    1 
ATOM   17  C  C6    . C   A 1 1  ? 19.186  2.087   9.703   1.00 38.75 ? 1   C   A C6    1 
ATOM   18  P  P     . U   A 1 2  ? 14.026  0.108   12.115  1.00 52.19 ? 2   U   A P     1 
ATOM   19  O  OP1   . U   A 1 2  ? 13.151  -0.917  12.734  1.00 50.47 ? 2   U   A OP1   1 
ATOM   20  O  OP2   . U   A 1 2  ? 13.847  0.714   10.771  1.00 53.20 ? 2   U   A OP2   1 
ATOM   21  O  "O5'" . U   A 1 2  ? 14.044  1.399   13.053  1.00 55.41 ? 2   U   A "O5'" 1 
ATOM   22  C  "C5'" . U   A 1 2  ? 14.214  1.215   14.474  1.00 52.22 ? 2   U   A "C5'" 1 
ATOM   23  C  "C4'" . U   A 1 2  ? 14.193  2.556   15.165  1.00 54.38 ? 2   U   A "C4'" 1 
ATOM   24  O  "O4'" . U   A 1 2  ? 15.378  3.302   14.795  1.00 49.50 ? 2   U   A "O4'" 1 
ATOM   25  C  "C3'" . U   A 1 2  ? 13.051  3.473   14.734  1.00 54.49 ? 2   U   A "C3'" 1 
ATOM   26  O  "O3'" . U   A 1 2  ? 11.848  3.063   15.366  1.00 63.04 ? 2   U   A "O3'" 1 
ATOM   27  C  "C2'" . U   A 1 2  ? 13.595  4.841   15.114  1.00 57.40 ? 2   U   A "C2'" 1 
ATOM   28  O  "O2'" . U   A 1 2  ? 13.540  5.127   16.510  1.00 56.10 ? 2   U   A "O2'" 1 
ATOM   29  C  "C1'" . U   A 1 2  ? 15.052  4.680   14.694  1.00 50.41 ? 2   U   A "C1'" 1 
ATOM   30  N  N1    . U   A 1 2  ? 15.454  5.160   13.361  1.00 47.76 ? 2   U   A N1    1 
ATOM   31  C  C2    . U   A 1 2  ? 15.685  6.519   13.227  1.00 56.36 ? 2   U   A C2    1 
ATOM   32  O  O2    . U   A 1 2  ? 15.418  7.326   14.099  1.00 56.75 ? 2   U   A O2    1 
ATOM   33  N  N3    . U   A 1 2  ? 16.204  6.900   12.013  1.00 51.62 ? 2   U   A N3    1 
ATOM   34  C  C4    . U   A 1 2  ? 16.498  6.089   10.942  1.00 47.61 ? 2   U   A C4    1 
ATOM   35  O  O4    . U   A 1 2  ? 16.999  6.584   9.925   1.00 46.84 ? 2   U   A O4    1 
ATOM   36  C  C5    . U   A 1 2  ? 16.244  4.697   11.165  1.00 50.19 ? 2   U   A C5    1 
ATOM   37  C  C6    . U   A 1 2  ? 15.771  4.290   12.350  1.00 48.17 ? 2   U   A C6    1 
ATOM   38  P  P     . G   A 1 3  ? 10.452  3.192   14.581  1.00 68.08 ? 3   G   A P     1 
ATOM   39  O  OP1   . G   A 1 3  ? 9.410   2.640   15.507  1.00 73.47 ? 3   G   A OP1   1 
ATOM   40  O  OP2   . G   A 1 3  ? 10.601  2.620   13.218  1.00 68.26 ? 3   G   A OP2   1 
ATOM   41  O  "O5'" . G   A 1 3  ? 10.346  4.770   14.345  1.00 60.14 ? 3   G   A "O5'" 1 
ATOM   42  C  "C5'" . G   A 1 3  ? 9.857   5.619   15.421  1.00 59.94 ? 3   G   A "C5'" 1 
ATOM   43  C  "C4'" . G   A 1 3  ? 10.004  7.071   15.060  1.00 59.25 ? 3   G   A "C4'" 1 
ATOM   44  O  "O4'" . G   A 1 3  ? 11.371  7.317   14.677  1.00 58.18 ? 3   G   A "O4'" 1 
ATOM   45  C  "C3'" . G   A 1 3  ? 9.205   7.547   13.860  1.00 74.03 ? 3   G   A "C3'" 1 
ATOM   46  O  "O3'" . G   A 1 3  ? 7.858   7.801   14.224  1.00 83.55 ? 3   G   A "O3'" 1 
ATOM   47  C  "C2'" . G   A 1 3  ? 9.992   8.776   13.421  1.00 69.81 ? 3   G   A "C2'" 1 
ATOM   48  O  "O2'" . G   A 1 3  ? 9.822   9.983   14.139  1.00 78.84 ? 3   G   A "O2'" 1 
ATOM   49  C  "C1'" . G   A 1 3  ? 11.420  8.306   13.670  1.00 60.56 ? 3   G   A "C1'" 1 
ATOM   50  N  N9    . G   A 1 3  ? 12.049  7.745   12.482  1.00 59.69 ? 3   G   A N9    1 
ATOM   51  C  C8    . G   A 1 3  ? 12.178  6.422   12.119  1.00 55.64 ? 3   G   A C8    1 
ATOM   52  N  N7    . G   A 1 3  ? 12.826  6.260   10.993  1.00 57.36 ? 3   G   A N7    1 
ATOM   53  C  C5    . G   A 1 3  ? 13.114  7.557   10.575  1.00 54.74 ? 3   G   A C5    1 
ATOM   54  C  C6    . G   A 1 3  ? 13.789  8.030   9.411   1.00 52.45 ? 3   G   A C6    1 
ATOM   55  O  O6    . G   A 1 3  ? 14.286  7.377   8.479   1.00 62.59 ? 3   G   A O6    1 
ATOM   56  N  N1    . G   A 1 3  ? 13.876  9.421   9.401   1.00 56.46 ? 3   G   A N1    1 
ATOM   57  C  C2    . G   A 1 3  ? 13.386  10.249  10.380  1.00 56.75 ? 3   G   A C2    1 
ATOM   58  N  N2    . G   A 1 3  ? 13.558  11.568  10.182  1.00 57.26 ? 3   G   A N2    1 
ATOM   59  N  N3    . G   A 1 3  ? 12.765  9.823   11.466  1.00 52.07 ? 3   G   A N3    1 
ATOM   60  C  C4    . G   A 1 3  ? 12.665  8.480   11.499  1.00 53.65 ? 3   G   A C4    1 
ATOM   61  P  P     . C   A 1 4  ? 6.680   7.606   13.156  1.00 85.24 ? 4   C   A P     1 
ATOM   62  O  OP1   . C   A 1 4  ? 5.440   8.022   13.848  1.00 80.36 ? 4   C   A OP1   1 
ATOM   63  O  OP2   . C   A 1 4  ? 6.756   6.225   12.579  1.00 72.91 ? 4   C   A OP2   1 
ATOM   64  O  "O5'" . C   A 1 4  ? 7.056   8.671   12.037  1.00 66.82 ? 4   C   A "O5'" 1 
ATOM   65  C  "C5'" . C   A 1 4  ? 6.859   10.051  12.378  1.00 68.10 ? 4   C   A "C5'" 1 
ATOM   66  C  "C4'" . C   A 1 4  ? 7.305   10.981  11.291  1.00 66.97 ? 4   C   A "C4'" 1 
ATOM   67  O  "O4'" . C   A 1 4  ? 8.739   10.911  11.080  1.00 67.19 ? 4   C   A "O4'" 1 
ATOM   68  C  "C3'" . C   A 1 4  ? 6.723   10.773  9.911   1.00 73.66 ? 4   C   A "C3'" 1 
ATOM   69  O  "O3'" . C   A 1 4  ? 5.370   11.203  9.954   1.00 78.29 ? 4   C   A "O3'" 1 
ATOM   70  C  "C2'" . C   A 1 4  ? 7.698   11.589  9.062   1.00 70.47 ? 4   C   A "C2'" 1 
ATOM   71  O  "O2'" . C   A 1 4  ? 7.578   13.000  9.077   1.00 65.02 ? 4   C   A "O2'" 1 
ATOM   72  C  "C1'" . C   A 1 4  ? 9.028   11.221  9.727   1.00 71.43 ? 4   C   A "C1'" 1 
ATOM   73  N  N1    . C   A 1 4  ? 9.642   10.034  9.123   1.00 65.46 ? 4   C   A N1    1 
ATOM   74  C  C2    . C   A 1 4  ? 10.508  10.206  8.043   1.00 67.62 ? 4   C   A C2    1 
ATOM   75  O  O2    . C   A 1 4  ? 10.722  11.354  7.627   1.00 57.82 ? 4   C   A O2    1 
ATOM   76  N  N3    . C   A 1 4  ? 11.087  9.118   7.478   1.00 58.74 ? 4   C   A N3    1 
ATOM   77  C  C4    . C   A 1 4  ? 10.801  7.897   7.937   1.00 56.89 ? 4   C   A C4    1 
ATOM   78  N  N4    . C   A 1 4  ? 11.399  6.857   7.359   1.00 54.12 ? 4   C   A N4    1 
ATOM   79  C  C5    . C   A 1 4  ? 9.920   7.694   9.039   1.00 62.91 ? 4   C   A C5    1 
ATOM   80  C  C6    . C   A 1 4  ? 9.366   8.779   9.596   1.00 68.35 ? 4   C   A C6    1 
HETATM 81  N  N1    . PSU A 1 5  ? 9.351   9.700   4.366   1.00 55.39 ? 5   PSU A N1    1 
HETATM 82  C  C2    . PSU A 1 5  ? 10.186  9.963   3.321   1.00 63.93 ? 5   PSU A C2    1 
HETATM 83  N  N3    . PSU A 1 5  ? 10.182  11.197  2.776   1.00 60.35 ? 5   PSU A N3    1 
HETATM 84  C  C4    . PSU A 1 5  ? 9.403   12.200  3.222   1.00 63.98 ? 5   PSU A C4    1 
HETATM 85  C  C5    . PSU A 1 5  ? 8.496   11.982  4.341   1.00 65.13 ? 5   PSU A C5    1 
HETATM 86  C  C6    . PSU A 1 5  ? 8.534   10.667  4.894   1.00 66.09 ? 5   PSU A C6    1 
HETATM 87  O  O2    . PSU A 1 5  ? 10.994  9.093   2.765   1.00 61.59 ? 5   PSU A O2    1 
HETATM 88  O  O4    . PSU A 1 5  ? 9.418   13.339  2.689   1.00 60.14 ? 5   PSU A O4    1 
HETATM 89  C  "C1'" . PSU A 1 5  ? 7.682   13.214  4.792   1.00 67.70 ? 5   PSU A "C1'" 1 
HETATM 90  C  "C2'" . PSU A 1 5  ? 6.676   13.724  3.762   1.00 67.38 ? 5   PSU A "C2'" 1 
HETATM 91  O  "O2'" . PSU A 1 5  ? 6.327   15.111  3.852   1.00 73.07 ? 5   PSU A "O2'" 1 
HETATM 92  C  "C3'" . PSU A 1 5  ? 5.475   12.927  4.165   1.00 74.25 ? 5   PSU A "C3'" 1 
HETATM 93  C  "C4'" . PSU A 1 5  ? 5.551   12.894  5.673   1.00 72.40 ? 5   PSU A "C4'" 1 
HETATM 94  O  "O3'" . PSU A 1 5  ? 4.259   13.505  3.708   1.00 80.14 ? 5   PSU A "O3'" 1 
HETATM 95  O  "O4'" . PSU A 1 5  ? 6.935   12.918  5.994   1.00 68.96 ? 5   PSU A "O4'" 1 
HETATM 96  C  "C5'" . PSU A 1 5  ? 4.920   11.648  6.229   1.00 69.49 ? 5   PSU A "C5'" 1 
HETATM 97  O  "O5'" . PSU A 1 5  ? 4.936   11.907  7.595   1.00 65.68 ? 5   PSU A "O5'" 1 
HETATM 98  P  P     . PSU A 1 5  ? 4.390   10.870  8.731   1.00 78.61 ? 5   PSU A P     1 
HETATM 99  O  OP1   . PSU A 1 5  ? 4.601   9.413   8.353   1.00 77.12 ? 5   PSU A OP1   1 
HETATM 100 O  OP2   . PSU A 1 5  ? 2.985   11.256  9.168   1.00 82.14 ? 5   PSU A OP2   1 
ATOM   101 P  P     . G   A 1 6  ? 3.345   12.698  2.685   1.00 75.09 ? 6   G   A P     1 
ATOM   102 O  OP1   . G   A 1 6  ? 2.276   13.629  2.232   1.00 92.91 ? 6   G   A OP1   1 
ATOM   103 O  OP2   . G   A 1 6  ? 2.985   11.403  3.297   1.00 64.91 ? 6   G   A OP2   1 
ATOM   104 O  "O5'" . G   A 1 6  ? 4.331   12.506  1.459   1.00 59.64 ? 6   G   A "O5'" 1 
ATOM   105 C  "C5'" . G   A 1 6  ? 4.561   13.613  0.580   1.00 64.39 ? 6   G   A "C5'" 1 
ATOM   106 C  "C4'" . G   A 1 6  ? 5.595   13.257  -0.454  1.00 65.33 ? 6   G   A "C4'" 1 
ATOM   107 O  "O4'" . G   A 1 6  ? 6.868   12.956  0.183   1.00 66.94 ? 6   G   A "O4'" 1 
ATOM   108 C  "C3'" . G   A 1 6  ? 5.311   12.026  -1.299  1.00 64.71 ? 6   G   A "C3'" 1 
ATOM   109 O  "O3'" . G   A 1 6  ? 4.382   12.281  -2.340  1.00 68.54 ? 6   G   A "O3'" 1 
ATOM   110 C  "C2'" . G   A 1 6  ? 6.697   11.717  -1.838  1.00 65.92 ? 6   G   A "C2'" 1 
ATOM   111 O  "O2'" . G   A 1 6  ? 7.055   12.491  -2.978  1.00 67.76 ? 6   G   A "O2'" 1 
ATOM   112 C  "C1'" . G   A 1 6  ? 7.543   11.956  -0.577  1.00 71.17 ? 6   G   A "C1'" 1 
ATOM   113 N  N9    . G   A 1 6  ? 7.655   10.761  0.259   1.00 58.45 ? 6   G   A N9    1 
ATOM   114 C  C8    . G   A 1 6  ? 7.023   10.531  1.457   1.00 58.35 ? 6   G   A C8    1 
ATOM   115 N  N7    . G   A 1 6  ? 7.279   9.351   1.955   1.00 52.64 ? 6   G   A N7    1 
ATOM   116 C  C5    . G   A 1 6  ? 8.114   8.756   1.017   1.00 60.25 ? 6   G   A C5    1 
ATOM   117 C  C6    . G   A 1 6  ? 8.736   7.485   1.018   1.00 53.82 ? 6   G   A C6    1 
ATOM   118 O  O6    . G   A 1 6  ? 8.663   6.595   1.874   1.00 51.21 ? 6   G   A O6    1 
ATOM   119 N  N1    . G   A 1 6  ? 9.483   7.278   -0.139  1.00 51.44 ? 6   G   A N1    1 
ATOM   120 C  C2    . G   A 1 6  ? 9.652   8.199   -1.145  1.00 55.86 ? 6   G   A C2    1 
ATOM   121 N  N2    . G   A 1 6  ? 10.433  7.822   -2.172  1.00 58.27 ? 6   G   A N2    1 
ATOM   122 N  N3    . G   A 1 6  ? 9.100   9.401   -1.146  1.00 53.93 ? 6   G   A N3    1 
ATOM   123 C  C4    . G   A 1 6  ? 8.341   9.607   -0.046  1.00 60.83 ? 6   G   A C4    1 
ATOM   124 P  P     . G   A 1 7  ? 3.365   11.132  -2.800  1.00 68.72 ? 7   G   A P     1 
ATOM   125 O  OP1   . G   A 1 7  ? 2.482   11.722  -3.841  1.00 79.66 ? 7   G   A OP1   1 
ATOM   126 O  OP2   . G   A 1 7  ? 2.770   10.529  -1.586  1.00 63.08 ? 7   G   A OP2   1 
ATOM   127 O  "O5'" . G   A 1 7  ? 4.339   10.101  -3.536  1.00 62.28 ? 7   G   A "O5'" 1 
ATOM   128 C  "C5'" . G   A 1 7  ? 4.976   10.509  -4.747  1.00 53.91 ? 7   G   A "C5'" 1 
ATOM   129 C  "C4'" . G   A 1 7  ? 5.949   9.476   -5.184  1.00 57.67 ? 7   G   A "C4'" 1 
ATOM   130 O  "O4'" . G   A 1 7  ? 6.931   9.300   -4.131  1.00 61.75 ? 7   G   A "O4'" 1 
ATOM   131 C  "C3'" . G   A 1 7  ? 5.388   8.081   -5.359  1.00 57.94 ? 7   G   A "C3'" 1 
ATOM   132 O  "O3'" . G   A 1 7  ? 4.736   7.826   -6.584  1.00 58.91 ? 7   G   A "O3'" 1 
ATOM   133 C  "C2'" . G   A 1 7  ? 6.654   7.256   -5.261  1.00 57.45 ? 7   G   A "C2'" 1 
ATOM   134 O  "O2'" . G   A 1 7  ? 7.428   7.338   -6.433  1.00 56.33 ? 7   G   A "O2'" 1 
ATOM   135 C  "C1'" . G   A 1 7  ? 7.337   7.948   -4.087  1.00 59.29 ? 7   G   A "C1'" 1 
ATOM   136 N  N9    . G   A 1 7  ? 6.910   7.385   -2.818  1.00 56.31 ? 7   G   A N9    1 
ATOM   137 C  C8    . G   A 1 7  ? 6.088   7.951   -1.878  1.00 56.20 ? 7   G   A C8    1 
ATOM   138 N  N7    . G   A 1 7  ? 5.848   7.161   -0.869  1.00 53.90 ? 7   G   A N7    1 
ATOM   139 C  C5    . G   A 1 7  ? 6.563   6.006   -1.159  1.00 52.42 ? 7   G   A C5    1 
ATOM   140 C  C6    . G   A 1 7  ? 6.716   4.799   -0.415  1.00 50.69 ? 7   G   A C6    1 
ATOM   141 O  O6    . G   A 1 7  ? 6.219   4.494   0.672   1.00 44.03 ? 7   G   A O6    1 
ATOM   142 N  N1    . G   A 1 7  ? 7.483   3.864   -1.103  1.00 45.68 ? 7   G   A N1    1 
ATOM   143 C  C2    . G   A 1 7  ? 8.077   4.075   -2.320  1.00 45.16 ? 7   G   A C2    1 
ATOM   144 N  N2    . G   A 1 7  ? 8.790   3.048   -2.805  1.00 48.11 ? 7   G   A N2    1 
ATOM   145 N  N3    . G   A 1 7  ? 7.973   5.204   -3.012  1.00 48.48 ? 7   G   A N3    1 
ATOM   146 C  C4    . G   A 1 7  ? 7.202   6.118   -2.372  1.00 53.04 ? 7   G   A C4    1 
ATOM   147 P  P     . C   A 1 8  ? 3.523   6.785   -6.621  1.00 56.36 ? 8   C   A P     1 
ATOM   148 O  OP1   . C   A 1 8  ? 2.835   6.946   -7.894  1.00 68.90 ? 8   C   A OP1   1 
ATOM   149 O  OP2   . C   A 1 8  ? 2.766   6.904   -5.358  1.00 63.48 ? 8   C   A OP2   1 
ATOM   150 O  "O5'" . C   A 1 8  ? 4.236   5.369   -6.655  1.00 56.87 ? 8   C   A "O5'" 1 
ATOM   151 C  "C5'" . C   A 1 8  ? 5.243   5.146   -7.626  1.00 53.49 ? 8   C   A "C5'" 1 
ATOM   152 C  "C4'" . C   A 1 8  ? 5.794   3.764   -7.440  1.00 49.83 ? 8   C   A "C4'" 1 
ATOM   153 O  "O4'" . C   A 1 8  ? 6.587   3.687   -6.227  1.00 49.35 ? 8   C   A "O4'" 1 
ATOM   154 C  "C3'" . C   A 1 8  ? 4.774   2.660   -7.279  1.00 50.82 ? 8   C   A "C3'" 1 
ATOM   155 O  "O3'" . C   A 1 8  ? 4.213   2.323   -8.542  1.00 53.65 ? 8   C   A "O3'" 1 
ATOM   156 C  "C2'" . C   A 1 8  ? 5.633   1.561   -6.667  1.00 48.39 ? 8   C   A "C2'" 1 
ATOM   157 O  "O2'" . C   A 1 8  ? 6.535   0.828   -7.474  1.00 50.37 ? 8   C   A "O2'" 1 
ATOM   158 C  "C1'" . C   A 1 8  ? 6.470   2.379   -5.686  1.00 49.66 ? 8   C   A "C1'" 1 
ATOM   159 N  N1    . C   A 1 8  ? 5.838   2.430   -4.347  1.00 42.60 ? 8   C   A N1    1 
ATOM   160 C  C2    . C   A 1 8  ? 5.958   1.286   -3.559  1.00 45.23 ? 8   C   A C2    1 
ATOM   161 O  O2    . C   A 1 8  ? 6.567   0.301   -4.024  1.00 48.10 ? 8   C   A O2    1 
ATOM   162 N  N3    . C   A 1 8  ? 5.377   1.259   -2.334  1.00 41.33 ? 8   C   A N3    1 
ATOM   163 C  C4    . C   A 1 8  ? 4.747   2.343   -1.868  1.00 44.26 ? 8   C   A C4    1 
ATOM   164 N  N4    . C   A 1 8  ? 4.198   2.270   -0.646  1.00 44.72 ? 8   C   A N4    1 
ATOM   165 C  C5    . C   A 1 8  ? 4.569   3.509   -2.669  1.00 44.33 ? 8   C   A C5    1 
ATOM   166 C  C6    . C   A 1 8  ? 5.134   3.512   -3.893  1.00 49.20 ? 8   C   A C6    1 
ATOM   167 P  P     . U   A 1 9  ? 2.738   1.756   -8.648  1.00 56.16 ? 9   U   A P     1 
ATOM   168 O  OP1   . U   A 1 9  ? 2.454   1.498   -10.088 1.00 59.14 ? 9   U   A OP1   1 
ATOM   169 O  OP2   . U   A 1 9  ? 1.835   2.564   -7.805  1.00 49.48 ? 9   U   A OP2   1 
ATOM   170 O  "O5'" . U   A 1 9  ? 2.806   0.301   -7.991  1.00 48.78 ? 9   U   A "O5'" 1 
ATOM   171 C  "C5'" . U   A 1 9  ? 3.613   -0.731  -8.560  1.00 54.20 ? 9   U   A "C5'" 1 
ATOM   172 C  "C4'" . U   A 1 9  ? 3.751   -1.856  -7.567  1.00 51.62 ? 9   U   A "C4'" 1 
ATOM   173 O  "O4'" . U   A 1 9  ? 4.314   -1.376  -6.309  1.00 47.59 ? 9   U   A "O4'" 1 
ATOM   174 C  "C3'" . U   A 1 9  ? 2.462   -2.532  -7.149  1.00 52.14 ? 9   U   A "C3'" 1 
ATOM   175 O  "O3'" . U   A 1 9  ? 2.022   -3.504  -8.097  1.00 51.88 ? 9   U   A "O3'" 1 
ATOM   176 C  "C2'" . U   A 1 9  ? 2.883   -3.233  -5.867  1.00 45.15 ? 9   U   A "C2'" 1 
ATOM   177 O  "O2'" . U   A 1 9  ? 3.524   -4.464  -6.174  1.00 41.20 ? 9   U   A "O2'" 1 
ATOM   178 C  "C1'" . U   A 1 9  ? 3.801   -2.185  -5.242  1.00 47.34 ? 9   U   A "C1'" 1 
ATOM   179 N  N1    . U   A 1 9  ? 3.109   -1.311  -4.280  1.00 41.50 ? 9   U   A N1    1 
ATOM   180 C  C2    . U   A 1 9  ? 2.894   -1.817  -3.017  1.00 43.83 ? 9   U   A C2    1 
ATOM   181 O  O2    . U   A 1 9  ? 3.181   -2.958  -2.704  1.00 46.00 ? 9   U   A O2    1 
ATOM   182 N  N3    . U   A 1 9  ? 2.254   -0.963  -2.154  1.00 38.92 ? 9   U   A N3    1 
ATOM   183 C  C4    . U   A 1 9  ? 1.877   0.334   -2.389  1.00 45.72 ? 9   U   A C4    1 
ATOM   184 O  O4    . U   A 1 9  ? 1.344   0.986   -1.477  1.00 42.23 ? 9   U   A O4    1 
ATOM   185 C  C5    . U   A 1 9  ? 2.168   0.804   -3.709  1.00 41.71 ? 9   U   A C5    1 
ATOM   186 C  C6    . U   A 1 9  ? 2.735   -0.028  -4.599  1.00 37.82 ? 9   U   A C6    1 
ATOM   187 P  P     . A   A 1 10 ? 0.447   -3.733  -8.360  1.00 54.70 ? 10  A   A P     1 
ATOM   188 O  OP1   . A   A 1 10 ? 0.317   -4.827  -9.342  1.00 59.59 ? 10  A   A OP1   1 
ATOM   189 O  OP2   . A   A 1 10 ? -0.208  -2.434  -8.533  1.00 46.37 ? 10  A   A OP2   1 
ATOM   190 O  "O5'" . A   A 1 10 ? -0.147  -4.221  -6.952  1.00 56.30 ? 10  A   A "O5'" 1 
ATOM   191 C  "C5'" . A   A 1 10 ? 0.017   -5.584  -6.614  1.00 53.61 ? 10  A   A "C5'" 1 
ATOM   192 C  "C4'" . A   A 1 10 ? -0.441  -5.892  -5.211  1.00 48.61 ? 10  A   A "C4'" 1 
ATOM   193 O  "O4'" . A   A 1 10 ? 0.035   -4.914  -4.238  1.00 44.30 ? 10  A   A "O4'" 1 
ATOM   194 C  "C3'" . A   A 1 10 ? -1.938  -6.041  -4.991  1.00 58.32 ? 10  A   A "C3'" 1 
ATOM   195 O  "O3'" . A   A 1 10 ? -2.092  -7.329  -4.417  1.00 65.94 ? 10  A   A "O3'" 1 
ATOM   196 C  "C2'" . A   A 1 10 ? -2.271  -4.892  -4.051  1.00 61.29 ? 10  A   A "C2'" 1 
ATOM   197 O  "O2'" . A   A 1 10 ? -3.441  -5.076  -3.269  1.00 80.24 ? 10  A   A "O2'" 1 
ATOM   198 C  "C1'" . A   A 1 10 ? -0.956  -4.730  -3.273  1.00 47.64 ? 10  A   A "C1'" 1 
ATOM   199 N  N9    . A   A 1 10 ? -0.882  -3.352  -2.792  1.00 41.82 ? 10  A   A N9    1 
ATOM   200 C  C8    . A   A 1 10 ? -0.706  -2.221  -3.555  1.00 40.46 ? 10  A   A C8    1 
ATOM   201 N  N7    . A   A 1 10 ? -0.834  -1.104  -2.876  1.00 39.97 ? 10  A   A N7    1 
ATOM   202 C  C5    . A   A 1 10 ? -1.156  -1.529  -1.593  1.00 41.52 ? 10  A   A C5    1 
ATOM   203 C  C6    . A   A 1 10 ? -1.418  -0.827  -0.414  1.00 39.92 ? 10  A   A C6    1 
ATOM   204 N  N6    . A   A 1 10 ? -1.348  0.498   -0.327  1.00 43.25 ? 10  A   A N6    1 
ATOM   205 N  N1    . A   A 1 10 ? -1.636  -1.543  0.713   1.00 45.27 ? 10  A   A N1    1 
ATOM   206 C  C2    . A   A 1 10 ? -1.665  -2.882  0.623   1.00 45.51 ? 10  A   A C2    1 
ATOM   207 N  N3    . A   A 1 10 ? -1.423  -3.658  -0.433  1.00 42.28 ? 10  A   A N3    1 
ATOM   208 C  C4    . A   A 1 10 ? -1.173  -2.909  -1.522  1.00 41.90 ? 10  A   A C4    1 
ATOM   209 P  P     . A   A 1 11 ? -2.670  -8.536  -5.317  1.00 57.64 ? 11  A   A P     1 
ATOM   210 O  OP1   . A   A 1 11 ? -1.827  -8.598  -6.553  1.00 54.33 ? 11  A   A OP1   1 
ATOM   211 O  OP2   . A   A 1 11 ? -4.117  -8.242  -5.426  1.00 56.91 ? 11  A   A OP2   1 
ATOM   212 O  "O5'" . A   A 1 11 ? -2.464  -9.783  -4.349  1.00 50.28 ? 11  A   A "O5'" 1 
ATOM   213 C  "C5'" . A   A 1 11 ? -1.994  -11.072 -4.753  1.00 51.15 ? 11  A   A "C5'" 1 
ATOM   214 C  "C4'" . A   A 1 11 ? -1.347  -11.743 -3.571  1.00 48.79 ? 11  A   A "C4'" 1 
ATOM   215 O  "O4'" . A   A 1 11 ? -0.219  -10.946 -3.136  1.00 52.67 ? 11  A   A "O4'" 1 
ATOM   216 C  "C3'" . A   A 1 11 ? -2.211  -11.864 -2.319  1.00 56.49 ? 11  A   A "C3'" 1 
ATOM   217 O  "O3'" . A   A 1 11 ? -3.070  -13.002 -2.351  1.00 58.48 ? 11  A   A "O3'" 1 
ATOM   218 C  "C2'" . A   A 1 11 ? -1.168  -11.968 -1.218  1.00 51.27 ? 11  A   A "C2'" 1 
ATOM   219 O  "O2'" . A   A 1 11 ? -0.650  -13.273 -1.023  1.00 52.12 ? 11  A   A "O2'" 1 
ATOM   220 C  "C1'" . A   A 1 11 ? -0.123  -10.977 -1.715  1.00 50.74 ? 11  A   A "C1'" 1 
ATOM   221 N  N9    . A   A 1 11 ? -0.337  -9.615  -1.231  1.00 45.57 ? 11  A   A N9    1 
ATOM   222 C  C8    . A   A 1 11 ? -0.620  -8.501  -1.984  1.00 43.92 ? 11  A   A C8    1 
ATOM   223 N  N7    . A   A 1 11 ? -0.760  -7.407  -1.273  1.00 48.55 ? 11  A   A N7    1 
ATOM   224 C  C5    . A   A 1 11 ? -0.612  -7.839  0.039   1.00 43.78 ? 11  A   A C5    1 
ATOM   225 C  C6    . A   A 1 11 ? -0.640  -7.157  1.266   1.00 41.95 ? 11  A   A C6    1 
ATOM   226 N  N6    . A   A 1 11 ? -0.885  -5.857  1.377   1.00 44.24 ? 11  A   A N6    1 
ATOM   227 N  N1    . A   A 1 11 ? -0.469  -7.880  2.390   1.00 44.67 ? 11  A   A N1    1 
ATOM   228 C  C2    . A   A 1 11 ? -0.192  -9.186  2.273   1.00 44.54 ? 11  A   A C2    1 
ATOM   229 N  N3    . A   A 1 11 ? -0.088  -9.928  1.175   1.00 44.17 ? 11  A   A N3    1 
ATOM   230 C  C4    . A   A 1 11 ? -0.336  -9.191  0.080   1.00 40.84 ? 11  A   A C4    1 
ATOM   231 P  P     . G   A 1 12 ? -4.656  -12.806 -2.099  1.00 55.03 ? 12  G   A P     1 
ATOM   232 O  OP1   . G   A 1 12 ? -5.294  -14.132 -2.256  1.00 63.59 ? 12  G   A OP1   1 
ATOM   233 O  OP2   . G   A 1 12 ? -5.140  -11.625 -2.865  1.00 56.20 ? 12  G   A OP2   1 
ATOM   234 O  "O5'" . G   A 1 12 ? -4.706  -12.321 -0.568  1.00 50.06 ? 12  G   A "O5'" 1 
ATOM   235 C  "C5'" . G   A 1 12 ? -4.175  -13.162 0.492   1.00 48.39 ? 12  G   A "C5'" 1 
ATOM   236 C  "C4'" . G   A 1 12 ? -4.179  -12.416 1.809   1.00 47.53 ? 12  G   A "C4'" 1 
ATOM   237 O  "O4'" . G   A 1 12 ? -3.121  -11.432 1.821   1.00 46.65 ? 12  G   A "O4'" 1 
ATOM   238 C  "C3'" . G   A 1 12 ? -5.433  -11.613 2.117   1.00 43.61 ? 12  G   A "C3'" 1 
ATOM   239 O  "O3'" . G   A 1 12 ? -6.504  -12.379 2.660   1.00 47.63 ? 12  G   A "O3'" 1 
ATOM   240 C  "C2'" . G   A 1 12 ? -4.905  -10.584 3.115   1.00 51.70 ? 12  G   A "C2'" 1 
ATOM   241 O  "O2'" . G   A 1 12 ? -4.749  -11.094 4.430   1.00 49.46 ? 12  G   A "O2'" 1 
ATOM   242 C  "C1'" . G   A 1 12 ? -3.566  -10.243 2.475   1.00 49.41 ? 12  G   A "C1'" 1 
ATOM   243 N  N9    . G   A 1 12 ? -3.727  -9.209  1.465   1.00 46.36 ? 12  G   A N9    1 
ATOM   244 C  C8    . G   A 1 12 ? -3.724  -9.377  0.101   1.00 47.17 ? 12  G   A C8    1 
ATOM   245 N  N7    . G   A 1 12 ? -3.968  -8.270  -0.551  1.00 41.08 ? 12  G   A N7    1 
ATOM   246 C  C5    . G   A 1 12 ? -4.104  -7.309  0.445   1.00 40.49 ? 12  G   A C5    1 
ATOM   247 C  C6    . G   A 1 12 ? -4.356  -5.917  0.350   1.00 41.49 ? 12  G   A C6    1 
ATOM   248 O  O6    . G   A 1 12 ? -4.513  -5.223  -0.677  1.00 42.77 ? 12  G   A O6    1 
ATOM   249 N  N1    . G   A 1 12 ? -4.455  -5.327  1.614   1.00 44.40 ? 12  G   A N1    1 
ATOM   250 C  C2    . G   A 1 12 ? -4.333  -6.001  2.812   1.00 44.45 ? 12  G   A C2    1 
ATOM   251 N  N2    . G   A 1 12 ? -4.484  -5.273  3.923   1.00 39.27 ? 12  G   A N2    1 
ATOM   252 N  N3    . G   A 1 12 ? -4.072  -7.288  2.907   1.00 40.93 ? 12  G   A N3    1 
ATOM   253 C  C4    . G   A 1 12 ? -3.960  -7.876  1.695   1.00 39.47 ? 12  G   A C4    1 
ATOM   254 P  P     . G   A 1 13 ? -8.067  -11.962 2.357   1.00 50.02 ? 13  G   A P     1 
ATOM   255 O  OP1   . G   A 1 13 ? -8.935  -12.910 3.092   1.00 55.39 ? 13  G   A OP1   1 
ATOM   256 O  OP2   . G   A 1 13 ? -8.193  -11.818 0.867   1.00 47.32 ? 13  G   A OP2   1 
ATOM   257 O  "O5'" . G   A 1 13 ? -8.168  -10.524 3.013   1.00 47.52 ? 13  G   A "O5'" 1 
ATOM   258 C  "C5'" . G   A 1 13 ? -8.129  -10.436 4.439   1.00 44.64 ? 13  G   A "C5'" 1 
ATOM   259 C  "C4'" . G   A 1 13 ? -8.318  -9.005  4.831   1.00 41.64 ? 13  G   A "C4'" 1 
ATOM   260 O  "O4'" . G   A 1 13 ? -7.285  -8.210  4.212   1.00 47.72 ? 13  G   A "O4'" 1 
ATOM   261 C  "C3'" . G   A 1 13 ? -9.601  -8.390  4.303   1.00 46.76 ? 13  G   A "C3'" 1 
ATOM   262 O  "O3'" . G   A 1 13 ? -10.717 -8.783  5.110   1.00 48.58 ? 13  G   A "O3'" 1 
ATOM   263 C  "C2'" . G   A 1 13 ? -9.249  -6.921  4.321   1.00 43.30 ? 13  G   A "C2'" 1 
ATOM   264 O  "O2'" . G   A 1 13 ? -9.237  -6.384  5.614   1.00 41.44 ? 13  G   A "O2'" 1 
ATOM   265 C  "C1'" . G   A 1 13 ? -7.811  -6.958  3.816   1.00 41.81 ? 13  G   A "C1'" 1 
ATOM   266 N  N9    . G   A 1 13 ? -7.706  -6.827  2.362   1.00 45.58 ? 13  G   A N9    1 
ATOM   267 C  C8    . G   A 1 13 ? -7.514  -7.807  1.418   1.00 41.60 ? 13  G   A C8    1 
ATOM   268 N  N7    . G   A 1 13 ? -7.504  -7.343  0.193   1.00 40.42 ? 13  G   A N7    1 
ATOM   269 C  C5    . G   A 1 13 ? -7.734  -5.982  0.343   1.00 38.97 ? 13  G   A C5    1 
ATOM   270 C  C6    . G   A 1 13 ? -7.795  -4.956  -0.628  1.00 41.12 ? 13  G   A C6    1 
ATOM   271 O  O6    . G   A 1 13 ? -7.605  -5.038  -1.854  1.00 44.46 ? 13  G   A O6    1 
ATOM   272 N  N1    . G   A 1 13 ? -8.068  -3.726  -0.051  1.00 38.30 ? 13  G   A N1    1 
ATOM   273 C  C2    . G   A 1 13 ? -8.241  -3.509  1.302   1.00 41.20 ? 13  G   A C2    1 
ATOM   274 N  N2    . G   A 1 13 ? -8.457  -2.254  1.673   1.00 42.71 ? 13  G   A N2    1 
ATOM   275 N  N3    . G   A 1 13 ? -8.138  -4.447  2.221   1.00 43.93 ? 13  G   A N3    1 
ATOM   276 C  C4    . G   A 1 13 ? -7.877  -5.653  1.672   1.00 39.91 ? 13  G   A C4    1 
ATOM   277 P  P     . C   A 1 14 ? -12.206 -8.791  4.475   1.00 51.33 ? 14  C   A P     1 
ATOM   278 O  OP1   . C   A 1 14 ? -13.134 -9.235  5.548   1.00 58.87 ? 14  C   A OP1   1 
ATOM   279 O  OP2   . C   A 1 14 ? -12.145 -9.468  3.153   1.00 52.21 ? 14  C   A OP2   1 
ATOM   280 O  "O5'" . C   A 1 14 ? -12.468 -7.254  4.195   1.00 44.47 ? 14  C   A "O5'" 1 
ATOM   281 C  "C5'" . C   A 1 14 ? -12.809 -6.438  5.307   1.00 50.76 ? 14  C   A "C5'" 1 
ATOM   282 C  "C4'" . C   A 1 14 ? -12.916 -5.020  4.831   1.00 48.55 ? 14  C   A "C4'" 1 
ATOM   283 O  "O4'" . C   A 1 14 ? -11.735 -4.669  4.080   1.00 49.23 ? 14  C   A "O4'" 1 
ATOM   284 C  "C3'" . C   A 1 14 ? -14.018 -4.775  3.821   1.00 53.34 ? 14  C   A "C3'" 1 
ATOM   285 O  "O3'" . C   A 1 14 ? -15.273 -4.758  4.454   1.00 52.42 ? 14  C   A "O3'" 1 
ATOM   286 C  "C2'" . C   A 1 14 ? -13.583 -3.461  3.213   1.00 45.18 ? 14  C   A "C2'" 1 
ATOM   287 O  "O2'" . C   A 1 14 ? -13.795 -2.390  4.086   1.00 50.73 ? 14  C   A "O2'" 1 
ATOM   288 C  "C1'" . C   A 1 14 ? -12.082 -3.708  3.078   1.00 48.13 ? 14  C   A "C1'" 1 
ATOM   289 N  N1    . C   A 1 14 ? -11.735 -4.273  1.769   1.00 44.13 ? 14  C   A N1    1 
ATOM   290 C  C2    . C   A 1 14 ? -11.738 -3.420  0.660   1.00 46.15 ? 14  C   A C2    1 
ATOM   291 O  O2    . C   A 1 14 ? -11.997 -2.217  0.829   1.00 47.94 ? 14  C   A O2    1 
ATOM   292 N  N3    . C   A 1 14 ? -11.401 -3.915  -0.551  1.00 42.68 ? 14  C   A N3    1 
ATOM   293 C  C4    . C   A 1 14 ? -11.162 -5.220  -0.696  1.00 41.03 ? 14  C   A C4    1 
ATOM   294 N  N4    . C   A 1 14 ? -10.844 -5.664  -1.909  1.00 40.28 ? 14  C   A N4    1 
ATOM   295 C  C5    . C   A 1 14 ? -11.200 -6.124  0.408   1.00 42.14 ? 14  C   A C5    1 
ATOM   296 C  C6    . C   A 1 14 ? -11.523 -5.616  1.608   1.00 44.33 ? 14  C   A C6    1 
ATOM   297 P  P     . A   A 1 15 ? -16.553 -5.228  3.640   1.00 56.03 ? 15  A   A P     1 
ATOM   298 O  OP1   . A   A 1 15 ? -17.695 -5.037  4.545   1.00 58.10 ? 15  A   A OP1   1 
ATOM   299 O  OP2   . A   A 1 15 ? -16.281 -6.579  3.070   1.00 51.86 ? 15  A   A OP2   1 
ATOM   300 O  "O5'" . A   A 1 15 ? -16.646 -4.127  2.515   1.00 45.54 ? 15  A   A "O5'" 1 
ATOM   301 C  "C5'" . A   A 1 15 ? -16.861 -2.771  2.882   1.00 53.94 ? 15  A   A "C5'" 1 
ATOM   302 C  "C4'" . A   A 1 15 ? -16.952 -1.917  1.648   1.00 52.99 ? 15  A   A "C4'" 1 
ATOM   303 O  "O4'" . A   A 1 15 ? -15.664 -1.876  0.985   1.00 52.86 ? 15  A   A "O4'" 1 
ATOM   304 C  "C3'" . A   A 1 15 ? -17.893 -2.381  0.550   1.00 59.02 ? 15  A   A "C3'" 1 
ATOM   305 O  "O3'" . A   A 1 15 ? -19.250 -2.099  0.885   1.00 52.28 ? 15  A   A "O3'" 1 
ATOM   306 C  "C2'" . A   A 1 15 ? -17.353 -1.597  -0.638  1.00 46.06 ? 15  A   A "C2'" 1 
ATOM   307 O  "O2'" . A   A 1 15 ? -17.757 -0.251  -0.590  1.00 55.15 ? 15  A   A "O2'" 1 
ATOM   308 C  "C1'" . A   A 1 15 ? -15.841 -1.712  -0.423  1.00 54.17 ? 15  A   A "C1'" 1 
ATOM   309 N  N9    . A   A 1 15 ? -15.211 -2.858  -1.106  1.00 45.47 ? 15  A   A N9    1 
ATOM   310 C  C8    . A   A 1 15 ? -15.007 -4.120  -0.595  1.00 48.18 ? 15  A   A C8    1 
ATOM   311 N  N7    . A   A 1 15 ? -14.433 -4.945  -1.440  1.00 45.06 ? 15  A   A N7    1 
ATOM   312 C  C5    . A   A 1 15 ? -14.274 -4.184  -2.590  1.00 39.28 ? 15  A   A C5    1 
ATOM   313 C  C6    . A   A 1 15 ? -13.764 -4.493  -3.852  1.00 41.79 ? 15  A   A C6    1 
ATOM   314 N  N6    . A   A 1 15 ? -13.266 -5.691  -4.174  1.00 43.42 ? 15  A   A N6    1 
ATOM   315 N  N1    . A   A 1 15 ? -13.789 -3.527  -4.792  1.00 45.50 ? 15  A   A N1    1 
ATOM   316 C  C2    . A   A 1 15 ? -14.272 -2.322  -4.461  1.00 48.14 ? 15  A   A C2    1 
ATOM   317 N  N3    . A   A 1 15 ? -14.815 -1.923  -3.316  1.00 44.62 ? 15  A   A N3    1 
ATOM   318 C  C4    . A   A 1 15 ? -14.798 -2.917  -2.415  1.00 44.80 ? 15  A   A C4    1 
ATOM   319 P  P     . U   A 1 16 ? -20.456 -3.027  0.352   1.00 58.14 ? 16  U   A P     1 
ATOM   320 O  OP1   . U   A 1 16 ? -21.736 -2.378  0.737   1.00 61.87 ? 16  U   A OP1   1 
ATOM   321 O  OP2   . U   A 1 16 ? -20.220 -4.414  0.694   1.00 47.13 ? 16  U   A OP2   1 
ATOM   322 O  "O5'" . U   A 1 16 ? -20.308 -2.989  -1.226  1.00 51.20 ? 16  U   A "O5'" 1 
ATOM   323 C  "C5'" . U   A 1 16 ? -20.574 -1.749  -1.912  1.00 54.78 ? 16  U   A "C5'" 1 
ATOM   324 C  "C4'" . U   A 1 16 ? -20.339 -1.886  -3.396  1.00 48.53 ? 16  U   A "C4'" 1 
ATOM   325 O  "O4'" . U   A 1 16 ? -18.908 -1.924  -3.665  1.00 54.84 ? 16  U   A "O4'" 1 
ATOM   326 C  "C3'" . U   A 1 16 ? -20.863 -3.137  -4.072  1.00 50.99 ? 16  U   A "C3'" 1 
ATOM   327 O  "O3'" . U   A 1 16 ? -22.266 -3.014  -4.352  1.00 51.38 ? 16  U   A "O3'" 1 
ATOM   328 C  "C2'" . U   A 1 16 ? -20.040 -3.129  -5.354  1.00 56.14 ? 16  U   A "C2'" 1 
ATOM   329 O  "O2'" . U   A 1 16 ? -20.463 -2.145  -6.275  1.00 52.07 ? 16  U   A "O2'" 1 
ATOM   330 C  "C1'" . U   A 1 16 ? -18.666 -2.715  -4.817  1.00 53.26 ? 16  U   A "C1'" 1 
ATOM   331 N  N1    . U   A 1 16 ? -17.909 -3.914  -4.445  1.00 43.81 ? 16  U   A N1    1 
ATOM   332 C  C2    . U   A 1 16 ? -17.161 -4.507  -5.441  1.00 51.73 ? 16  U   A C2    1 
ATOM   333 O  O2    . U   A 1 16 ? -17.056 -4.023  -6.567  1.00 48.99 ? 16  U   A O2    1 
ATOM   334 N  N3    . U   A 1 16 ? -16.516 -5.664  -5.067  1.00 48.27 ? 16  U   A N3    1 
ATOM   335 C  C4    . U   A 1 16 ? -16.593 -6.305  -3.839  1.00 51.45 ? 16  U   A C4    1 
ATOM   336 O  O4    . U   A 1 16 ? -16.038 -7.393  -3.683  1.00 47.36 ? 16  U   A O4    1 
ATOM   337 C  C5    . U   A 1 16 ? -17.416 -5.641  -2.875  1.00 47.89 ? 16  U   A C5    1 
ATOM   338 C  C6    . U   A 1 16 ? -18.026 -4.493  -3.201  1.00 49.12 ? 16  U   A C6    1 
ATOM   339 P  P     . G   A 1 17 ? -23.204 -4.288  -4.323  1.00 58.51 ? 17  G   A P     1 
ATOM   340 O  OP1   . G   A 1 17 ? -24.619 -3.826  -4.380  1.00 66.43 ? 17  G   A OP1   1 
ATOM   341 O  OP2   . G   A 1 17 ? -22.749 -5.228  -3.241  1.00 63.34 ? 17  G   A OP2   1 
ATOM   342 O  "O5'" . G   A 1 17 ? -22.858 -5.067  -5.671  1.00 58.76 ? 17  G   A "O5'" 1 
ATOM   343 C  "C5'" . G   A 1 17 ? -22.939 -4.450  -6.952  1.00 57.44 ? 17  G   A "C5'" 1 
ATOM   344 C  "C4'" . G   A 1 17 ? -22.311 -5.347  -7.997  1.00 48.79 ? 17  G   A "C4'" 1 
ATOM   345 O  "O4'" . G   A 1 17 ? -20.872 -5.194  -7.914  1.00 49.79 ? 17  G   A "O4'" 1 
ATOM   346 C  "C3'" . G   A 1 17 ? -22.512 -6.846  -7.886  1.00 53.82 ? 17  G   A "C3'" 1 
ATOM   347 O  "O3'" . G   A 1 17 ? -23.786 -7.210  -8.405  1.00 54.01 ? 17  G   A "O3'" 1 
ATOM   348 C  "C2'" . G   A 1 17 ? -21.357 -7.345  -8.742  1.00 50.11 ? 17  G   A "C2'" 1 
ATOM   349 O  "O2'" . G   A 1 17 ? -21.659 -7.302  -10.132 1.00 52.17 ? 17  G   A "O2'" 1 
ATOM   350 C  "C1'" . G   A 1 17 ? -20.239 -6.392  -8.284  1.00 53.09 ? 17  G   A "C1'" 1 
ATOM   351 N  N9    . G   A 1 17 ? -19.573 -6.957  -7.119  1.00 50.70 ? 17  G   A N9    1 
ATOM   352 C  C8    . G   A 1 17 ? -19.945 -6.872  -5.799  1.00 52.06 ? 17  G   A C8    1 
ATOM   353 N  N7    . G   A 1 17 ? -19.270 -7.681  -5.025  1.00 53.93 ? 17  G   A N7    1 
ATOM   354 C  C5    . G   A 1 17 ? -18.409 -8.343  -5.888  1.00 50.78 ? 17  G   A C5    1 
ATOM   355 C  C6    . G   A 1 17 ? -17.440 -9.343  -5.629  1.00 52.54 ? 17  G   A C6    1 
ATOM   356 O  O6    . G   A 1 17 ? -17.089 -9.811  -4.544  1.00 51.16 ? 17  G   A O6    1 
ATOM   357 N  N1    . G   A 1 17 ? -16.829 -9.776  -6.801  1.00 48.65 ? 17  G   A N1    1 
ATOM   358 C  C2    . G   A 1 17 ? -17.089 -9.287  -8.055  1.00 47.84 ? 17  G   A C2    1 
ATOM   359 N  N2    . G   A 1 17 ? -16.412 -9.850  -9.059  1.00 43.54 ? 17  G   A N2    1 
ATOM   360 N  N3    . G   A 1 17 ? -17.997 -8.360  -8.312  1.00 45.92 ? 17  G   A N3    1 
ATOM   361 C  C4    . G   A 1 17 ? -18.616 -7.940  -7.188  1.00 52.40 ? 17  G   A C4    1 
ATOM   362 P  P     . A   A 1 18 ? -24.680 -8.296  -7.688  1.00 62.95 ? 18  A   A P     1 
ATOM   363 O  OP1   . A   A 1 18 ? -25.985 -8.295  -8.400  1.00 69.49 ? 18  A   A OP1   1 
ATOM   364 O  OP2   . A   A 1 18 ? -24.661 -8.036  -6.219  1.00 59.80 ? 18  A   A OP2   1 
ATOM   365 O  "O5'" . A   A 1 18 ? -23.834 -9.629  -7.895  1.00 53.46 ? 18  A   A "O5'" 1 
ATOM   366 C  "C5'" . A   A 1 18 ? -24.131 -10.851 -7.242  1.00 53.84 ? 18  A   A "C5'" 1 
ATOM   367 C  "C4'" . A   A 1 18 ? -23.754 -11.972 -8.156  1.00 53.09 ? 18  A   A "C4'" 1 
ATOM   368 O  "O4'" . A   A 1 18 ? -24.611 -11.899 -9.314  1.00 54.01 ? 18  A   A "O4'" 1 
ATOM   369 C  "C3'" . A   A 1 18 ? -22.342 -11.890 -8.717  1.00 52.13 ? 18  A   A "C3'" 1 
ATOM   370 O  "O3'" . A   A 1 18 ? -21.444 -12.689 -7.964  1.00 55.05 ? 18  A   A "O3'" 1 
ATOM   371 C  "C2'" . A   A 1 18 ? -22.478 -12.619 -10.043 1.00 49.45 ? 18  A   A "C2'" 1 
ATOM   372 O  "O2'" . A   A 1 18 ? -22.501 -14.027 -9.975  1.00 56.88 ? 18  A   A "O2'" 1 
ATOM   373 C  "C1'" . A   A 1 18 ? -23.860 -12.172 -10.485 1.00 53.41 ? 18  A   A "C1'" 1 
ATOM   374 N  N9    . A   A 1 18 ? -23.921 -11.016 -11.395 1.00 46.91 ? 18  A   A N9    1 
ATOM   375 C  C8    . A   A 1 18 ? -24.603 -9.833  -11.237 1.00 49.73 ? 18  A   A C8    1 
ATOM   376 N  N7    . A   A 1 18 ? -24.555 -9.052  -12.288 1.00 48.98 ? 18  A   A N7    1 
ATOM   377 C  C5    . A   A 1 18 ? -23.842 -9.792  -13.219 1.00 43.77 ? 18  A   A C5    1 
ATOM   378 C  C6    . A   A 1 18 ? -23.461 -9.526  -14.543 1.00 44.55 ? 18  A   A C6    1 
ATOM   379 N  N6    . A   A 1 18 ? -23.790 -8.409  -15.191 1.00 41.67 ? 18  A   A N6    1 
ATOM   380 N  N1    . A   A 1 18 ? -22.712 -10.453 -15.183 1.00 45.06 ? 18  A   A N1    1 
ATOM   381 C  C2    . A   A 1 18 ? -22.387 -11.576 -14.529 1.00 48.83 ? 18  A   A C2    1 
ATOM   382 N  N3    . A   A 1 18 ? -22.683 -11.938 -13.280 1.00 44.45 ? 18  A   A N3    1 
ATOM   383 C  C4    . A   A 1 18 ? -23.434 -10.998 -12.678 1.00 47.87 ? 18  A   A C4    1 
ATOM   384 P  P     . A   A 1 19 ? -20.053 -12.082 -7.520  1.00 52.63 ? 19  A   A P     1 
ATOM   385 O  OP1   . A   A 1 19 ? -19.558 -12.864 -6.359  1.00 57.20 ? 19  A   A OP1   1 
ATOM   386 O  OP2   . A   A 1 19 ? -20.216 -10.599 -7.417  1.00 45.15 ? 19  A   A OP2   1 
ATOM   387 O  "O5'" . A   A 1 19 ? -19.105 -12.418 -8.769  1.00 47.79 ? 19  A   A "O5'" 1 
ATOM   388 C  "C5'" . A   A 1 19 ? -18.948 -13.749 -9.210  1.00 53.36 ? 19  A   A "C5'" 1 
ATOM   389 C  "C4'" . A   A 1 19 ? -18.554 -13.758 -10.656 1.00 45.97 ? 19  A   A "C4'" 1 
ATOM   390 O  "O4'" . A   A 1 19 ? -19.627 -13.155 -11.445 1.00 49.94 ? 19  A   A "O4'" 1 
ATOM   391 C  "C3'" . A   A 1 19 ? -17.296 -12.971 -11.016 1.00 46.83 ? 19  A   A "C3'" 1 
ATOM   392 O  "O3'" . A   A 1 19 ? -16.087 -13.762 -10.858 1.00 53.32 ? 19  A   A "O3'" 1 
ATOM   393 C  "C2'" . A   A 1 19 ? -17.550 -12.688 -12.493 1.00 47.58 ? 19  A   A "C2'" 1 
ATOM   394 O  "O2'" . A   A 1 19 ? -17.397 -13.844 -13.304 1.00 46.78 ? 19  A   A "O2'" 1 
ATOM   395 C  "C1'" . A   A 1 19 ? -19.050 -12.393 -12.503 1.00 44.24 ? 19  A   A "C1'" 1 
ATOM   396 N  N9    . A   A 1 19 ? -19.502 -11.008 -12.382 1.00 45.53 ? 19  A   A N9    1 
ATOM   397 C  C8    . A   A 1 19 ? -19.972 -10.374 -11.257 1.00 43.94 ? 19  A   A C8    1 
ATOM   398 N  N7    . A   A 1 19 ? -20.443 -9.169  -11.486 1.00 46.30 ? 19  A   A N7    1 
ATOM   399 C  C5    . A   A 1 19 ? -20.302 -9.013  -12.862 1.00 42.45 ? 19  A   A C5    1 
ATOM   400 C  C6    . A   A 1 19 ? -20.553 -7.925  -13.710 1.00 42.15 ? 19  A   A C6    1 
ATOM   401 N  N6    . A   A 1 19 ? -21.148 -6.808  -13.301 1.00 44.31 ? 19  A   A N6    1 
ATOM   402 N  N1    . A   A 1 19 ? -20.249 -8.061  -15.019 1.00 42.84 ? 19  A   A N1    1 
ATOM   403 C  C2    . A   A 1 19 ? -19.707 -9.216  -15.432 1.00 39.83 ? 19  A   A C2    1 
ATOM   404 N  N3    . A   A 1 19 ? -19.401 -10.302 -14.723 1.00 43.31 ? 19  A   A N3    1 
ATOM   405 C  C4    . A   A 1 19 ? -19.706 -10.124 -13.424 1.00 41.98 ? 19  A   A C4    1 
ATOM   406 P  P     . A   A 1 20 ? -14.673 -13.094 -10.575 1.00 53.79 ? 20  A   A P     1 
ATOM   407 O  OP1   . A   A 1 20 ? -13.630 -14.158 -10.487 1.00 52.23 ? 20  A   A OP1   1 
ATOM   408 O  OP2   . A   A 1 20 ? -14.772 -12.052 -9.516  1.00 50.59 ? 20  A   A OP2   1 
ATOM   409 O  "O5'" . A   A 1 20 ? -14.344 -12.328 -11.946 1.00 48.25 ? 20  A   A "O5'" 1 
ATOM   410 C  "C5'" . A   A 1 20 ? -13.952 -13.039 -13.129 1.00 48.82 ? 20  A   A "C5'" 1 
ATOM   411 C  "C4'" . A   A 1 20 ? -13.890 -12.061 -14.310 1.00 44.06 ? 20  A   A "C4'" 1 
ATOM   412 O  "O4'" . A   A 1 20 ? -15.244 -11.565 -14.554 1.00 47.29 ? 20  A   A "O4'" 1 
ATOM   413 C  "C3'" . A   A 1 20 ? -13.080 -10.789 -14.139 1.00 41.68 ? 20  A   A "C3'" 1 
ATOM   414 O  "O3'" . A   A 1 20 ? -11.710 -10.959 -14.483 1.00 50.09 ? 20  A   A "O3'" 1 
ATOM   415 C  "C2'" . A   A 1 20 ? -13.749 -9.879  -15.168 1.00 43.14 ? 20  A   A "C2'" 1 
ATOM   416 O  "O2'" . A   A 1 20 ? -13.375 -10.308 -16.472 1.00 39.19 ? 20  A   A "O2'" 1 
ATOM   417 C  "C1'" . A   A 1 20 ? -15.211 -10.193 -14.909 1.00 42.63 ? 20  A   A "C1'" 1 
ATOM   418 N  N9    . A   A 1 20 ? -15.867 -9.417  -13.848 1.00 40.34 ? 20  A   A N9    1 
ATOM   419 C  C8    . A   A 1 20 ? -15.912 -9.674  -12.499 1.00 43.96 ? 20  A   A C8    1 
ATOM   420 N  N7    . A   A 1 20 ? -16.554 -8.759  -11.805 1.00 41.26 ? 20  A   A N7    1 
ATOM   421 C  C5    . A   A 1 20 ? -16.931 -7.821  -12.759 1.00 38.58 ? 20  A   A C5    1 
ATOM   422 C  C6    . A   A 1 20 ? -17.666 -6.629  -12.666 1.00 45.69 ? 20  A   A C6    1 
ATOM   423 N  N6    . A   A 1 20 ? -18.167 -6.170  -11.517 1.00 46.54 ? 20  A   A N6    1 
ATOM   424 N  N1    . A   A 1 20 ? -17.861 -5.917  -13.799 1.00 42.94 ? 20  A   A N1    1 
ATOM   425 C  C2    . A   A 1 20 ? -17.417 -6.429  -14.957 1.00 44.48 ? 20  A   A C2    1 
ATOM   426 N  N3    . A   A 1 20 ? -16.717 -7.545  -15.173 1.00 40.92 ? 20  A   A N3    1 
ATOM   427 C  C4    . A   A 1 20 ? -16.500 -8.201  -14.018 1.00 45.41 ? 20  A   A C4    1 
ATOM   428 P  P     . G   A 1 21 ? -10.582 -10.297 -13.596 1.00 57.39 ? 21  G   A P     1 
ATOM   429 O  OP1   . G   A 1 21 ? -9.291  -10.495 -14.265 1.00 60.77 ? 21  G   A OP1   1 
ATOM   430 O  OP2   . G   A 1 21 ? -10.822 -10.657 -12.182 1.00 55.91 ? 21  G   A OP2   1 
ATOM   431 O  "O5'" . G   A 1 21 ? -10.947 -8.742  -13.485 1.00 60.82 ? 21  G   A "O5'" 1 
ATOM   432 C  "C5'" . G   A 1 21 ? -10.697 -7.806  -14.542 1.00 55.80 ? 21  G   A "C5'" 1 
ATOM   433 C  "C4'" . G   A 1 21 ? -11.668 -6.644  -14.433 1.00 47.91 ? 21  G   A "C4'" 1 
ATOM   434 O  "O4'" . G   A 1 21 ? -12.936 -7.079  -13.893 1.00 44.39 ? 21  G   A "O4'" 1 
ATOM   435 C  "C3'" . G   A 1 21 ? -11.271 -5.550  -13.475 1.00 44.53 ? 21  G   A "C3'" 1 
ATOM   436 O  "O3'" . G   A 1 21 ? -10.265 -4.823  -14.132 1.00 45.30 ? 21  G   A "O3'" 1 
ATOM   437 C  "C2'" . G   A 1 21 ? -12.602 -4.832  -13.270 1.00 43.04 ? 21  G   A "C2'" 1 
ATOM   438 O  "O2'" . G   A 1 21 ? -12.918 -3.930  -14.306 1.00 48.15 ? 21  G   A "O2'" 1 
ATOM   439 C  "C1'" . G   A 1 21 ? -13.548 -6.012  -13.188 1.00 43.20 ? 21  G   A "C1'" 1 
ATOM   440 N  N9    . G   A 1 21 ? -13.737 -6.474  -11.827 1.00 42.19 ? 21  G   A N9    1 
ATOM   441 C  C8    . G   A 1 21 ? -13.201 -7.617  -11.275 1.00 47.60 ? 21  G   A C8    1 
ATOM   442 N  N7    . G   A 1 21 ? -13.548 -7.793  -10.029 1.00 45.31 ? 21  G   A N7    1 
ATOM   443 C  C5    . G   A 1 21 ? -14.334 -6.684  -9.731  1.00 44.99 ? 21  G   A C5    1 
ATOM   444 C  C6    . G   A 1 21 ? -15.010 -6.323  -8.530  1.00 42.57 ? 21  G   A C6    1 
ATOM   445 O  O6    . G   A 1 21 ? -15.048 -6.929  -7.442  1.00 44.61 ? 21  G   A O6    1 
ATOM   446 N  N1    . G   A 1 21 ? -15.722 -5.137  -8.684  1.00 44.27 ? 21  G   A N1    1 
ATOM   447 C  C2    . G   A 1 21 ? -15.787 -4.401  -9.849  1.00 44.36 ? 21  G   A C2    1 
ATOM   448 N  N2    . G   A 1 21 ? -16.517 -3.284  -9.810  1.00 44.79 ? 21  G   A N2    1 
ATOM   449 N  N3    . G   A 1 21 ? -15.185 -4.738  -10.972 1.00 43.87 ? 21  G   A N3    1 
ATOM   450 C  C4    . G   A 1 21 ? -14.480 -5.878  -10.844 1.00 43.96 ? 21  G   A C4    1 
ATOM   451 P  P     . U   A 1 22 ? -9.195  -3.987  -13.308 1.00 52.41 ? 22  U   A P     1 
ATOM   452 O  OP1   . U   A 1 22 ? -8.351  -3.276  -14.273 1.00 52.05 ? 22  U   A OP1   1 
ATOM   453 O  OP2   . U   A 1 22 ? -8.661  -4.857  -12.256 1.00 53.33 ? 22  U   A OP2   1 
ATOM   454 O  "O5'" . U   A 1 22 ? -10.076 -2.953  -12.490 1.00 44.06 ? 22  U   A "O5'" 1 
ATOM   455 C  "C5'" . U   A 1 22 ? -10.734 -1.887  -13.181 1.00 54.67 ? 22  U   A "C5'" 1 
ATOM   456 C  "C4'" . U   A 1 22 ? -11.633 -1.136  -12.230 1.00 45.88 ? 22  U   A "C4'" 1 
ATOM   457 O  "O4'" . U   A 1 22 ? -12.663 -1.979  -11.664 1.00 48.97 ? 22  U   A "O4'" 1 
ATOM   458 C  "C3'" . U   A 1 22 ? -10.937 -0.567  -11.007 1.00 49.42 ? 22  U   A "C3'" 1 
ATOM   459 O  "O3'" . U   A 1 22 ? -10.234 0.606   -11.417 1.00 51.78 ? 22  U   A "O3'" 1 
ATOM   460 C  "C2'" . U   A 1 22 ? -12.110 -0.320  -10.082 1.00 49.14 ? 22  U   A "C2'" 1 
ATOM   461 O  "O2'" . U   A 1 22 ? -12.907 0.794   -10.375 1.00 56.74 ? 22  U   A "O2'" 1 
ATOM   462 C  "C1'" . U   A 1 22 ? -12.954 -1.554  -10.342 1.00 45.73 ? 22  U   A "C1'" 1 
ATOM   463 N  N1    . U   A 1 22 ? -12.641 -2.673  -9.440  1.00 41.86 ? 22  U   A N1    1 
ATOM   464 C  C2    . U   A 1 22 ? -13.186 -2.646  -8.176  1.00 46.95 ? 22  U   A C2    1 
ATOM   465 O  O2    . U   A 1 22 ? -13.865 -1.723  -7.768  1.00 48.12 ? 22  U   A O2    1 
ATOM   466 N  N3    . U   A 1 22 ? -12.859 -3.720  -7.390  1.00 46.41 ? 22  U   A N3    1 
ATOM   467 C  C4    . U   A 1 22 ? -12.052 -4.780  -7.726  1.00 42.41 ? 22  U   A C4    1 
ATOM   468 O  O4    . U   A 1 22 ? -11.879 -5.689  -6.918  1.00 44.08 ? 22  U   A O4    1 
ATOM   469 C  C5    . U   A 1 22 ? -11.535 -4.733  -9.051  1.00 48.95 ? 22  U   A C5    1 
ATOM   470 C  C6    . U   A 1 22 ? -11.796 -3.677  -9.823  1.00 44.54 ? 22  U   A C6    1 
ATOM   471 P  P     . G   A 1 23 ? -8.940  1.118   -10.649 1.00 57.59 ? 23  G   A P     1 
ATOM   472 O  OP1   . G   A 1 23 ? -8.261  2.102   -11.523 1.00 54.61 ? 23  G   A OP1   1 
ATOM   473 O  OP2   . G   A 1 23 ? -8.155  -0.080  -10.219 1.00 53.28 ? 23  G   A OP2   1 
ATOM   474 O  "O5'" . G   A 1 23 ? -9.554  1.636   -9.282  1.00 50.56 ? 23  G   A "O5'" 1 
ATOM   475 C  "C5'" . G   A 1 23 ? -10.209 2.889   -9.187  1.00 53.74 ? 23  G   A "C5'" 1 
ATOM   476 C  "C4'" . G   A 1 23 ? -10.771 3.015   -7.816  1.00 58.35 ? 23  G   A "C4'" 1 
ATOM   477 O  "O4'" . G   A 1 23 ? -11.563 1.848   -7.510  1.00 60.22 ? 23  G   A "O4'" 1 
ATOM   478 C  "C3'" . G   A 1 23 ? -9.761  3.014   -6.687  1.00 59.82 ? 23  G   A "C3'" 1 
ATOM   479 O  "O3'" . G   A 1 23 ? -9.103  4.238   -6.505  1.00 58.78 ? 23  G   A "O3'" 1 
ATOM   480 C  "C2'" . G   A 1 23 ? -10.658 2.709   -5.503  1.00 58.81 ? 23  G   A "C2'" 1 
ATOM   481 O  "O2'" . G   A 1 23 ? -11.438 3.808   -5.089  1.00 60.63 ? 23  G   A "O2'" 1 
ATOM   482 C  "C1'" . G   A 1 23 ? -11.549 1.629   -6.107  1.00 58.35 ? 23  G   A "C1'" 1 
ATOM   483 N  N9    . G   A 1 23 ? -11.107 0.259   -5.862  1.00 47.39 ? 23  G   A N9    1 
ATOM   484 C  C8    . G   A 1 23 ? -10.462 -0.579  -6.740  1.00 49.69 ? 23  G   A C8    1 
ATOM   485 N  N7    . G   A 1 23 ? -10.248 -1.767  -6.248  1.00 51.82 ? 23  G   A N7    1 
ATOM   486 C  C5    . G   A 1 23 ? -10.743 -1.697  -4.954  1.00 50.20 ? 23  G   A C5    1 
ATOM   487 C  C6    . G   A 1 23 ? -10.750 -2.664  -3.925  1.00 49.08 ? 23  G   A C6    1 
ATOM   488 O  O6    . G   A 1 23 ? -10.353 -3.832  -3.969  1.00 45.38 ? 23  G   A O6    1 
ATOM   489 N  N1    . G   A 1 23 ? -11.372 -2.187  -2.778  1.00 45.34 ? 23  G   A N1    1 
ATOM   490 C  C2    . G   A 1 23 ? -11.858 -0.916  -2.615  1.00 52.04 ? 23  G   A C2    1 
ATOM   491 N  N2    . G   A 1 23 ? -12.376 -0.638  -1.410  1.00 51.45 ? 23  G   A N2    1 
ATOM   492 N  N3    . G   A 1 23 ? -11.830 0.013   -3.560  1.00 46.82 ? 23  G   A N3    1 
ATOM   493 C  C4    . G   A 1 23 ? -11.289 -0.455  -4.706  1.00 51.65 ? 23  G   A C4    1 
ATOM   494 P  P     . C   A 1 24 ? -7.575  4.252   -5.958  1.00 62.35 ? 24  C   A P     1 
ATOM   495 O  OP1   . C   A 1 24 ? -7.081  5.649   -6.117  1.00 66.96 ? 24  C   A OP1   1 
ATOM   496 O  OP2   . C   A 1 24 ? -6.840  3.134   -6.579  1.00 61.13 ? 24  C   A OP2   1 
ATOM   497 O  "O5'" . C   A 1 24 ? -7.767  3.869   -4.431  1.00 50.88 ? 24  C   A "O5'" 1 
ATOM   498 C  "C5'" . C   A 1 24 ? -8.301  4.862   -3.556  1.00 48.72 ? 24  C   A "C5'" 1 
ATOM   499 C  "C4'" . C   A 1 24 ? -8.664  4.212   -2.283  1.00 50.91 ? 24  C   A "C4'" 1 
ATOM   500 O  "O4'" . C   A 1 24 ? -9.380  2.989   -2.577  1.00 52.72 ? 24  C   A "O4'" 1 
ATOM   501 C  "C3'" . C   A 1 24 ? -7.471  3.709   -1.490  1.00 51.99 ? 24  C   A "C3'" 1 
ATOM   502 O  "O3'" . C   A 1 24 ? -6.751  4.747   -0.816  1.00 52.84 ? 24  C   A "O3'" 1 
ATOM   503 C  "C2'" . C   A 1 24 ? -8.146  2.718   -0.561  1.00 57.10 ? 24  C   A "C2'" 1 
ATOM   504 O  "O2'" . C   A 1 24 ? -8.735  3.349   0.559   1.00 53.38 ? 24  C   A "O2'" 1 
ATOM   505 C  "C1'" . C   A 1 24 ? -9.144  2.054   -1.520  1.00 57.31 ? 24  C   A "C1'" 1 
ATOM   506 N  N1    . C   A 1 24 ? -8.646  0.792   -2.107  1.00 47.59 ? 24  C   A N1    1 
ATOM   507 C  C2    . C   A 1 24 ? -8.669  -0.369  -1.336  1.00 46.68 ? 24  C   A C2    1 
ATOM   508 O  O2    . C   A 1 24 ? -9.097  -0.312  -0.181  1.00 46.74 ? 24  C   A O2    1 
ATOM   509 N  N3    . C   A 1 24 ? -8.264  -1.533  -1.883  1.00 45.24 ? 24  C   A N3    1 
ATOM   510 C  C4    . C   A 1 24 ? -7.728  -1.541  -3.101  1.00 43.22 ? 24  C   A C4    1 
ATOM   511 N  N4    . C   A 1 24 ? -7.322  -2.710  -3.593  1.00 47.64 ? 24  C   A N4    1 
ATOM   512 C  C5    . C   A 1 24 ? -7.679  -0.370  -3.909  1.00 54.37 ? 24  C   A C5    1 
ATOM   513 C  C6    . C   A 1 24 ? -8.101  0.775   -3.360  1.00 49.78 ? 24  C   A C6    1 
ATOM   514 P  P     . U   A 1 25 ? -5.120  4.657   -0.703  1.00 55.22 ? 25  U   A P     1 
ATOM   515 O  OP1   . U   A 1 25 ? -4.659  5.940   -0.150  1.00 61.08 ? 25  U   A OP1   1 
ATOM   516 O  OP2   . U   A 1 25 ? -4.544  4.152   -1.965  1.00 54.45 ? 25  U   A OP2   1 
ATOM   517 O  "O5'" . U   A 1 25 ? -4.904  3.450   0.310   1.00 47.95 ? 25  U   A "O5'" 1 
ATOM   518 C  "C5'" . U   A 1 25 ? -5.526  3.471   1.610   1.00 51.72 ? 25  U   A "C5'" 1 
ATOM   519 C  "C4'" . U   A 1 25 ? -5.383  2.136   2.281   1.00 48.91 ? 25  U   A "C4'" 1 
ATOM   520 O  "O4'" . U   A 1 25 ? -6.109  1.132   1.540   1.00 46.69 ? 25  U   A "O4'" 1 
ATOM   521 C  "C3'" . U   A 1 25 ? -3.974  1.577   2.366   1.00 46.81 ? 25  U   A "C3'" 1 
ATOM   522 O  "O3'" . U   A 1 25 ? -3.306  2.257   3.413   1.00 51.43 ? 25  U   A "O3'" 1 
ATOM   523 C  "C2'" . U   A 1 25 ? -4.255  0.113   2.602   1.00 50.20 ? 25  U   A "C2'" 1 
ATOM   524 O  "O2'" . U   A 1 25 ? -4.706  -0.119  3.908   1.00 54.26 ? 25  U   A "O2'" 1 
ATOM   525 C  "C1'" . U   A 1 25 ? -5.490  -0.110  1.716   1.00 50.14 ? 25  U   A "C1'" 1 
ATOM   526 N  N1    . U   A 1 25 ? -5.165  -0.661  0.400   1.00 42.88 ? 25  U   A N1    1 
ATOM   527 C  C2    . U   A 1 25 ? -5.008  -2.025  0.379   1.00 43.28 ? 25  U   A C2    1 
ATOM   528 O  O2    . U   A 1 25 ? -5.187  -2.723  1.363   1.00 43.37 ? 25  U   A O2    1 
ATOM   529 N  N3    . U   A 1 25 ? -4.704  -2.553  -0.844  1.00 48.10 ? 25  U   A N3    1 
ATOM   530 C  C4    . U   A 1 25 ? -4.484  -1.871  -2.016  1.00 47.41 ? 25  U   A C4    1 
ATOM   531 O  O4    . U   A 1 25 ? -4.189  -2.504  -3.031  1.00 46.10 ? 25  U   A O4    1 
ATOM   532 C  C5    . U   A 1 25 ? -4.606  -0.444  -1.906  1.00 43.54 ? 25  U   A C5    1 
ATOM   533 C  C6    . U   A 1 25 ? -4.930  0.100   -0.718  1.00 45.65 ? 25  U   A C6    1 
ATOM   534 P  P     . A   A 1 26 ? -1.688  2.368   3.454   1.00 51.74 ? 26  A   A P     1 
ATOM   535 O  OP1   . A   A 1 26 ? -1.322  3.492   4.306   1.00 50.13 ? 26  A   A OP1   1 
ATOM   536 O  OP2   . A   A 1 26 ? -1.111  2.336   2.075   1.00 49.93 ? 26  A   A OP2   1 
ATOM   537 O  "O5'" . A   A 1 26 ? -1.274  1.011   4.175   1.00 51.14 ? 26  A   A "O5'" 1 
ATOM   538 C  "C5'" . A   A 1 26 ? 0.094   0.967   4.629   1.00 45.27 ? 26  A   A "C5'" 1 
ATOM   539 C  "C4'" . A   A 1 26 ? 0.418   -0.373  5.169   1.00 44.23 ? 26  A   A "C4'" 1 
ATOM   540 O  "O4'" . A   A 1 26 ? 0.322   -1.370  4.106   1.00 44.20 ? 26  A   A "O4'" 1 
ATOM   541 C  "C3'" . A   A 1 26 ? 1.825   -0.513  5.761   1.00 48.15 ? 26  A   A "C3'" 1 
ATOM   542 O  "O3'" . A   A 1 26 ? 1.615   -1.497  6.801   1.00 43.82 ? 26  A   A "O3'" 1 
ATOM   543 C  "C2'" . A   A 1 26 ? 2.605   -1.070  4.567   1.00 49.48 ? 26  A   A "C2'" 1 
ATOM   544 O  "O2'" . A   A 1 26 ? 3.732   -1.801  4.997   1.00 51.61 ? 26  A   A "O2'" 1 
ATOM   545 C  "C1'" . A   A 1 26 ? 1.560   -2.022  3.985   1.00 43.80 ? 26  A   A "C1'" 1 
ATOM   546 N  N9    . A   A 1 26 ? 1.741   -2.467  2.602   1.00 44.65 ? 26  A   A N9    1 
ATOM   547 C  C8    . A   A 1 26 ? 1.709   -1.750  1.430   1.00 42.51 ? 26  A   A C8    1 
ATOM   548 N  N7    . A   A 1 26 ? 1.906   -2.481  0.357   1.00 36.46 ? 26  A   A N7    1 
ATOM   549 C  C5    . A   A 1 26 ? 2.023   -3.766  0.851   1.00 40.30 ? 26  A   A C5    1 
ATOM   550 C  C6    . A   A 1 26 ? 2.294   -4.977  0.226   1.00 43.76 ? 26  A   A C6    1 
ATOM   551 N  N6    . A   A 1 26 ? 2.416   -5.107  -1.104  1.00 44.03 ? 26  A   A N6    1 
ATOM   552 N  N1    . A   A 1 26 ? 2.448   -6.069  1.009   1.00 41.60 ? 26  A   A N1    1 
ATOM   553 C  C2    . A   A 1 26 ? 2.312   -5.930  2.340   1.00 49.40 ? 26  A   A C2    1 
ATOM   554 N  N3    . A   A 1 26 ? 2.028   -4.839  3.045   1.00 41.72 ? 26  A   A N3    1 
ATOM   555 C  C4    . A   A 1 26 ? 1.938   -3.772  2.237   1.00 39.54 ? 26  A   A C4    1 
ATOM   556 P  P     . U   A 1 27 ? 2.548   -1.563  8.170   1.00 45.74 ? 27  U   A P     1 
ATOM   557 O  OP1   . U   A 1 27 ? 1.590   -1.602  9.278   1.00 54.56 ? 27  U   A OP1   1 
ATOM   558 O  OP2   . U   A 1 27 ? 3.527   -0.523  8.026   1.00 46.65 ? 27  U   A OP2   1 
ATOM   559 O  "O5'" . U   A 1 27 ? 3.185   -3.024  8.002   1.00 49.61 ? 27  U   A "O5'" 1 
ATOM   560 C  "C5'" . U   A 1 27 ? 3.745   -3.759  9.090   1.00 46.13 ? 27  U   A "C5'" 1 
ATOM   561 C  "C4'" . U   A 1 27 ? 3.892   -5.197  8.674   1.00 47.73 ? 27  U   A "C4'" 1 
ATOM   562 O  "O4'" . U   A 1 27 ? 2.583   -5.777  8.649   1.00 42.11 ? 27  U   A "O4'" 1 
ATOM   563 C  "C3'" . U   A 1 27 ? 4.488   -5.462  7.299   1.00 46.72 ? 27  U   A "C3'" 1 
ATOM   564 O  "O3'" . U   A 1 27 ? 5.891   -5.580  7.490   1.00 50.61 ? 27  U   A "O3'" 1 
ATOM   565 C  "C2'" . U   A 1 27 ? 3.858   -6.793  6.928   1.00 49.60 ? 27  U   A "C2'" 1 
ATOM   566 O  "O2'" . U   A 1 27 ? 4.493   -7.922  7.488   1.00 49.80 ? 27  U   A "O2'" 1 
ATOM   567 C  "C1'" . U   A 1 27 ? 2.450   -6.648  7.536   1.00 52.52 ? 27  U   A "C1'" 1 
ATOM   568 N  N1    . U   A 1 27 ? 1.414   -6.098  6.626   1.00 43.76 ? 27  U   A N1    1 
ATOM   569 C  C2    . U   A 1 27 ? 1.060   -6.890  5.553   1.00 50.00 ? 27  U   A C2    1 
ATOM   570 O  O2    . U   A 1 27 ? 1.579   -7.975  5.339   1.00 46.65 ? 27  U   A O2    1 
ATOM   571 N  N3    . U   A 1 27 ? 0.062   -6.381  4.759   1.00 47.93 ? 27  U   A N3    1 
ATOM   572 C  C4    . U   A 1 27 ? -0.562  -5.157  4.881   1.00 51.30 ? 27  U   A C4    1 
ATOM   573 O  O4    . U   A 1 27 ? -1.373  -4.801  4.023   1.00 43.92 ? 27  U   A O4    1 
ATOM   574 C  C5    . U   A 1 27 ? -0.150  -4.391  6.023   1.00 48.30 ? 27  U   A C5    1 
ATOM   575 C  C6    . U   A 1 27 ? 0.789   -4.891  6.852   1.00 42.53 ? 27  U   A C6    1 
ATOM   576 P  P     . G   A 1 28 ? 6.965   -5.075  6.397   1.00 49.10 ? 28  G   A P     1 
ATOM   577 O  OP1   . G   A 1 28 ? 8.279   -5.708  6.788   1.00 54.05 ? 28  G   A OP1   1 
ATOM   578 O  OP2   . G   A 1 28 ? 6.944   -3.611  6.347   1.00 40.46 ? 28  G   A OP2   1 
ATOM   579 O  "O5'" . G   A 1 28 ? 6.347   -5.646  5.030   1.00 47.91 ? 28  G   A "O5'" 1 
ATOM   580 C  "C5'" . G   A 1 28 ? 6.557   -7.010  4.556   1.00 50.50 ? 28  G   A "C5'" 1 
ATOM   581 C  "C4'" . G   A 1 28 ? 6.905   -6.969  3.080   1.00 46.76 ? 28  G   A "C4'" 1 
ATOM   582 O  "O4'" . G   A 1 28 ? 5.757   -6.474  2.347   1.00 43.90 ? 28  G   A "O4'" 1 
ATOM   583 C  "C3'" . G   A 1 28 ? 8.002   -5.974  2.723   1.00 47.34 ? 28  G   A "C3'" 1 
ATOM   584 O  "O3'" . G   A 1 28 ? 9.190   -6.700  2.930   1.00 54.82 ? 28  G   A "O3'" 1 
ATOM   585 C  "C2'" . G   A 1 28 ? 7.708   -5.693  1.260   1.00 50.29 ? 28  G   A "C2'" 1 
ATOM   586 O  "O2'" . G   A 1 28 ? 7.966   -6.780  0.377   1.00 47.06 ? 28  G   A "O2'" 1 
ATOM   587 C  "C1'" . G   A 1 28 ? 6.187   -5.628  1.303   1.00 45.44 ? 28  G   A "C1'" 1 
ATOM   588 N  N9    . G   A 1 28 ? 5.685   -4.298  1.544   1.00 40.78 ? 28  G   A N9    1 
ATOM   589 C  C8    . G   A 1 28 ? 5.139   -3.789  2.702   1.00 40.22 ? 28  G   A C8    1 
ATOM   590 N  N7    . G   A 1 28 ? 4.826   -2.526  2.607   1.00 41.66 ? 28  G   A N7    1 
ATOM   591 C  C5    . G   A 1 28 ? 5.176   -2.186  1.302   1.00 38.04 ? 28  G   A C5    1 
ATOM   592 C  C6    . G   A 1 28 ? 5.053   -0.961  0.611   1.00 39.65 ? 28  G   A C6    1 
ATOM   593 O  O6    . G   A 1 28 ? 4.553   0.095   1.004   1.00 41.12 ? 28  G   A O6    1 
ATOM   594 N  N1    . G   A 1 28 ? 5.514   -1.062  -0.702  1.00 40.85 ? 28  G   A N1    1 
ATOM   595 C  C2    . G   A 1 28 ? 6.074   -2.185  -1.258  1.00 39.93 ? 28  G   A C2    1 
ATOM   596 N  N2    . G   A 1 28 ? 6.549   -2.049  -2.511  1.00 41.02 ? 28  G   A N2    1 
ATOM   597 N  N3    . G   A 1 28 ? 6.211   -3.335  -0.616  1.00 40.09 ? 28  G   A N3    1 
ATOM   598 C  C4    . G   A 1 28 ? 5.752   -3.260  0.654   1.00 42.04 ? 28  G   A C4    1 
ATOM   599 P  P     . C   A 1 29 ? 10.540  -5.979  3.088   1.00 54.11 ? 29  C   A P     1 
ATOM   600 O  OP1   . C   A 1 29 ? 11.559  -7.071  3.307   1.00 57.76 ? 29  C   A OP1   1 
ATOM   601 O  OP2   . C   A 1 29 ? 10.432  -4.829  4.032   1.00 45.54 ? 29  C   A OP2   1 
ATOM   602 O  "O5'" . C   A 1 29 ? 10.672  -5.214  1.681   1.00 49.58 ? 29  C   A "O5'" 1 
ATOM   603 C  "C5'" . C   A 1 29 ? 11.168  -3.890  1.603   1.00 45.59 ? 29  C   A "C5'" 1 
ATOM   604 C  "C4'" . C   A 1 29 ? 11.019  -3.420  0.187   1.00 39.74 ? 29  C   A "C4'" 1 
ATOM   605 O  "O4'" . C   A 1 29 ? 9.623   -3.072  0.021   1.00 41.94 ? 29  C   A "O4'" 1 
ATOM   606 C  "C3'" . C   A 1 29 ? 11.763  -2.148  -0.119  1.00 44.13 ? 29  C   A "C3'" 1 
ATOM   607 O  "O3'" . C   A 1 29 ? 13.109  -2.340  -0.582  1.00 48.84 ? 29  C   A "O3'" 1 
ATOM   608 C  "C2'" . C   A 1 29 ? 10.908  -1.510  -1.192  1.00 47.29 ? 29  C   A "C2'" 1 
ATOM   609 O  "O2'" . C   A 1 29 ? 11.303  -2.093  -2.422  1.00 52.15 ? 29  C   A "O2'" 1 
ATOM   610 C  "C1'" . C   A 1 29 ? 9.513   -1.867  -0.696  1.00 43.78 ? 29  C   A "C1'" 1 
ATOM   611 N  N1    . C   A 1 29 ? 8.869   -0.858  0.164   1.00 43.53 ? 29  C   A N1    1 
ATOM   612 C  C2    . C   A 1 29 ? 8.470   0.322   -0.445  1.00 45.91 ? 29  C   A C2    1 
ATOM   613 O  O2    . C   A 1 29 ? 8.759   0.499   -1.633  1.00 43.87 ? 29  C   A O2    1 
ATOM   614 N  N3    . C   A 1 29 ? 7.880   1.289   0.299   1.00 42.38 ? 29  C   A N3    1 
ATOM   615 C  C4    . C   A 1 29 ? 7.593   1.059   1.580   1.00 46.06 ? 29  C   A C4    1 
ATOM   616 N  N4    . C   A 1 29 ? 6.974   2.037   2.265   1.00 47.98 ? 29  C   A N4    1 
ATOM   617 C  C5    . C   A 1 29 ? 7.934   -0.171  2.221   1.00 43.92 ? 29  C   A C5    1 
ATOM   618 C  C6    . C   A 1 29 ? 8.543   -1.108  1.472   1.00 47.21 ? 29  C   A C6    1 
ATOM   619 P  P     . C   A 1 30 ? 14.324  -1.364  -0.090  1.00 50.39 ? 30  C   A P     1 
ATOM   620 O  OP1   . C   A 1 30 ? 15.623  -2.053  -0.377  1.00 55.63 ? 30  C   A OP1   1 
ATOM   621 O  OP2   . C   A 1 30 ? 14.037  -0.887  1.286   1.00 50.45 ? 30  C   A OP2   1 
ATOM   622 O  "O5'" . C   A 1 30 ? 14.269  -0.091  -1.020  1.00 43.92 ? 30  C   A "O5'" 1 
ATOM   623 C  "C5'" . C   A 1 30 ? 14.383  -0.209  -2.403  1.00 52.15 ? 30  C   A "C5'" 1 
ATOM   624 C  "C4'" . C   A 1 30 ? 14.103  1.120   -3.017  1.00 54.41 ? 30  C   A "C4'" 1 
ATOM   625 O  "O4'" . C   A 1 30 ? 12.681  1.427   -2.978  1.00 54.03 ? 30  C   A "O4'" 1 
ATOM   626 C  "C3'" . C   A 1 30 ? 14.747  2.339   -2.379  1.00 51.96 ? 30  C   A "C3'" 1 
ATOM   627 O  "O3'" . C   A 1 30 ? 16.070  2.572   -2.810  1.00 58.40 ? 30  C   A "O3'" 1 
ATOM   628 C  "C2'" . C   A 1 30 ? 13.922  3.443   -3.007  1.00 50.63 ? 30  C   A "C2'" 1 
ATOM   629 O  "O2'" . C   A 1 30 ? 14.122  3.712   -4.368  1.00 52.30 ? 30  C   A "O2'" 1 
ATOM   630 C  "C1'" . C   A 1 30 ? 12.534  2.843   -2.909  1.00 48.68 ? 30  C   A "C1'" 1 
ATOM   631 N  N1    . C   A 1 30 ? 11.868  3.177   -1.644  1.00 49.99 ? 30  C   A N1    1 
ATOM   632 C  C2    . C   A 1 30 ? 11.309  4.434   -1.510  1.00 47.25 ? 30  C   A C2    1 
ATOM   633 O  O2    . C   A 1 30 ? 11.450  5.243   -2.437  1.00 53.74 ? 30  C   A O2    1 
ATOM   634 N  N3    . C   A 1 30 ? 10.625  4.736   -0.386  1.00 50.48 ? 30  C   A N3    1 
ATOM   635 C  C4    . C   A 1 30 ? 10.498  3.824   0.579   1.00 46.75 ? 30  C   A C4    1 
ATOM   636 N  N4    . C   A 1 30 ? 9.806   4.148   1.661   1.00 51.21 ? 30  C   A N4    1 
ATOM   637 C  C5    . C   A 1 30 ? 11.089  2.538   0.479   1.00 44.68 ? 30  C   A C5    1 
ATOM   638 C  C6    . C   A 1 30 ? 11.760  2.262   -0.639  1.00 42.29 ? 30  C   A C6    1 
ATOM   639 P  P     . U   A 1 31 ? 17.138  3.180   -1.808  1.00 59.48 ? 31  U   A P     1 
ATOM   640 O  OP1   . U   A 1 31 ? 18.473  2.929   -2.427  1.00 63.69 ? 31  U   A OP1   1 
ATOM   641 O  OP2   . U   A 1 31 ? 16.860  2.637   -0.449  1.00 56.29 ? 31  U   A OP2   1 
ATOM   642 O  "O5'" . U   A 1 31 ? 16.862  4.747   -1.887  1.00 51.05 ? 31  U   A "O5'" 1 
ATOM   643 C  "C5'" . U   A 1 31 ? 16.892  5.423   -3.167  1.00 55.02 ? 31  U   A "C5'" 1 
ATOM   644 C  "C4'" . U   A 1 31 ? 16.257  6.791   -3.067  1.00 57.28 ? 31  U   A "C4'" 1 
ATOM   645 O  "O4'" . U   A 1 31 ? 14.841  6.663   -2.759  1.00 56.28 ? 31  U   A "O4'" 1 
ATOM   646 C  "C3'" . U   A 1 31 ? 16.770  7.674   -1.942  1.00 59.62 ? 31  U   A "C3'" 1 
ATOM   647 O  "O3'" . U   A 1 31 ? 18.056  8.248   -2.158  1.00 62.75 ? 31  U   A "O3'" 1 
ATOM   648 C  "C2'" . U   A 1 31 ? 15.634  8.676   -1.805  1.00 58.09 ? 31  U   A "C2'" 1 
ATOM   649 O  "O2'" . U   A 1 31 ? 15.640  9.633   -2.833  1.00 59.51 ? 31  U   A "O2'" 1 
ATOM   650 C  "C1'" . U   A 1 31 ? 14.415  7.773   -1.991  1.00 53.76 ? 31  U   A "C1'" 1 
ATOM   651 N  N1    . U   A 1 31 ? 13.852  7.282   -0.724  1.00 52.29 ? 31  U   A N1    1 
ATOM   652 C  C2    . U   A 1 31 ? 13.037  8.145   -0.016  1.00 55.57 ? 31  U   A C2    1 
ATOM   653 O  O2    . U   A 1 31 ? 12.815  9.285   -0.375  1.00 52.38 ? 31  U   A O2    1 
ATOM   654 N  N3    . U   A 1 31 ? 12.524  7.628   1.147   1.00 49.71 ? 31  U   A N3    1 
ATOM   655 C  C4    . U   A 1 31 ? 12.772  6.385   1.684   1.00 46.60 ? 31  U   A C4    1 
ATOM   656 O  O4    . U   A 1 31 ? 12.244  6.069   2.737   1.00 47.04 ? 31  U   A O4    1 
ATOM   657 C  C5    . U   A 1 31 ? 13.619  5.551   0.891   1.00 49.73 ? 31  U   A C5    1 
ATOM   658 C  C6    . U   A 1 31 ? 14.142  6.028   -0.244  1.00 48.66 ? 31  U   A C6    1 
ATOM   659 P  P     . G   A 1 32 ? 18.936  8.692   -0.860  1.00 74.16 ? 32  G   A P     1 
ATOM   660 O  OP1   . G   A 1 32 ? 20.274  9.137   -1.342  1.00 71.72 ? 32  G   A OP1   1 
ATOM   661 O  OP2   . G   A 1 32 ? 18.842  7.610   0.158   1.00 72.23 ? 32  G   A OP2   1 
ATOM   662 O  "O5'" . G   A 1 32 ? 18.063  9.868   -0.225  1.00 64.84 ? 32  G   A "O5'" 1 
ATOM   663 C  "C5'" . G   A 1 32 ? 18.097  11.200  -0.773  1.00 63.17 ? 32  G   A "C5'" 1 
ATOM   664 C  "C4'" . G   A 1 32 ? 17.142  12.077  -0.005  1.00 60.79 ? 32  G   A "C4'" 1 
ATOM   665 O  "O4'" . G   A 1 32 ? 15.899  11.364  0.181   1.00 57.63 ? 32  G   A "O4'" 1 
ATOM   666 C  "C3'" . G   A 1 32 ? 17.549  12.416  1.421   1.00 64.60 ? 32  G   A "C3'" 1 
ATOM   667 O  "O3'" . G   A 1 32 ? 18.588  13.384  1.422   1.00 63.77 ? 32  G   A "O3'" 1 
ATOM   668 C  "C2'" . G   A 1 32 ? 16.212  12.787  2.057   1.00 57.10 ? 32  G   A "C2'" 1 
ATOM   669 O  "O2'" . G   A 1 32 ? 15.648  14.045  1.768   1.00 68.43 ? 32  G   A "O2'" 1 
ATOM   670 C  "C1'" . G   A 1 32 ? 15.294  11.764  1.404   1.00 56.66 ? 32  G   A "C1'" 1 
ATOM   671 N  N9    . G   A 1 32 ? 15.061  10.566  2.199   1.00 63.56 ? 32  G   A N9    1 
ATOM   672 C  C8    . G   A 1 32 ? 15.580  9.305   2.003   1.00 55.37 ? 32  G   A C8    1 
ATOM   673 N  N7    . G   A 1 32 ? 15.127  8.428   2.857   1.00 57.06 ? 32  G   A N7    1 
ATOM   674 C  C5    . G   A 1 32 ? 14.255  9.150   3.662   1.00 53.18 ? 32  G   A C5    1 
ATOM   675 C  C6    . G   A 1 32 ? 13.465  8.740   4.764   1.00 51.30 ? 32  G   A C6    1 
ATOM   676 O  O6    . G   A 1 32 ? 13.360  7.617   5.263   1.00 61.28 ? 32  G   A O6    1 
ATOM   677 N  N1    . G   A 1 32 ? 12.752  9.803   5.305   1.00 58.23 ? 32  G   A N1    1 
ATOM   678 C  C2    . G   A 1 32 ? 12.773  11.091  4.834   1.00 55.63 ? 32  G   A C2    1 
ATOM   679 N  N2    . G   A 1 32 ? 11.991  11.974  5.480   1.00 57.02 ? 32  G   A N2    1 
ATOM   680 N  N3    . G   A 1 32 ? 13.502  11.489  3.806   1.00 59.68 ? 32  G   A N3    1 
ATOM   681 C  C4    . G   A 1 32 ? 14.216  10.475  3.275   1.00 58.01 ? 32  G   A C4    1 
ATOM   682 P  P     . C   A 1 33 ? 19.570  13.505  2.674   1.00 62.12 ? 33  C   A P     1 
ATOM   683 O  OP1   . C   A 1 33 ? 20.524  14.575  2.357   1.00 74.67 ? 33  C   A OP1   1 
ATOM   684 O  OP2   . C   A 1 33 ? 20.069  12.163  3.028   1.00 59.95 ? 33  C   A OP2   1 
ATOM   685 O  "O5'" . C   A 1 33 ? 18.577  13.919  3.839   1.00 57.48 ? 33  C   A "O5'" 1 
ATOM   686 C  "C5'" . C   A 1 33 ? 18.210  15.285  4.033   1.00 62.87 ? 33  C   A "C5'" 1 
ATOM   687 C  "C4'" . C   A 1 33 ? 17.172  15.391  5.122   1.00 62.06 ? 33  C   A "C4'" 1 
ATOM   688 O  "O4'" . C   A 1 33 ? 16.103  14.430  4.910   1.00 61.21 ? 33  C   A "O4'" 1 
ATOM   689 C  "C3'" . C   A 1 33 ? 17.645  15.102  6.533   1.00 65.05 ? 33  C   A "C3'" 1 
ATOM   690 O  "O3'" . C   A 1 33 ? 18.480  16.149  7.019   1.00 64.94 ? 33  C   A "O3'" 1 
ATOM   691 C  "C2'" . C   A 1 33 ? 16.321  14.823  7.242   1.00 63.16 ? 33  C   A "C2'" 1 
ATOM   692 O  "O2'" . C   A 1 33 ? 15.510  15.894  7.698   1.00 66.82 ? 33  C   A "O2'" 1 
ATOM   693 C  "C1'" . C   A 1 33 ? 15.582  14.018  6.164   1.00 64.29 ? 33  C   A "C1'" 1 
ATOM   694 N  N1    . C   A 1 33 ? 15.791  12.561  6.278   1.00 54.85 ? 33  C   A N1    1 
ATOM   695 C  C2    . C   A 1 33 ? 15.056  11.857  7.234   1.00 63.67 ? 33  C   A C2    1 
ATOM   696 O  O2    . C   A 1 33 ? 14.267  12.482  7.963   1.00 59.48 ? 33  C   A O2    1 
ATOM   697 N  N3    . C   A 1 33 ? 15.234  10.515  7.354   1.00 58.69 ? 33  C   A N3    1 
ATOM   698 C  C4    . C   A 1 33 ? 16.100  9.886   6.556   1.00 53.58 ? 33  C   A C4    1 
ATOM   699 N  N4    . C   A 1 33 ? 16.225  8.565   6.694   1.00 59.24 ? 33  C   A N4    1 
ATOM   700 C  C5    . C   A 1 33 ? 16.850  10.579  5.558   1.00 59.83 ? 33  C   A C5    1 
ATOM   701 C  C6    . C   A 1 33 ? 16.701  11.911  5.488   1.00 54.45 ? 33  C   A C6    1 
ATOM   702 P  P     . U   A 1 34 ? 19.612  15.858  8.158   1.00 69.98 ? 34  U   A P     1 
ATOM   703 O  OP1   . U   A 1 34 ? 20.053  17.174  8.715   1.00 86.23 ? 34  U   A OP1   1 
ATOM   704 O  OP2   . U   A 1 34 ? 20.630  14.930  7.603   1.00 62.59 ? 34  U   A OP2   1 
ATOM   705 O  "O5'" . U   A 1 34 ? 18.814  15.070  9.279   1.00 54.98 ? 34  U   A "O5'" 1 
ATOM   706 C  "C5'" . U   A 1 34 ? 17.830  15.708  10.079  1.00 58.44 ? 34  U   A "C5'" 1 
ATOM   707 C  "C4'" . U   A 1 34 ? 17.274  14.718  11.062  1.00 59.45 ? 34  U   A "C4'" 1 
ATOM   708 O  "O4'" . U   A 1 34 ? 16.607  13.634  10.369  1.00 59.36 ? 34  U   A "O4'" 1 
ATOM   709 C  "C3'" . U   A 1 34 ? 18.270  14.014  11.966  1.00 62.17 ? 34  U   A "C3'" 1 
ATOM   710 O  "O3'" . U   A 1 34 ? 18.462  14.864  13.081  1.00 75.71 ? 34  U   A "O3'" 1 
ATOM   711 C  "C2'" . U   A 1 34 ? 17.464  12.809  12.424  1.00 61.15 ? 34  U   A "C2'" 1 
ATOM   712 O  "O2'" . U   A 1 34 ? 16.493  13.147  13.401  1.00 56.76 ? 34  U   A "O2'" 1 
ATOM   713 C  "C1'" . U   A 1 34 ? 16.715  12.441  11.138  1.00 57.27 ? 34  U   A "C1'" 1 
ATOM   714 N  N1    . U   A 1 34 ? 17.395  11.435  10.311  1.00 53.31 ? 34  U   A N1    1 
ATOM   715 C  C2    . U   A 1 34 ? 17.125  10.095  10.543  1.00 51.78 ? 34  U   A C2    1 
ATOM   716 O  O2    . U   A 1 34 ? 16.366  9.711   11.414  1.00 51.27 ? 34  U   A O2    1 
ATOM   717 N  N3    . U   A 1 34 ? 17.739  9.225   9.677   1.00 49.14 ? 34  U   A N3    1 
ATOM   718 C  C4    . U   A 1 34 ? 18.609  9.539   8.657   1.00 47.06 ? 34  U   A C4    1 
ATOM   719 O  O4    . U   A 1 34 ? 19.106  8.634   7.984   1.00 48.49 ? 34  U   A O4    1 
ATOM   720 C  C5    . U   A 1 34 ? 18.846  10.945  8.486   1.00 53.26 ? 34  U   A C5    1 
ATOM   721 C  C6    . U   A 1 34 ? 18.247  11.820  9.302   1.00 49.24 ? 34  U   A C6    1 
ATOM   722 P  P     . G   A 1 35 ? 19.841  14.880  13.893  1.00 68.86 ? 35  G   A P     1 
ATOM   723 O  OP1   . G   A 1 35 ? 19.872  16.171  14.642  1.00 84.50 ? 35  G   A OP1   1 
ATOM   724 O  OP2   . G   A 1 35 ? 20.990  14.542  12.985  1.00 57.34 ? 35  G   A OP2   1 
ATOM   725 O  "O5'" . G   A 1 35 ? 19.664  13.710  14.968  1.00 73.27 ? 35  G   A "O5'" 1 
ATOM   726 C  "C5'" . G   A 1 35 ? 18.670  13.786  15.997  1.00 70.18 ? 35  G   A "C5'" 1 
ATOM   727 C  "C4'" . G   A 1 35 ? 18.640  12.490  16.763  1.00 70.43 ? 35  G   A "C4'" 1 
ATOM   728 O  "O4'" . G   A 1 35 ? 18.444  11.417  15.804  1.00 70.91 ? 35  G   A "O4'" 1 
ATOM   729 C  "C3'" . G   A 1 35 ? 19.919  12.172  17.541  1.00 64.53 ? 35  G   A "C3'" 1 
ATOM   730 O  "O3'" . G   A 1 35 ? 19.824  11.428  18.757  1.00 74.03 ? 35  G   A "O3'" 1 
ATOM   731 C  "C2'" . G   A 1 35 ? 20.699  11.270  16.600  1.00 67.16 ? 35  G   A "C2'" 1 
ATOM   732 O  "O2'" . G   A 1 35 ? 21.441  10.412  17.463  1.00 68.92 ? 35  G   A "O2'" 1 
ATOM   733 C  "C1'" . G   A 1 35 ? 19.579  10.582  15.806  1.00 62.55 ? 35  G   A "C1'" 1 
ATOM   734 N  N9    . G   A 1 35 ? 19.901  10.218  14.425  1.00 61.33 ? 35  G   A N9    1 
ATOM   735 C  C8    . G   A 1 35 ? 20.482  10.983  13.439  1.00 67.60 ? 35  G   A C8    1 
ATOM   736 N  N7    . G   A 1 35 ? 20.638  10.335  12.314  1.00 58.99 ? 35  G   A N7    1 
ATOM   737 C  C5    . G   A 1 35 ? 20.160  9.061   12.581  1.00 52.24 ? 35  G   A C5    1 
ATOM   738 C  C6    . G   A 1 35 ? 20.065  7.911   11.742  1.00 48.63 ? 35  G   A C6    1 
ATOM   739 O  O6    . G   A 1 35 ? 20.447  7.773   10.584  1.00 44.65 ? 35  G   A O6    1 
ATOM   740 N  N1    . G   A 1 35 ? 19.502  6.834   12.414  1.00 46.40 ? 35  G   A N1    1 
ATOM   741 C  C2    . G   A 1 35 ? 19.099  6.845   13.721  1.00 48.08 ? 35  G   A C2    1 
ATOM   742 N  N2    . G   A 1 35 ? 18.571  5.710   14.173  1.00 45.57 ? 35  G   A N2    1 
ATOM   743 N  N3    . G   A 1 35 ? 19.136  7.916   14.501  1.00 47.92 ? 35  G   A N3    1 
ATOM   744 C  C4    . G   A 1 35 ? 19.670  8.982   13.868  1.00 50.81 ? 35  G   A C4    1 
HETATM 745 MG MG    . MG  B 2 .  ? -4.872  -6.939  -2.715  1.00 68.77 ? 101 MG  A MG    1 
HETATM 746 MG MG    . MG  C 2 .  ? -18.526 -9.925  -1.035  1.00 72.84 ? 102 MG  A MG    1 
HETATM 747 MG MG    . MG  D 2 .  ? -11.889 -9.907  -6.678  1.00 67.37 ? 103 MG  A MG    1 
HETATM 748 MG MG    . MG  E 2 .  ? 9.449   -0.518  -4.053  1.00 65.59 ? 104 MG  A MG    1 
HETATM 749 MG MG    . MG  F 2 .  ? 14.125  3.219   5.435   1.00 59.43 ? 105 MG  A MG    1 
HETATM 750 O  O     . HOH G 3 .  ? 20.638  9.052   6.128   1.00 52.52 ? 201 HOH A O     1 
HETATM 751 O  O     . HOH G 3 .  ? 18.997  1.646   15.307  1.00 48.65 ? 202 HOH A O     1 
HETATM 752 O  O     . HOH G 3 .  ? -15.160 -2.935  -13.415 1.00 50.39 ? 203 HOH A O     1 
HETATM 753 O  O     . HOH G 3 .  ? -22.411 -14.485 -12.697 1.00 44.79 ? 204 HOH A O     1 
HETATM 754 O  O     . HOH G 3 .  ? -1.006  -1.502  8.883   1.00 46.70 ? 205 HOH A O     1 
HETATM 755 O  O     . HOH G 3 .  ? 10.859  -5.179  6.816   1.00 58.57 ? 206 HOH A O     1 
HETATM 756 O  O     . HOH G 3 .  ? 19.684  5.760   6.416   1.00 51.00 ? 207 HOH A O     1 
HETATM 757 O  O     . HOH G 3 .  ? 18.103  -1.219  -0.765  1.00 48.46 ? 208 HOH A O     1 
HETATM 758 O  O     . HOH G 3 .  ? -9.960  -7.478  7.950   1.00 54.40 ? 209 HOH A O     1 
HETATM 759 O  O     . HOH G 3 .  ? -2.373  -2.312  4.147   1.00 49.35 ? 210 HOH A O     1 
HETATM 760 O  O     . HOH G 3 .  ? -21.273 -1.011  3.088   1.00 67.06 ? 211 HOH A O     1 
HETATM 761 O  O     . HOH G 3 .  ? -20.070 -4.283  -10.861 1.00 49.95 ? 212 HOH A O     1 
HETATM 762 O  O     . HOH G 3 .  ? 1.208   -7.439  -9.441  1.00 60.47 ? 213 HOH A O     1 
HETATM 763 O  O     . HOH G 3 .  ? -16.465 -16.408 -12.854 1.00 58.14 ? 214 HOH A O     1 
HETATM 764 O  O     . HOH G 3 .  ? 12.034  -2.679  10.915  1.00 64.25 ? 215 HOH A O     1 
HETATM 765 O  O     . HOH G 3 .  ? 9.217   -8.340  7.571   1.00 56.65 ? 216 HOH A O     1 
HETATM 766 O  O     . HOH G 3 .  ? -7.690  -0.562  -15.153 1.00 63.96 ? 217 HOH A O     1 
HETATM 767 O  O     . HOH G 3 .  ? -13.097 3.013   -12.303 1.00 65.19 ? 218 HOH A O     1 
HETATM 768 O  O     . HOH G 3 .  ? -25.378 -5.884  -15.072 1.00 65.84 ? 219 HOH A O     1 
HETATM 769 O  O     . HOH G 3 .  ? 17.898  5.935   17.076  1.00 54.24 ? 220 HOH A O     1 
HETATM 770 O  O     . HOH G 3 .  ? 10.073  1.896   -5.260  1.00 52.51 ? 221 HOH A O     1 
HETATM 771 O  O     . HOH G 3 .  ? 19.543  -0.272  7.284   1.00 57.88 ? 222 HOH A O     1 
HETATM 772 O  O     . HOH G 3 .  ? 19.027  14.157  20.876  1.00 54.60 ? 223 HOH A O     1 
HETATM 773 O  O     . HOH G 3 .  ? 22.584  8.954   6.987   1.00 50.81 ? 224 HOH A O     1 
HETATM 774 O  O     . HOH G 3 .  ? -2.665  -1.993  6.887   1.00 47.48 ? 225 HOH A O     1 
HETATM 775 O  O     . HOH G 3 .  ? -14.546 -7.580  -0.869  1.00 55.80 ? 226 HOH A O     1 
HETATM 776 O  O     . HOH G 3 .  ? 3.442   1.547   2.779   1.00 53.40 ? 227 HOH A O     1 
HETATM 777 O  O     . HOH G 3 .  ? 5.982   -1.631  6.976   1.00 58.29 ? 228 HOH A O     1 
HETATM 778 O  O     . HOH G 3 .  ? -17.932 -6.065  0.326   1.00 55.80 ? 229 HOH A O     1 
HETATM 779 O  O     . HOH G 3 .  ? 16.302  5.941   3.118   1.00 49.70 ? 230 HOH A O     1 
HETATM 780 O  O     . HOH G 3 .  ? -24.464 -3.007  -0.262  1.00 64.97 ? 231 HOH A O     1 
HETATM 781 O  O     . HOH G 3 .  ? -21.359 -10.253 -4.919  1.00 52.70 ? 232 HOH A O     1 
HETATM 782 O  O     . HOH G 3 .  ? 1.435   1.625   1.295   1.00 44.06 ? 233 HOH A O     1 
HETATM 783 O  O     . HOH G 3 .  ? -15.398 -12.011 -6.967  1.00 51.52 ? 234 HOH A O     1 
HETATM 784 O  O     . HOH G 3 .  ? 14.979  2.170   1.404   1.00 54.36 ? 235 HOH A O     1 
HETATM 785 O  O     . HOH G 3 .  ? -6.578  -2.686  -6.417  1.00 54.06 ? 236 HOH A O     1 
HETATM 786 O  O     . HOH G 3 .  ? -16.732 -9.233  -1.810  1.00 49.62 ? 237 HOH A O     1 
HETATM 787 O  O     . HOH G 3 .  ? -19.877 -8.256  -2.240  1.00 48.07 ? 238 HOH A O     1 
HETATM 788 O  O     . HOH G 3 .  ? -13.076 -8.339  -2.650  1.00 55.03 ? 239 HOH A O     1 
HETATM 789 O  O     . HOH G 3 .  ? 18.111  7.215   4.779   1.00 47.19 ? 240 HOH A O     1 
HETATM 790 O  O     . HOH G 3 .  ? -22.828 -8.071  -4.182  1.00 57.47 ? 241 HOH A O     1 
HETATM 791 O  O     . HOH G 3 .  ? -17.015 -13.974 -5.825  1.00 63.87 ? 242 HOH A O     1 
HETATM 792 O  O     . HOH G 3 .  ? 17.629  4.863   0.851   1.00 58.15 ? 243 HOH A O     1 
HETATM 793 O  O     . HOH G 3 .  ? 9.959   7.006   4.472   1.00 55.59 ? 244 HOH A O     1 
HETATM 794 O  O     . HOH G 3 .  ? -10.640 -8.018  -7.495  1.00 54.84 ? 245 HOH A O     1 
HETATM 795 O  O     . HOH G 3 .  ? 15.193  3.480   3.795   1.00 55.59 ? 246 HOH A O     1 
HETATM 796 O  O     . HOH G 3 .  ? 22.154  11.330  10.211  1.00 59.21 ? 247 HOH A O     1 
HETATM 797 O  O     . HOH G 3 .  ? -13.553 -8.585  -5.932  1.00 50.83 ? 248 HOH A O     1 
HETATM 798 O  O     . HOH G 3 .  ? -12.813 -10.297 -8.745  1.00 51.76 ? 249 HOH A O     1 
HETATM 799 O  O     . HOH G 3 .  ? -0.978  -0.622  -6.338  1.00 62.29 ? 250 HOH A O     1 
HETATM 800 O  O     . HOH G 3 .  ? 12.596  3.831   3.981   1.00 61.82 ? 251 HOH A O     1 
HETATM 801 O  O     . HOH G 3 .  ? 10.162  2.338   3.808   1.00 60.43 ? 252 HOH A O     1 
HETATM 802 O  O     . HOH G 3 .  ? -10.546 -9.628  0.510   1.00 62.37 ? 253 HOH A O     1 
HETATM 803 O  O     . HOH G 3 .  ? -12.716 -11.526 -5.937  1.00 58.47 ? 254 HOH A O     1 
HETATM 804 O  O     . HOH G 3 .  ? 16.868  15.579  0.197   1.00 74.95 ? 255 HOH A O     1 
HETATM 805 O  O     . HOH G 3 .  ? -1.201  1.408   -3.967  1.00 61.32 ? 256 HOH A O     1 
HETATM 806 O  O     . HOH G 3 .  ? -19.688 -11.063 -3.299  1.00 61.14 ? 257 HOH A O     1 
HETATM 807 O  O     . HOH G 3 .  ? -22.193 -15.578 -7.799  1.00 61.38 ? 258 HOH A O     1 
HETATM 808 O  O     . HOH G 3 .  ? -8.547  -7.210  -11.441 1.00 63.67 ? 259 HOH A O     1 
HETATM 809 O  O     . HOH G 3 .  ? 22.355  10.854  2.624   1.00 63.69 ? 260 HOH A O     1 
HETATM 810 O  O     . HOH G 3 .  ? 15.893  2.926   6.648   1.00 60.89 ? 261 HOH A O     1 
HETATM 811 O  O     . HOH G 3 .  ? 16.714  5.481   7.719   1.00 43.25 ? 262 HOH A O     1 
HETATM 812 O  O     . HOH G 3 .  ? 15.136  2.346   9.290   1.00 54.19 ? 263 HOH A O     1 
HETATM 813 O  O     . HOH G 3 .  ? -9.060  -5.328  -5.491  1.00 51.82 ? 264 HOH A O     1 
HETATM 814 O  O     . HOH G 3 .  ? 14.616  5.328   5.878   1.00 48.49 ? 265 HOH A O     1 
# 
loop_
_pdbx_poly_seq_scheme.asym_id 
_pdbx_poly_seq_scheme.entity_id 
_pdbx_poly_seq_scheme.seq_id 
_pdbx_poly_seq_scheme.mon_id 
_pdbx_poly_seq_scheme.ndb_seq_num 
_pdbx_poly_seq_scheme.pdb_seq_num 
_pdbx_poly_seq_scheme.auth_seq_num 
_pdbx_poly_seq_scheme.pdb_mon_id 
_pdbx_poly_seq_scheme.auth_mon_id 
_pdbx_poly_seq_scheme.pdb_strand_id 
_pdbx_poly_seq_scheme.pdb_ins_code 
_pdbx_poly_seq_scheme.hetero 
A 1 1  C   1  1  1  C   C   A . n 
A 1 2  U   2  2  2  U   U   A . n 
A 1 3  G   3  3  3  G   G   A . n 
A 1 4  C   4  4  4  C   C   A . n 
A 1 5  PSU 5  5  5  PSU PSU A . n 
A 1 6  G   6  6  6  G   G   A . n 
A 1 7  G   7  7  7  G   G   A . n 
A 1 8  C   8  8  8  C   C   A . n 
A 1 9  U   9  9  9  U   U   A . n 
A 1 10 A   10 10 10 A   A   A . n 
A 1 11 A   11 11 11 A   A   A . n 
A 1 12 G   12 12 12 G   G   A . n 
A 1 13 G   13 13 13 G   G   A . n 
A 1 14 C   14 14 14 C   C   A . n 
A 1 15 A   15 15 15 A   A   A . n 
A 1 16 U   16 16 16 U   U   A . n 
A 1 17 G   17 17 17 G   G   A . n 
A 1 18 A   18 18 18 A   A   A . n 
A 1 19 A   19 19 19 A   A   A . n 
A 1 20 A   20 20 20 A   A   A . n 
A 1 21 G   21 21 21 G   G   A . n 
A 1 22 U   22 22 22 U   U   A . n 
A 1 23 G   23 23 23 G   G   A . n 
A 1 24 C   24 24 24 C   C   A . n 
A 1 25 U   25 25 25 U   U   A . n 
A 1 26 A   26 26 26 A   A   A . n 
A 1 27 U   27 27 27 U   U   A . n 
A 1 28 G   28 28 28 G   G   A . n 
A 1 29 C   29 29 29 C   C   A . n 
A 1 30 C   30 30 30 C   C   A . n 
A 1 31 U   31 31 31 U   U   A . n 
A 1 32 G   32 32 32 G   G   A . n 
A 1 33 C   33 33 33 C   C   A . n 
A 1 34 U   34 34 34 U   U   A . n 
A 1 35 G   35 35 35 G   G   A . n 
# 
loop_
_pdbx_nonpoly_scheme.asym_id 
_pdbx_nonpoly_scheme.entity_id 
_pdbx_nonpoly_scheme.mon_id 
_pdbx_nonpoly_scheme.ndb_seq_num 
_pdbx_nonpoly_scheme.pdb_seq_num 
_pdbx_nonpoly_scheme.auth_seq_num 
_pdbx_nonpoly_scheme.pdb_mon_id 
_pdbx_nonpoly_scheme.auth_mon_id 
_pdbx_nonpoly_scheme.pdb_strand_id 
_pdbx_nonpoly_scheme.pdb_ins_code 
B 2 MG  1  101 1   MG  MG  A . 
C 2 MG  1  102 1   MG  MG  A . 
D 2 MG  1  103 1   MG  MG  A . 
E 2 MG  1  104 1   MG  MG  A . 
F 2 MG  1  105 1   MG  MG  A . 
G 3 HOH 1  201 110 HOH HOH A . 
G 3 HOH 2  202 109 HOH HOH A . 
G 3 HOH 3  203 112 HOH HOH A . 
G 3 HOH 4  204 2   HOH HOH A . 
G 3 HOH 5  205 14  HOH HOH A . 
G 3 HOH 6  206 88  HOH HOH A . 
G 3 HOH 7  207 5   HOH HOH A . 
G 3 HOH 8  208 13  HOH HOH A . 
G 3 HOH 9  209 16  HOH HOH A . 
G 3 HOH 10 210 4   HOH HOH A . 
G 3 HOH 11 211 94  HOH HOH A . 
G 3 HOH 12 212 10  HOH HOH A . 
G 3 HOH 13 213 35  HOH HOH A . 
G 3 HOH 14 214 42  HOH HOH A . 
G 3 HOH 15 215 28  HOH HOH A . 
G 3 HOH 16 216 8   HOH HOH A . 
G 3 HOH 17 217 65  HOH HOH A . 
G 3 HOH 18 218 105 HOH HOH A . 
G 3 HOH 19 219 92  HOH HOH A . 
G 3 HOH 20 220 40  HOH HOH A . 
G 3 HOH 21 221 15  HOH HOH A . 
G 3 HOH 22 222 23  HOH HOH A . 
G 3 HOH 23 223 99  HOH HOH A . 
G 3 HOH 24 224 72  HOH HOH A . 
G 3 HOH 25 225 27  HOH HOH A . 
G 3 HOH 26 226 3   HOH HOH A . 
G 3 HOH 27 227 6   HOH HOH A . 
G 3 HOH 28 228 9   HOH HOH A . 
G 3 HOH 29 229 12  HOH HOH A . 
G 3 HOH 30 230 18  HOH HOH A . 
G 3 HOH 31 231 19  HOH HOH A . 
G 3 HOH 32 232 21  HOH HOH A . 
G 3 HOH 33 233 22  HOH HOH A . 
G 3 HOH 34 234 29  HOH HOH A . 
G 3 HOH 35 235 30  HOH HOH A . 
G 3 HOH 36 236 33  HOH HOH A . 
G 3 HOH 37 237 38  HOH HOH A . 
G 3 HOH 38 238 39  HOH HOH A . 
G 3 HOH 39 239 43  HOH HOH A . 
G 3 HOH 40 240 44  HOH HOH A . 
G 3 HOH 41 241 47  HOH HOH A . 
G 3 HOH 42 242 54  HOH HOH A . 
G 3 HOH 43 243 55  HOH HOH A . 
G 3 HOH 44 244 59  HOH HOH A . 
G 3 HOH 45 245 60  HOH HOH A . 
G 3 HOH 46 246 63  HOH HOH A . 
G 3 HOH 47 247 69  HOH HOH A . 
G 3 HOH 48 248 71  HOH HOH A . 
G 3 HOH 49 249 74  HOH HOH A . 
G 3 HOH 50 250 75  HOH HOH A . 
G 3 HOH 51 251 78  HOH HOH A . 
G 3 HOH 52 252 80  HOH HOH A . 
G 3 HOH 53 253 81  HOH HOH A . 
G 3 HOH 54 254 82  HOH HOH A . 
G 3 HOH 55 255 87  HOH HOH A . 
G 3 HOH 56 256 90  HOH HOH A . 
G 3 HOH 57 257 91  HOH HOH A . 
G 3 HOH 58 258 96  HOH HOH A . 
G 3 HOH 59 259 100 HOH HOH A . 
G 3 HOH 60 260 103 HOH HOH A . 
G 3 HOH 61 261 107 HOH HOH A . 
G 3 HOH 62 262 111 HOH HOH A . 
G 3 HOH 63 263 113 HOH HOH A . 
G 3 HOH 64 264 114 HOH HOH A . 
G 3 HOH 65 265 115 HOH HOH A . 
# 
_pdbx_struct_assembly.id                   1 
_pdbx_struct_assembly.details              author_and_software_defined_assembly 
_pdbx_struct_assembly.method_details       PISA 
_pdbx_struct_assembly.oligomeric_details   monomeric 
_pdbx_struct_assembly.oligomeric_count     1 
# 
_pdbx_struct_assembly_gen.assembly_id       1 
_pdbx_struct_assembly_gen.oper_expression   1 
_pdbx_struct_assembly_gen.asym_id_list      A,B,C,D,E,F,G 
# 
loop_
_pdbx_struct_assembly_prop.biol_id 
_pdbx_struct_assembly_prop.type 
_pdbx_struct_assembly_prop.value 
_pdbx_struct_assembly_prop.details 
1 'ABSA (A^2)' 840  ? 
1 MORE         -25  ? 
1 'SSA (A^2)'  6290 ? 
# 
_pdbx_struct_oper_list.id                   1 
_pdbx_struct_oper_list.type                 'identity operation' 
_pdbx_struct_oper_list.name                 1_555 
_pdbx_struct_oper_list.symmetry_operation   x,y,z 
_pdbx_struct_oper_list.matrix[1][1]         1.0000000000 
_pdbx_struct_oper_list.matrix[1][2]         0.0000000000 
_pdbx_struct_oper_list.matrix[1][3]         0.0000000000 
_pdbx_struct_oper_list.vector[1]            0.0000000000 
_pdbx_struct_oper_list.matrix[2][1]         0.0000000000 
_pdbx_struct_oper_list.matrix[2][2]         1.0000000000 
_pdbx_struct_oper_list.matrix[2][3]         0.0000000000 
_pdbx_struct_oper_list.vector[2]            0.0000000000 
_pdbx_struct_oper_list.matrix[3][1]         0.0000000000 
_pdbx_struct_oper_list.matrix[3][2]         0.0000000000 
_pdbx_struct_oper_list.matrix[3][3]         1.0000000000 
_pdbx_struct_oper_list.vector[3]            0.0000000000 
# 
loop_
_pdbx_struct_conn_angle.id 
_pdbx_struct_conn_angle.ptnr1_label_atom_id 
_pdbx_struct_conn_angle.ptnr1_label_alt_id 
_pdbx_struct_conn_angle.ptnr1_label_asym_id 
_pdbx_struct_conn_angle.ptnr1_label_comp_id 
_pdbx_struct_conn_angle.ptnr1_label_seq_id 
_pdbx_struct_conn_angle.ptnr1_auth_atom_id 
_pdbx_struct_conn_angle.ptnr1_auth_asym_id 
_pdbx_struct_conn_angle.ptnr1_auth_comp_id 
_pdbx_struct_conn_angle.ptnr1_auth_seq_id 
_pdbx_struct_conn_angle.ptnr1_PDB_ins_code 
_pdbx_struct_conn_angle.ptnr1_symmetry 
_pdbx_struct_conn_angle.ptnr2_label_atom_id 
_pdbx_struct_conn_angle.ptnr2_label_alt_id 
_pdbx_struct_conn_angle.ptnr2_label_asym_id 
_pdbx_struct_conn_angle.ptnr2_label_comp_id 
_pdbx_struct_conn_angle.ptnr2_label_seq_id 
_pdbx_struct_conn_angle.ptnr2_auth_atom_id 
_pdbx_struct_conn_angle.ptnr2_auth_asym_id 
_pdbx_struct_conn_angle.ptnr2_auth_comp_id 
_pdbx_struct_conn_angle.ptnr2_auth_seq_id 
_pdbx_struct_conn_angle.ptnr2_PDB_ins_code 
_pdbx_struct_conn_angle.ptnr2_symmetry 
_pdbx_struct_conn_angle.ptnr3_label_atom_id 
_pdbx_struct_conn_angle.ptnr3_label_alt_id 
_pdbx_struct_conn_angle.ptnr3_label_asym_id 
_pdbx_struct_conn_angle.ptnr3_label_comp_id 
_pdbx_struct_conn_angle.ptnr3_label_seq_id 
_pdbx_struct_conn_angle.ptnr3_auth_atom_id 
_pdbx_struct_conn_angle.ptnr3_auth_asym_id 
_pdbx_struct_conn_angle.ptnr3_auth_comp_id 
_pdbx_struct_conn_angle.ptnr3_auth_seq_id 
_pdbx_struct_conn_angle.ptnr3_PDB_ins_code 
_pdbx_struct_conn_angle.ptnr3_symmetry 
_pdbx_struct_conn_angle.value 
_pdbx_struct_conn_angle.value_esd 
1  O2    ? A C   8  ? A C   8   ? 1_555 MG ? E MG . ? A MG 104 ? 1_555 "O2'" ? A A   20 ? A A   20  ? 1_555 46.4  ? 
2  O2    ? A C   8  ? A C   8   ? 1_555 MG ? E MG . ? A MG 104 ? 1_555 "O2'" ? A C   29 ? A C   29  ? 1_555 138.6 ? 
3  "O2'" ? A A   20 ? A A   20  ? 1_555 MG ? E MG . ? A MG 104 ? 1_555 "O2'" ? A C   29 ? A C   29  ? 1_555 125.4 ? 
4  O2    ? A C   8  ? A C   8   ? 1_555 MG ? E MG . ? A MG 104 ? 1_555 O2    ? A C   29 ? A C   29  ? 1_555 69.2  ? 
5  "O2'" ? A A   20 ? A A   20  ? 1_555 MG ? E MG . ? A MG 104 ? 1_555 O2    ? A C   29 ? A C   29  ? 1_555 108.8 ? 
6  "O2'" ? A C   29 ? A C   29  ? 1_555 MG ? E MG . ? A MG 104 ? 1_555 O2    ? A C   29 ? A C   29  ? 1_555 82.3  ? 
7  O2    ? A C   8  ? A C   8   ? 1_555 MG ? E MG . ? A MG 104 ? 1_555 O     ? G HOH .  ? A HOH 221 ? 1_555 89.0  ? 
8  "O2'" ? A A   20 ? A A   20  ? 1_555 MG ? E MG . ? A MG 104 ? 1_555 O     ? G HOH .  ? A HOH 221 ? 1_555 107.3 ? 
9  "O2'" ? A C   29 ? A C   29  ? 1_555 MG ? E MG . ? A MG 104 ? 1_555 O     ? G HOH .  ? A HOH 221 ? 1_555 124.7 ? 
10 O2    ? A C   29 ? A C   29  ? 1_555 MG ? E MG . ? A MG 104 ? 1_555 O     ? G HOH .  ? A HOH 221 ? 1_555 96.8  ? 
11 "O2'" ? A A   10 ? A A   10  ? 1_555 MG ? B MG . ? A MG 101 ? 1_555 O6    ? A G   12 ? A G   12  ? 1_555 66.5  ? 
12 O     ? G HOH .  ? A HOH 223 ? 6_554 MG ? C MG . ? A MG 102 ? 1_555 O     ? G HOH .  ? A HOH 237 ? 1_555 170.8 ? 
13 O     ? G HOH .  ? A HOH 223 ? 6_554 MG ? C MG . ? A MG 102 ? 1_555 O     ? G HOH .  ? A HOH 238 ? 1_555 79.4  ? 
14 O     ? G HOH .  ? A HOH 237 ? 1_555 MG ? C MG . ? A MG 102 ? 1_555 O     ? G HOH .  ? A HOH 238 ? 1_555 93.8  ? 
15 O     ? G HOH .  ? A HOH 223 ? 6_554 MG ? C MG . ? A MG 102 ? 1_555 O     ? G HOH .  ? A HOH 257 ? 1_555 70.8  ? 
16 O     ? G HOH .  ? A HOH 237 ? 1_555 MG ? C MG . ? A MG 102 ? 1_555 O     ? G HOH .  ? A HOH 257 ? 1_555 101.1 ? 
17 O     ? G HOH .  ? A HOH 238 ? 1_555 MG ? C MG . ? A MG 102 ? 1_555 O     ? G HOH .  ? A HOH 257 ? 1_555 69.5  ? 
18 O     ? G HOH .  ? A HOH 245 ? 1_555 MG ? D MG . ? A MG 103 ? 1_555 O     ? G HOH .  ? A HOH 248 ? 1_555 92.0  ? 
19 O     ? G HOH .  ? A HOH 245 ? 1_555 MG ? D MG . ? A MG 103 ? 1_555 O     ? G HOH .  ? A HOH 249 ? 1_555 92.1  ? 
20 O     ? G HOH .  ? A HOH 248 ? 1_555 MG ? D MG . ? A MG 103 ? 1_555 O     ? G HOH .  ? A HOH 249 ? 1_555 95.8  ? 
21 O     ? G HOH .  ? A HOH 245 ? 1_555 MG ? D MG . ? A MG 103 ? 1_555 O     ? G HOH .  ? A HOH 254 ? 1_555 173.6 ? 
22 O     ? G HOH .  ? A HOH 248 ? 1_555 MG ? D MG . ? A MG 103 ? 1_555 O     ? G HOH .  ? A HOH 254 ? 1_555 92.7  ? 
23 O     ? G HOH .  ? A HOH 249 ? 1_555 MG ? D MG . ? A MG 103 ? 1_555 O     ? G HOH .  ? A HOH 254 ? 1_555 91.7  ? 
24 O     ? G HOH .  ? A HOH 246 ? 1_555 MG ? F MG . ? A MG 105 ? 1_555 O     ? G HOH .  ? A HOH 251 ? 1_555 77.9  ? 
25 O     ? G HOH .  ? A HOH 246 ? 1_555 MG ? F MG . ? A MG 105 ? 1_555 O     ? G HOH .  ? A HOH 261 ? 1_555 92.4  ? 
26 O     ? G HOH .  ? A HOH 251 ? 1_555 MG ? F MG . ? A MG 105 ? 1_555 O     ? G HOH .  ? A HOH 261 ? 1_555 167.8 ? 
27 O     ? G HOH .  ? A HOH 246 ? 1_555 MG ? F MG . ? A MG 105 ? 1_555 O     ? G HOH .  ? A HOH 265 ? 1_555 85.4  ? 
28 O     ? G HOH .  ? A HOH 251 ? 1_555 MG ? F MG . ? A MG 105 ? 1_555 O     ? G HOH .  ? A HOH 265 ? 1_555 91.2  ? 
29 O     ? G HOH .  ? A HOH 261 ? 1_555 MG ? F MG . ? A MG 105 ? 1_555 O     ? G HOH .  ? A HOH 265 ? 1_555 80.5  ? 
# 
loop_
_pdbx_audit_revision_history.ordinal 
_pdbx_audit_revision_history.data_content_type 
_pdbx_audit_revision_history.major_revision 
_pdbx_audit_revision_history.minor_revision 
_pdbx_audit_revision_history.revision_date 
1 'Structure model' 1 0 2014-10-29 
2 'Structure model' 1 1 2014-11-26 
3 'Structure model' 1 2 2014-12-17 
4 'Structure model' 1 3 2017-09-06 
5 'Structure model' 1 4 2023-09-27 
# 
_pdbx_audit_revision_details.ordinal             1 
_pdbx_audit_revision_details.revision_ordinal    1 
_pdbx_audit_revision_details.data_content_type   'Structure model' 
_pdbx_audit_revision_details.provider            repository 
_pdbx_audit_revision_details.type                'Initial release' 
_pdbx_audit_revision_details.description         ? 
_pdbx_audit_revision_details.details             ? 
# 
loop_
_pdbx_audit_revision_group.ordinal 
_pdbx_audit_revision_group.revision_ordinal 
_pdbx_audit_revision_group.data_content_type 
_pdbx_audit_revision_group.group 
1  2 'Structure model' 'Database references'        
2  3 'Structure model' 'Database references'        
3  4 'Structure model' 'Author supporting evidence' 
4  4 'Structure model' 'Database references'        
5  4 'Structure model' 'Derived calculations'       
6  4 'Structure model' Other                        
7  4 'Structure model' 'Source and taxonomy'        
8  4 'Structure model' 'Structure summary'          
9  5 'Structure model' 'Data collection'            
10 5 'Structure model' 'Database references'        
11 5 'Structure model' 'Derived calculations'       
12 5 'Structure model' 'Refinement description'     
# 
loop_
_pdbx_audit_revision_category.ordinal 
_pdbx_audit_revision_category.revision_ordinal 
_pdbx_audit_revision_category.data_content_type 
_pdbx_audit_revision_category.category 
1  4 'Structure model' citation                      
2  4 'Structure model' pdbx_audit_support            
3  4 'Structure model' pdbx_database_status          
4  4 'Structure model' pdbx_entity_src_syn           
5  4 'Structure model' pdbx_struct_assembly          
6  4 'Structure model' pdbx_struct_assembly_prop     
7  4 'Structure model' pdbx_struct_conn_angle        
8  4 'Structure model' pdbx_struct_oper_list         
9  4 'Structure model' struct_keywords               
10 5 'Structure model' chem_comp_atom                
11 5 'Structure model' chem_comp_bond                
12 5 'Structure model' database_2                    
13 5 'Structure model' pdbx_initial_refinement_model 
14 5 'Structure model' pdbx_struct_conn_angle        
15 5 'Structure model' refine_hist                   
16 5 'Structure model' struct_conn                   
# 
loop_
_pdbx_audit_revision_item.ordinal 
_pdbx_audit_revision_item.revision_ordinal 
_pdbx_audit_revision_item.data_content_type 
_pdbx_audit_revision_item.item 
1  4 'Structure model' '_citation.journal_id_CSD'                    
2  4 'Structure model' '_pdbx_database_status.pdb_format_compatible' 
3  4 'Structure model' '_pdbx_entity_src_syn.pdbx_alt_source_flag'   
4  4 'Structure model' '_pdbx_struct_assembly.oligomeric_details'    
5  4 'Structure model' '_pdbx_struct_assembly_prop.type'             
6  4 'Structure model' '_pdbx_struct_assembly_prop.value'            
7  4 'Structure model' '_pdbx_struct_oper_list.symmetry_operation'   
8  4 'Structure model' '_struct_keywords.text'                       
9  5 'Structure model' '_database_2.pdbx_DOI'                        
10 5 'Structure model' '_database_2.pdbx_database_accession'         
11 5 'Structure model' '_pdbx_struct_conn_angle.ptnr1_auth_comp_id'  
12 5 'Structure model' '_pdbx_struct_conn_angle.ptnr1_auth_seq_id'   
13 5 'Structure model' '_pdbx_struct_conn_angle.ptnr1_label_asym_id' 
14 5 'Structure model' '_pdbx_struct_conn_angle.ptnr1_label_atom_id' 
15 5 'Structure model' '_pdbx_struct_conn_angle.ptnr1_label_comp_id' 
16 5 'Structure model' '_pdbx_struct_conn_angle.ptnr1_label_seq_id'  
17 5 'Structure model' '_pdbx_struct_conn_angle.ptnr1_symmetry'      
18 5 'Structure model' '_pdbx_struct_conn_angle.ptnr3_auth_comp_id'  
19 5 'Structure model' '_pdbx_struct_conn_angle.ptnr3_auth_seq_id'   
20 5 'Structure model' '_pdbx_struct_conn_angle.ptnr3_label_asym_id' 
21 5 'Structure model' '_pdbx_struct_conn_angle.ptnr3_label_atom_id' 
22 5 'Structure model' '_pdbx_struct_conn_angle.ptnr3_label_comp_id' 
23 5 'Structure model' '_pdbx_struct_conn_angle.ptnr3_label_seq_id'  
24 5 'Structure model' '_pdbx_struct_conn_angle.ptnr3_symmetry'      
25 5 'Structure model' '_pdbx_struct_conn_angle.value'               
26 5 'Structure model' '_refine_hist.number_atoms_solvent'           
27 5 'Structure model' '_refine_hist.pdbx_number_atoms_ligand'       
28 5 'Structure model' '_refine_hist.pdbx_number_atoms_nucleic_acid' 
29 5 'Structure model' '_refine_hist.pdbx_number_atoms_protein'      
30 5 'Structure model' '_struct_conn.pdbx_dist_value'                
31 5 'Structure model' '_struct_conn.ptnr1_auth_comp_id'             
32 5 'Structure model' '_struct_conn.ptnr1_auth_seq_id'              
33 5 'Structure model' '_struct_conn.ptnr1_label_asym_id'            
34 5 'Structure model' '_struct_conn.ptnr1_label_atom_id'            
35 5 'Structure model' '_struct_conn.ptnr1_label_comp_id'            
36 5 'Structure model' '_struct_conn.ptnr1_label_seq_id'             
37 5 'Structure model' '_struct_conn.ptnr2_auth_comp_id'             
38 5 'Structure model' '_struct_conn.ptnr2_auth_seq_id'              
39 5 'Structure model' '_struct_conn.ptnr2_label_asym_id'            
40 5 'Structure model' '_struct_conn.ptnr2_label_atom_id'            
41 5 'Structure model' '_struct_conn.ptnr2_label_comp_id'            
42 5 'Structure model' '_struct_conn.ptnr2_symmetry'                 
# 
_software.citation_id            ? 
_software.classification         refinement 
_software.compiler_name          . 
_software.compiler_version       . 
_software.contact_author         . 
_software.contact_author_email   . 
_software.date                   . 
_software.description            . 
_software.dependencies           . 
_software.hardware               . 
_software.language               . 
_software.location               . 
_software.mods                   . 
_software.name                   REFMAC 
_software.os                     . 
_software.os_version             . 
_software.type                   . 
_software.version                5.7.0029 
_software.pdbx_ordinal           1 
# 
_pdbx_validate_close_contact.id               1 
_pdbx_validate_close_contact.PDB_model_num    1 
_pdbx_validate_close_contact.auth_atom_id_1   O 
_pdbx_validate_close_contact.auth_asym_id_1   A 
_pdbx_validate_close_contact.auth_comp_id_1   HOH 
_pdbx_validate_close_contact.auth_seq_id_1    201 
_pdbx_validate_close_contact.PDB_ins_code_1   ? 
_pdbx_validate_close_contact.label_alt_id_1   ? 
_pdbx_validate_close_contact.auth_atom_id_2   O 
_pdbx_validate_close_contact.auth_asym_id_2   A 
_pdbx_validate_close_contact.auth_comp_id_2   HOH 
_pdbx_validate_close_contact.auth_seq_id_2    224 
_pdbx_validate_close_contact.PDB_ins_code_2   ? 
_pdbx_validate_close_contact.label_alt_id_2   ? 
_pdbx_validate_close_contact.dist             2.13 
# 
loop_
_pdbx_validate_rmsd_angle.id 
_pdbx_validate_rmsd_angle.PDB_model_num 
_pdbx_validate_rmsd_angle.auth_atom_id_1 
_pdbx_validate_rmsd_angle.auth_asym_id_1 
_pdbx_validate_rmsd_angle.auth_comp_id_1 
_pdbx_validate_rmsd_angle.auth_seq_id_1 
_pdbx_validate_rmsd_angle.PDB_ins_code_1 
_pdbx_validate_rmsd_angle.label_alt_id_1 
_pdbx_validate_rmsd_angle.auth_atom_id_2 
_pdbx_validate_rmsd_angle.auth_asym_id_2 
_pdbx_validate_rmsd_angle.auth_comp_id_2 
_pdbx_validate_rmsd_angle.auth_seq_id_2 
_pdbx_validate_rmsd_angle.PDB_ins_code_2 
_pdbx_validate_rmsd_angle.label_alt_id_2 
_pdbx_validate_rmsd_angle.auth_atom_id_3 
_pdbx_validate_rmsd_angle.auth_asym_id_3 
_pdbx_validate_rmsd_angle.auth_comp_id_3 
_pdbx_validate_rmsd_angle.auth_seq_id_3 
_pdbx_validate_rmsd_angle.PDB_ins_code_3 
_pdbx_validate_rmsd_angle.label_alt_id_3 
_pdbx_validate_rmsd_angle.angle_value 
_pdbx_validate_rmsd_angle.angle_target_value 
_pdbx_validate_rmsd_angle.angle_deviation 
_pdbx_validate_rmsd_angle.angle_standard_deviation 
_pdbx_validate_rmsd_angle.linker_flag 
1 1 "O5'" A G 21 ? ? P A G 21 ? ? OP2 A G 21 ? ? 97.64  105.70 -8.06 0.90 N 
2 1 "O5'" A G 23 ? ? P A G 23 ? ? OP1 A G 23 ? ? 117.99 110.70 7.29  1.20 N 
# 
loop_
_chem_comp_atom.comp_id 
_chem_comp_atom.atom_id 
_chem_comp_atom.type_symbol 
_chem_comp_atom.pdbx_aromatic_flag 
_chem_comp_atom.pdbx_stereo_config 
_chem_comp_atom.pdbx_ordinal 
A   OP3    O  N N 1   
A   P      P  N N 2   
A   OP1    O  N N 3   
A   OP2    O  N N 4   
A   "O5'"  O  N N 5   
A   "C5'"  C  N N 6   
A   "C4'"  C  N R 7   
A   "O4'"  O  N N 8   
A   "C3'"  C  N S 9   
A   "O3'"  O  N N 10  
A   "C2'"  C  N R 11  
A   "O2'"  O  N N 12  
A   "C1'"  C  N R 13  
A   N9     N  Y N 14  
A   C8     C  Y N 15  
A   N7     N  Y N 16  
A   C5     C  Y N 17  
A   C6     C  Y N 18  
A   N6     N  N N 19  
A   N1     N  Y N 20  
A   C2     C  Y N 21  
A   N3     N  Y N 22  
A   C4     C  Y N 23  
A   HOP3   H  N N 24  
A   HOP2   H  N N 25  
A   "H5'"  H  N N 26  
A   "H5''" H  N N 27  
A   "H4'"  H  N N 28  
A   "H3'"  H  N N 29  
A   "HO3'" H  N N 30  
A   "H2'"  H  N N 31  
A   "HO2'" H  N N 32  
A   "H1'"  H  N N 33  
A   H8     H  N N 34  
A   H61    H  N N 35  
A   H62    H  N N 36  
A   H2     H  N N 37  
C   OP3    O  N N 38  
C   P      P  N N 39  
C   OP1    O  N N 40  
C   OP2    O  N N 41  
C   "O5'"  O  N N 42  
C   "C5'"  C  N N 43  
C   "C4'"  C  N R 44  
C   "O4'"  O  N N 45  
C   "C3'"  C  N S 46  
C   "O3'"  O  N N 47  
C   "C2'"  C  N R 48  
C   "O2'"  O  N N 49  
C   "C1'"  C  N R 50  
C   N1     N  N N 51  
C   C2     C  N N 52  
C   O2     O  N N 53  
C   N3     N  N N 54  
C   C4     C  N N 55  
C   N4     N  N N 56  
C   C5     C  N N 57  
C   C6     C  N N 58  
C   HOP3   H  N N 59  
C   HOP2   H  N N 60  
C   "H5'"  H  N N 61  
C   "H5''" H  N N 62  
C   "H4'"  H  N N 63  
C   "H3'"  H  N N 64  
C   "HO3'" H  N N 65  
C   "H2'"  H  N N 66  
C   "HO2'" H  N N 67  
C   "H1'"  H  N N 68  
C   H41    H  N N 69  
C   H42    H  N N 70  
C   H5     H  N N 71  
C   H6     H  N N 72  
G   OP3    O  N N 73  
G   P      P  N N 74  
G   OP1    O  N N 75  
G   OP2    O  N N 76  
G   "O5'"  O  N N 77  
G   "C5'"  C  N N 78  
G   "C4'"  C  N R 79  
G   "O4'"  O  N N 80  
G   "C3'"  C  N S 81  
G   "O3'"  O  N N 82  
G   "C2'"  C  N R 83  
G   "O2'"  O  N N 84  
G   "C1'"  C  N R 85  
G   N9     N  Y N 86  
G   C8     C  Y N 87  
G   N7     N  Y N 88  
G   C5     C  Y N 89  
G   C6     C  N N 90  
G   O6     O  N N 91  
G   N1     N  N N 92  
G   C2     C  N N 93  
G   N2     N  N N 94  
G   N3     N  N N 95  
G   C4     C  Y N 96  
G   HOP3   H  N N 97  
G   HOP2   H  N N 98  
G   "H5'"  H  N N 99  
G   "H5''" H  N N 100 
G   "H4'"  H  N N 101 
G   "H3'"  H  N N 102 
G   "HO3'" H  N N 103 
G   "H2'"  H  N N 104 
G   "HO2'" H  N N 105 
G   "H1'"  H  N N 106 
G   H8     H  N N 107 
G   H1     H  N N 108 
G   H21    H  N N 109 
G   H22    H  N N 110 
HOH O      O  N N 111 
HOH H1     H  N N 112 
HOH H2     H  N N 113 
MG  MG     MG N N 114 
PSU N1     N  N N 115 
PSU C2     C  N N 116 
PSU N3     N  N N 117 
PSU C4     C  N N 118 
PSU C5     C  N N 119 
PSU C6     C  N N 120 
PSU O2     O  N N 121 
PSU O4     O  N N 122 
PSU "C1'"  C  N S 123 
PSU "C2'"  C  N R 124 
PSU "O2'"  O  N N 125 
PSU "C3'"  C  N S 126 
PSU "C4'"  C  N R 127 
PSU "O3'"  O  N N 128 
PSU "O4'"  O  N N 129 
PSU "C5'"  C  N N 130 
PSU "O5'"  O  N N 131 
PSU P      P  N N 132 
PSU OP1    O  N N 133 
PSU OP2    O  N N 134 
PSU OP3    O  N N 135 
PSU HN1    H  N N 136 
PSU HN3    H  N N 137 
PSU H6     H  N N 138 
PSU "H1'"  H  N N 139 
PSU "H2'"  H  N N 140 
PSU "HO2'" H  N N 141 
PSU "H3'"  H  N N 142 
PSU "H4'"  H  N N 143 
PSU "HO3'" H  N N 144 
PSU "H5'"  H  N N 145 
PSU "H5''" H  N N 146 
PSU HOP2   H  N N 147 
PSU HOP3   H  N N 148 
U   OP3    O  N N 149 
U   P      P  N N 150 
U   OP1    O  N N 151 
U   OP2    O  N N 152 
U   "O5'"  O  N N 153 
U   "C5'"  C  N N 154 
U   "C4'"  C  N R 155 
U   "O4'"  O  N N 156 
U   "C3'"  C  N S 157 
U   "O3'"  O  N N 158 
U   "C2'"  C  N R 159 
U   "O2'"  O  N N 160 
U   "C1'"  C  N R 161 
U   N1     N  N N 162 
U   C2     C  N N 163 
U   O2     O  N N 164 
U   N3     N  N N 165 
U   C4     C  N N 166 
U   O4     O  N N 167 
U   C5     C  N N 168 
U   C6     C  N N 169 
U   HOP3   H  N N 170 
U   HOP2   H  N N 171 
U   "H5'"  H  N N 172 
U   "H5''" H  N N 173 
U   "H4'"  H  N N 174 
U   "H3'"  H  N N 175 
U   "HO3'" H  N N 176 
U   "H2'"  H  N N 177 
U   "HO2'" H  N N 178 
U   "H1'"  H  N N 179 
U   H3     H  N N 180 
U   H5     H  N N 181 
U   H6     H  N N 182 
# 
loop_
_chem_comp_bond.comp_id 
_chem_comp_bond.atom_id_1 
_chem_comp_bond.atom_id_2 
_chem_comp_bond.value_order 
_chem_comp_bond.pdbx_aromatic_flag 
_chem_comp_bond.pdbx_stereo_config 
_chem_comp_bond.pdbx_ordinal 
A   OP3   P      sing N N 1   
A   OP3   HOP3   sing N N 2   
A   P     OP1    doub N N 3   
A   P     OP2    sing N N 4   
A   P     "O5'"  sing N N 5   
A   OP2   HOP2   sing N N 6   
A   "O5'" "C5'"  sing N N 7   
A   "C5'" "C4'"  sing N N 8   
A   "C5'" "H5'"  sing N N 9   
A   "C5'" "H5''" sing N N 10  
A   "C4'" "O4'"  sing N N 11  
A   "C4'" "C3'"  sing N N 12  
A   "C4'" "H4'"  sing N N 13  
A   "O4'" "C1'"  sing N N 14  
A   "C3'" "O3'"  sing N N 15  
A   "C3'" "C2'"  sing N N 16  
A   "C3'" "H3'"  sing N N 17  
A   "O3'" "HO3'" sing N N 18  
A   "C2'" "O2'"  sing N N 19  
A   "C2'" "C1'"  sing N N 20  
A   "C2'" "H2'"  sing N N 21  
A   "O2'" "HO2'" sing N N 22  
A   "C1'" N9     sing N N 23  
A   "C1'" "H1'"  sing N N 24  
A   N9    C8     sing Y N 25  
A   N9    C4     sing Y N 26  
A   C8    N7     doub Y N 27  
A   C8    H8     sing N N 28  
A   N7    C5     sing Y N 29  
A   C5    C6     sing Y N 30  
A   C5    C4     doub Y N 31  
A   C6    N6     sing N N 32  
A   C6    N1     doub Y N 33  
A   N6    H61    sing N N 34  
A   N6    H62    sing N N 35  
A   N1    C2     sing Y N 36  
A   C2    N3     doub Y N 37  
A   C2    H2     sing N N 38  
A   N3    C4     sing Y N 39  
C   OP3   P      sing N N 40  
C   OP3   HOP3   sing N N 41  
C   P     OP1    doub N N 42  
C   P     OP2    sing N N 43  
C   P     "O5'"  sing N N 44  
C   OP2   HOP2   sing N N 45  
C   "O5'" "C5'"  sing N N 46  
C   "C5'" "C4'"  sing N N 47  
C   "C5'" "H5'"  sing N N 48  
C   "C5'" "H5''" sing N N 49  
C   "C4'" "O4'"  sing N N 50  
C   "C4'" "C3'"  sing N N 51  
C   "C4'" "H4'"  sing N N 52  
C   "O4'" "C1'"  sing N N 53  
C   "C3'" "O3'"  sing N N 54  
C   "C3'" "C2'"  sing N N 55  
C   "C3'" "H3'"  sing N N 56  
C   "O3'" "HO3'" sing N N 57  
C   "C2'" "O2'"  sing N N 58  
C   "C2'" "C1'"  sing N N 59  
C   "C2'" "H2'"  sing N N 60  
C   "O2'" "HO2'" sing N N 61  
C   "C1'" N1     sing N N 62  
C   "C1'" "H1'"  sing N N 63  
C   N1    C2     sing N N 64  
C   N1    C6     sing N N 65  
C   C2    O2     doub N N 66  
C   C2    N3     sing N N 67  
C   N3    C4     doub N N 68  
C   C4    N4     sing N N 69  
C   C4    C5     sing N N 70  
C   N4    H41    sing N N 71  
C   N4    H42    sing N N 72  
C   C5    C6     doub N N 73  
C   C5    H5     sing N N 74  
C   C6    H6     sing N N 75  
G   OP3   P      sing N N 76  
G   OP3   HOP3   sing N N 77  
G   P     OP1    doub N N 78  
G   P     OP2    sing N N 79  
G   P     "O5'"  sing N N 80  
G   OP2   HOP2   sing N N 81  
G   "O5'" "C5'"  sing N N 82  
G   "C5'" "C4'"  sing N N 83  
G   "C5'" "H5'"  sing N N 84  
G   "C5'" "H5''" sing N N 85  
G   "C4'" "O4'"  sing N N 86  
G   "C4'" "C3'"  sing N N 87  
G   "C4'" "H4'"  sing N N 88  
G   "O4'" "C1'"  sing N N 89  
G   "C3'" "O3'"  sing N N 90  
G   "C3'" "C2'"  sing N N 91  
G   "C3'" "H3'"  sing N N 92  
G   "O3'" "HO3'" sing N N 93  
G   "C2'" "O2'"  sing N N 94  
G   "C2'" "C1'"  sing N N 95  
G   "C2'" "H2'"  sing N N 96  
G   "O2'" "HO2'" sing N N 97  
G   "C1'" N9     sing N N 98  
G   "C1'" "H1'"  sing N N 99  
G   N9    C8     sing Y N 100 
G   N9    C4     sing Y N 101 
G   C8    N7     doub Y N 102 
G   C8    H8     sing N N 103 
G   N7    C5     sing Y N 104 
G   C5    C6     sing N N 105 
G   C5    C4     doub Y N 106 
G   C6    O6     doub N N 107 
G   C6    N1     sing N N 108 
G   N1    C2     sing N N 109 
G   N1    H1     sing N N 110 
G   C2    N2     sing N N 111 
G   C2    N3     doub N N 112 
G   N2    H21    sing N N 113 
G   N2    H22    sing N N 114 
G   N3    C4     sing N N 115 
HOH O     H1     sing N N 116 
HOH O     H2     sing N N 117 
PSU N1    C2     sing N N 118 
PSU N1    C6     sing N N 119 
PSU N1    HN1    sing N N 120 
PSU C2    N3     sing N N 121 
PSU C2    O2     doub N N 122 
PSU N3    C4     sing N N 123 
PSU N3    HN3    sing N N 124 
PSU C4    C5     sing N N 125 
PSU C4    O4     doub N N 126 
PSU C5    C6     doub N N 127 
PSU C5    "C1'"  sing N N 128 
PSU C6    H6     sing N N 129 
PSU "C1'" "C2'"  sing N N 130 
PSU "C1'" "O4'"  sing N N 131 
PSU "C1'" "H1'"  sing N N 132 
PSU "C2'" "O2'"  sing N N 133 
PSU "C2'" "C3'"  sing N N 134 
PSU "C2'" "H2'"  sing N N 135 
PSU "O2'" "HO2'" sing N N 136 
PSU "C3'" "C4'"  sing N N 137 
PSU "C3'" "O3'"  sing N N 138 
PSU "C3'" "H3'"  sing N N 139 
PSU "C4'" "O4'"  sing N N 140 
PSU "C4'" "C5'"  sing N N 141 
PSU "C4'" "H4'"  sing N N 142 
PSU "O3'" "HO3'" sing N N 143 
PSU "C5'" "O5'"  sing N N 144 
PSU "C5'" "H5'"  sing N N 145 
PSU "C5'" "H5''" sing N N 146 
PSU "O5'" P      sing N N 147 
PSU P     OP1    doub N N 148 
PSU P     OP2    sing N N 149 
PSU P     OP3    sing N N 150 
PSU OP2   HOP2   sing N N 151 
PSU OP3   HOP3   sing N N 152 
U   OP3   P      sing N N 153 
U   OP3   HOP3   sing N N 154 
U   P     OP1    doub N N 155 
U   P     OP2    sing N N 156 
U   P     "O5'"  sing N N 157 
U   OP2   HOP2   sing N N 158 
U   "O5'" "C5'"  sing N N 159 
U   "C5'" "C4'"  sing N N 160 
U   "C5'" "H5'"  sing N N 161 
U   "C5'" "H5''" sing N N 162 
U   "C4'" "O4'"  sing N N 163 
U   "C4'" "C3'"  sing N N 164 
U   "C4'" "H4'"  sing N N 165 
U   "O4'" "C1'"  sing N N 166 
U   "C3'" "O3'"  sing N N 167 
U   "C3'" "C2'"  sing N N 168 
U   "C3'" "H3'"  sing N N 169 
U   "O3'" "HO3'" sing N N 170 
U   "C2'" "O2'"  sing N N 171 
U   "C2'" "C1'"  sing N N 172 
U   "C2'" "H2'"  sing N N 173 
U   "O2'" "HO2'" sing N N 174 
U   "C1'" N1     sing N N 175 
U   "C1'" "H1'"  sing N N 176 
U   N1    C2     sing N N 177 
U   N1    C6     sing N N 178 
U   C2    O2     doub N N 179 
U   C2    N3     sing N N 180 
U   N3    C4     sing N N 181 
U   N3    H3     sing N N 182 
U   C4    O4     doub N N 183 
U   C4    C5     sing N N 184 
U   C5    C6     doub N N 185 
U   C5    H5     sing N N 186 
U   C6    H6     sing N N 187 
# 
loop_
_ndb_struct_conf_na.entry_id 
_ndb_struct_conf_na.feature 
4PCJ 'double helix'         
4PCJ 'a-form double helix'  
4PCJ tetraloop              
4PCJ 'mismatched base pair' 
4PCJ 'internal loop'        
# 
loop_
_ndb_struct_na_base_pair.model_number 
_ndb_struct_na_base_pair.i_label_asym_id 
_ndb_struct_na_base_pair.i_label_comp_id 
_ndb_struct_na_base_pair.i_label_seq_id 
_ndb_struct_na_base_pair.i_symmetry 
_ndb_struct_na_base_pair.j_label_asym_id 
_ndb_struct_na_base_pair.j_label_comp_id 
_ndb_struct_na_base_pair.j_label_seq_id 
_ndb_struct_na_base_pair.j_symmetry 
_ndb_struct_na_base_pair.shear 
_ndb_struct_na_base_pair.stretch 
_ndb_struct_na_base_pair.stagger 
_ndb_struct_na_base_pair.buckle 
_ndb_struct_na_base_pair.propeller 
_ndb_struct_na_base_pair.opening 
_ndb_struct_na_base_pair.pair_number 
_ndb_struct_na_base_pair.pair_name 
_ndb_struct_na_base_pair.i_auth_asym_id 
_ndb_struct_na_base_pair.i_auth_seq_id 
_ndb_struct_na_base_pair.i_PDB_ins_code 
_ndb_struct_na_base_pair.j_auth_asym_id 
_ndb_struct_na_base_pair.j_auth_seq_id 
_ndb_struct_na_base_pair.j_PDB_ins_code 
_ndb_struct_na_base_pair.hbond_type_28 
_ndb_struct_na_base_pair.hbond_type_12 
1 A C   1  1_555 A G 35 1_555 0.155  -0.294 0.053  -3.502  -15.597 0.507   1  A_C1:G35_A   A 1  ? A 35 ? 19 1 
1 A U   2  1_555 A U 34 1_555 -2.261 -1.873 0.145  -0.625  -18.367 10.219  2  A_U2:U34_A   A 2  ? A 34 ? 16 1 
1 A G   3  1_555 A C 33 1_555 -0.298 -0.301 0.052  -4.342  -17.286 4.082   3  A_G3:C33_A   A 3  ? A 33 ? 19 1 
1 A C   4  1_555 A G 32 1_555 0.378  -0.205 0.084  0.380   -8.078  3.474   4  A_C4:G32_A   A 4  ? A 32 ? 19 1 
1 A PSU 5  1_555 A U 31 1_555 -2.997 -1.171 -0.337 7.479   -6.689  -38.769 5  A_PSU5:U31_A A 5  ? A 31 ? ?  ? 
1 A G   6  1_555 A C 30 1_555 -0.113 -0.257 -0.021 3.305   -2.692  -2.580  6  A_G6:C30_A   A 6  ? A 30 ? 19 1 
1 A G   7  1_555 A C 29 1_555 -0.330 -0.068 -0.078 -3.485  -11.913 1.963   7  A_G7:C29_A   A 7  ? A 29 ? 19 1 
1 A C   8  1_555 A G 28 1_555 0.018  -0.190 0.011  1.450   -7.490  -2.216  8  A_C8:G28_A   A 8  ? A 28 ? 19 1 
1 A A   26 1_555 A U 9  1_555 -4.437 -2.657 -0.370 16.744  -2.034  -87.382 9  A_A26:U9_A   A 26 ? A 9  ? 24 4 
1 A A   11 1_555 A U 27 1_555 0.041  -0.105 -0.384 -23.721 27.054  -3.725  10 A_A11:U27_A  A 11 ? A 27 ? 20 1 
1 A G   12 1_555 A U 25 1_555 -2.449 -0.721 -0.067 -3.630  -15.045 -2.763  11 A_G12:U25_A  A 12 ? A 25 ? 28 1 
1 A G   13 1_555 A C 24 1_555 -0.297 -0.173 -0.117 -6.456  -15.899 1.544   12 A_G13:C24_A  A 13 ? A 24 ? 19 1 
1 A C   14 1_555 A G 23 1_555 0.094  -0.216 0.082  -3.600  -12.498 -1.211  13 A_C14:G23_A  A 14 ? A 23 ? 19 1 
1 A A   15 1_555 A U 22 1_555 -0.016 -0.141 -0.095 -3.957  -12.374 5.589   14 A_A15:U22_A  A 15 ? A 22 ? 20 1 
1 A U   16 1_555 A G 21 1_555 2.368  -0.366 -0.171 1.372   -0.985  5.982   15 A_U16:G21_A  A 16 ? A 21 ? 28 1 
1 A G   17 1_555 A A 20 1_555 7.011  -5.283 0.573  15.177  0.116   -14.136 16 A_G17:A20_A  A 17 ? A 20 ? ?  ? 
# 
loop_
_ndb_struct_na_base_pair_step.model_number 
_ndb_struct_na_base_pair_step.i_label_asym_id_1 
_ndb_struct_na_base_pair_step.i_label_comp_id_1 
_ndb_struct_na_base_pair_step.i_label_seq_id_1 
_ndb_struct_na_base_pair_step.i_symmetry_1 
_ndb_struct_na_base_pair_step.j_label_asym_id_1 
_ndb_struct_na_base_pair_step.j_label_comp_id_1 
_ndb_struct_na_base_pair_step.j_label_seq_id_1 
_ndb_struct_na_base_pair_step.j_symmetry_1 
_ndb_struct_na_base_pair_step.i_label_asym_id_2 
_ndb_struct_na_base_pair_step.i_label_comp_id_2 
_ndb_struct_na_base_pair_step.i_label_seq_id_2 
_ndb_struct_na_base_pair_step.i_symmetry_2 
_ndb_struct_na_base_pair_step.j_label_asym_id_2 
_ndb_struct_na_base_pair_step.j_label_comp_id_2 
_ndb_struct_na_base_pair_step.j_label_seq_id_2 
_ndb_struct_na_base_pair_step.j_symmetry_2 
_ndb_struct_na_base_pair_step.shift 
_ndb_struct_na_base_pair_step.slide 
_ndb_struct_na_base_pair_step.rise 
_ndb_struct_na_base_pair_step.tilt 
_ndb_struct_na_base_pair_step.roll 
_ndb_struct_na_base_pair_step.twist 
_ndb_struct_na_base_pair_step.x_displacement 
_ndb_struct_na_base_pair_step.y_displacement 
_ndb_struct_na_base_pair_step.helical_rise 
_ndb_struct_na_base_pair_step.inclination 
_ndb_struct_na_base_pair_step.tip 
_ndb_struct_na_base_pair_step.helical_twist 
_ndb_struct_na_base_pair_step.step_number 
_ndb_struct_na_base_pair_step.step_name 
_ndb_struct_na_base_pair_step.i_auth_asym_id_1 
_ndb_struct_na_base_pair_step.i_auth_seq_id_1 
_ndb_struct_na_base_pair_step.i_PDB_ins_code_1 
_ndb_struct_na_base_pair_step.j_auth_asym_id_1 
_ndb_struct_na_base_pair_step.j_auth_seq_id_1 
_ndb_struct_na_base_pair_step.j_PDB_ins_code_1 
_ndb_struct_na_base_pair_step.i_auth_asym_id_2 
_ndb_struct_na_base_pair_step.i_auth_seq_id_2 
_ndb_struct_na_base_pair_step.i_PDB_ins_code_2 
_ndb_struct_na_base_pair_step.j_auth_asym_id_2 
_ndb_struct_na_base_pair_step.j_auth_seq_id_2 
_ndb_struct_na_base_pair_step.j_PDB_ins_code_2 
1 A C   1  1_555 A G 35 1_555 A U   2  1_555 A U 34 1_555 0.227  -0.890 2.901  -8.710   17.739   28.636 -3.702  -1.464 1.906 
31.559  15.497 34.675  1  AA_C1U2:U34G35_AA   A 1  ? A 35 ? A 2  ? A 34 ? 
1 A U   2  1_555 A U 34 1_555 A G   3  1_555 A C 33 1_555 -0.593 -0.755 3.387  -3.176   9.205    42.433 -1.927  0.488  3.197 
12.520  4.320  43.486  2  AA_U2G3:C33U34_AA   A 2  ? A 34 ? A 3  ? A 33 ? 
1 A G   3  1_555 A C 33 1_555 A C   4  1_555 A G 32 1_555 0.168  -1.180 3.166  1.532    5.999    34.886 -2.769  -0.065 2.933 9.910 
-2.530 35.414  3  AA_G3C4:G32C33_AA   A 3  ? A 33 ? A 4  ? A 32 ? 
1 A C   4  1_555 A G 32 1_555 A PSU 5  1_555 A U 31 1_555 -2.043 -2.163 2.970  -1.371   10.838   13.790 -11.728 6.099  1.165 
38.233  4.835  17.577  4  AA_C4PSU5:U31G32_AA A 4  ? A 32 ? A 5  ? A 31 ? 
1 A PSU 5  1_555 A U 31 1_555 A G   6  1_555 A C 30 1_555 1.731  -1.712 3.402  -4.561   6.672    48.651 -2.544  -2.412 2.993 8.034 
5.492  49.278  5  AA_PSU5G6:C30U31_AA A 5  ? A 31 ? A 6  ? A 30 ? 
1 A G   6  1_555 A C 30 1_555 A G   7  1_555 A C 29 1_555 0.760  -1.926 3.365  0.498    5.246    34.048 -4.059  -1.207 3.054 8.892 
-0.844 34.441  6  AA_G6G7:C29C30_AA   A 6  ? A 30 ? A 7  ? A 29 ? 
1 A G   7  1_555 A C 29 1_555 A C   8  1_555 A G 28 1_555 -0.815 -2.653 3.056  -2.798   2.222    27.081 -6.125  1.090  2.901 4.719 
5.941  27.311  7  AA_G7C8:G28C29_AA   A 7  ? A 29 ? A 8  ? A 28 ? 
1 A C   8  1_555 A G 28 1_555 A A   26 1_555 A U 9  1_555 -0.080 -4.878 -0.442 -130.688 -106.827 69.092 -2.131  -0.346 2.338 
-54.944 67.217 170.774 8  AA_C8A26:U9G28_AA   A 8  ? A 28 ? A 26 ? A 9  ? 
1 A A   26 1_555 A U 9  1_555 A A   11 1_555 A U 27 1_555 -2.326 3.590  2.691  -147.866 -20.276  73.254 2.034   -0.249 3.082 
-10.961 79.935 155.429 9  AA_A26A11:U27U9_AA  A 26 ? A 9  ? A 11 ? A 27 ? 
1 A A   11 1_555 A U 27 1_555 A G   12 1_555 A U 25 1_555 4.639  -0.370 2.671  -6.722   27.566   62.545 -1.106  -4.333 1.931 
25.226  6.152  68.081  10 AA_A11G12:U25U27_AA A 11 ? A 27 ? A 12 ? A 25 ? 
1 A G   12 1_555 A U 25 1_555 A G   13 1_555 A C 24 1_555 0.010  -1.654 3.445  -1.720   7.158    37.446 -3.443  -0.235 3.085 
11.018  2.648  38.138  11 AA_G12G13:C24U25_AA A 12 ? A 25 ? A 13 ? A 24 ? 
1 A G   13 1_555 A C 24 1_555 A C   14 1_555 A G 23 1_555 -0.298 -1.459 3.190  -1.580   3.860    32.919 -3.172  0.270  3.015 6.778 
2.775  33.175  12 AA_G13C14:G23C24_AA A 13 ? A 24 ? A 14 ? A 23 ? 
1 A C   14 1_555 A G 23 1_555 A A   15 1_555 A U 22 1_555 0.594  -1.600 3.197  2.629    10.791   30.578 -4.572  -0.644 2.542 
19.665  -4.792 32.487  13 AA_C14A15:U22G23_AA A 14 ? A 23 ? A 15 ? A 22 ? 
1 A A   15 1_555 A U 22 1_555 A U   16 1_555 A G 21 1_555 0.314  -1.196 3.204  1.705    7.604    37.025 -2.772  -0.276 2.922 
11.814  -2.649 37.808  14 AA_A15U16:G21U22_AA A 15 ? A 22 ? A 16 ? A 21 ? 
1 A U   16 1_555 A G 21 1_555 A G   17 1_555 A A 20 1_555 -1.794 -0.985 2.948  0.641    10.806   45.735 -2.011  2.299  2.639 
13.679  -0.811 46.932  15 AA_U16G17:A20G21_AA A 16 ? A 21 ? A 17 ? A 20 ? 
# 
loop_
_pdbx_entity_nonpoly.entity_id 
_pdbx_entity_nonpoly.name 
_pdbx_entity_nonpoly.comp_id 
2 'MAGNESIUM ION' MG  
3 water           HOH 
# 
_pdbx_initial_refinement_model.id               1 
_pdbx_initial_refinement_model.entity_id_list   ? 
_pdbx_initial_refinement_model.type             'experimental model' 
_pdbx_initial_refinement_model.source_name      PDB 
_pdbx_initial_refinement_model.accession_code   4FNJ 
_pdbx_initial_refinement_model.details          ? 
# 
